data_6JE9
#
_entry.id   6JE9
#
_cell.length_a   112.844
_cell.length_b   156.196
_cell.length_c   151.600
_cell.angle_alpha   90.00
_cell.angle_beta   108.58
_cell.angle_gamma   90.00
#
_symmetry.space_group_name_H-M   'P 1 21 1'
#
loop_
_entity.id
_entity.type
_entity.pdbx_description
1 polymer 'CRISPR-associated endonuclease Cas9'
2 polymer sgRNA
3 polymer AcrIIC3
#
loop_
_entity_poly.entity_id
_entity_poly.type
_entity_poly.pdbx_seq_one_letter_code
_entity_poly.pdbx_strand_id
1 'polypeptide(L)'
;MAAFKPNSINYILGLDIGIASVGWAMVEIDEEENPIRLIDLGVRVFERAEVPKTGDSLAMARRLARSVRRLTRRRAHRLL
RTRRLLKREGVLQAANFDENGLIKSLPNTPWQLRAAALDRKLTPLEWSAVLLHLIKHRGYLSQRKNEGETADKELGALLK
GVAGNAHALQTGDFRTPAELALNKFEKESGHIRNQRSDYSHTFSRKDLQAELILLFEKQKEFGNPHVSGGLKEGIETLLM
TQRPALSGDAVQKMLGHCTFEPAEPKAAKNTYTAERFIWLTKLNNLRILEQGSERPLTDTERATLMDEPYRKSKLTYAQA
RKLLGLEDTAFFKGLRYGKDNAEASTLMEMKAYHAISRALEKEGLKDKKSPLNLSPELQDEIGTAFSLFKTDEDITGRLK
DRIQPEILEALLKHISFDKFVQISLKALRRIVPLMEQGKRYDEACAEIYGDHYGKKNTEEKIYLPPIPADEIRNPVVLRA
LSQARKVINGVVRRYGSPARIHIETAREVGKSFKDRKEIEKRQEENRKDREKAAAKFREYFPNFVGEPKSKDILKLRLYE
QQHGKCLYSGKEINLGRLNEKGYVEIDHALPFSRTWDDSFNNKVLVLGSENQNKGNQTPYEYFNGKDNSREWQEFKARVE
TSRFPRSKKQRILLQKFDEDGFKERNLNDTRYVNRFLCQFVADRMRLTGKGKKRVFASNGQITNLLRGFWGLRKVRAEND
RHHALDAVVVACSTVAMQQKITRFVRYKEMNAFDGKTIDKETGEVLHQKTHFPQPWEFFAQEVMIRVFGKPDGKPEFEEA
DTLEKLRTLLAEKLSSRPEAVHEYVTPLFVSRAPNRKMSGQGHMETVKSAKRLDEGVSVLRVPLTQLKLKDLEKMVNRER
EPKLYEALKARLEAHKDDPAKAFAEPFYKYDKAGNRTQQVKAVRVEQVQKTGVWVRNHNGIADNATMVRVDVFEKGDKYY
LVPIYSWQVAKGILPDRAVVQGKDEEDWQLIDDSFNFKFSLHPNDLVEVITKKARMFGYFASCHRGTGNINIRIHDLDHK
IGKNGILEGIGVKTALSFQKYQIDELGKEIRPCRLKKRPPVRSEHHHHHHHH
;
A,C
2 'polyribonucleotide'
;GGUCACUCUGCUAUUUAACUUUACGUUGUAGCUCCCUUUCUCGAAAGAGAACCGUUGCUACAAUAAGGCCGUCUGAAAAG
AUGUGCCGCAACGCUCUGCCCCUUAAAGCUCCUGCUUUAAGGGGCAUCGUUUAUC
;
B,D
3 'polypeptide(L)'
;SMFKRAIIFTSFNGFEKVSRTEKRRLAKIINARVSIIDEYLRAKDTNASLDGQYRAFLFNDESPAMTEFLAKLKAFAESC
TGISIDAWEIEESEYVRLPVERRDFLAAANGKEIFKI
;
E,F
#
loop_
_chem_comp.id
_chem_comp.type
_chem_comp.name
_chem_comp.formula
A RNA linking ADENOSINE-5'-MONOPHOSPHATE 'C10 H14 N5 O7 P'
C RNA linking CYTIDINE-5'-MONOPHOSPHATE 'C9 H14 N3 O8 P'
G RNA linking GUANOSINE-5'-MONOPHOSPHATE 'C10 H14 N5 O8 P'
U RNA linking URIDINE-5'-MONOPHOSPHATE 'C9 H13 N2 O9 P'
#
# COMPACT_ATOMS: atom_id res chain seq x y z
N SER A 8 -49.67 25.67 -49.54
CA SER A 8 -48.29 25.29 -49.79
C SER A 8 -47.33 26.24 -49.07
N ILE A 9 -46.65 25.72 -48.04
CA ILE A 9 -45.82 26.54 -47.17
C ILE A 9 -44.43 25.94 -47.09
N ASN A 10 -43.42 26.82 -46.99
CA ASN A 10 -42.04 26.43 -46.80
C ASN A 10 -41.77 26.41 -45.30
N TYR A 11 -41.60 25.23 -44.73
CA TYR A 11 -41.53 25.08 -43.29
C TYR A 11 -40.54 24.00 -42.86
N ILE A 12 -40.02 24.17 -41.66
CA ILE A 12 -39.18 23.19 -40.98
C ILE A 12 -40.02 22.49 -39.92
N LEU A 13 -39.90 21.17 -39.85
CA LEU A 13 -40.58 20.36 -38.85
C LEU A 13 -39.60 19.99 -37.76
N GLY A 14 -39.90 20.39 -36.52
CA GLY A 14 -39.07 20.04 -35.39
C GLY A 14 -39.73 18.92 -34.57
N LEU A 15 -38.96 17.89 -34.30
CA LEU A 15 -39.40 16.74 -33.53
C LEU A 15 -38.60 16.62 -32.25
N ASP A 16 -39.29 16.29 -31.16
CA ASP A 16 -38.71 15.98 -29.86
C ASP A 16 -39.19 14.60 -29.45
N ILE A 17 -38.28 13.64 -29.43
CA ILE A 17 -38.59 12.22 -29.26
C ILE A 17 -38.14 11.78 -27.88
N GLY A 18 -39.01 11.07 -27.17
CA GLY A 18 -38.68 10.48 -25.88
C GLY A 18 -39.40 9.16 -25.75
N ILE A 19 -39.16 8.48 -24.63
CA ILE A 19 -39.62 7.09 -24.52
C ILE A 19 -41.15 6.99 -24.47
N ALA A 20 -41.86 8.08 -24.11
CA ALA A 20 -43.32 8.04 -24.08
C ALA A 20 -43.96 9.32 -24.62
N SER A 21 -43.30 10.00 -25.58
CA SER A 21 -43.83 11.26 -26.10
C SER A 21 -43.06 11.73 -27.33
N VAL A 22 -43.78 12.33 -28.27
CA VAL A 22 -43.18 12.99 -29.41
C VAL A 22 -43.86 14.34 -29.58
N GLY A 23 -43.09 15.42 -29.42
CA GLY A 23 -43.61 16.76 -29.64
C GLY A 23 -43.14 17.27 -30.99
N TRP A 24 -44.03 17.93 -31.72
CA TRP A 24 -43.70 18.42 -33.04
C TRP A 24 -44.10 19.87 -33.18
N ALA A 25 -43.33 20.59 -33.98
CA ALA A 25 -43.56 22.00 -34.24
C ALA A 25 -43.31 22.29 -35.72
N MET A 26 -44.06 23.24 -36.27
CA MET A 26 -43.89 23.68 -37.65
C MET A 26 -43.48 25.14 -37.65
N VAL A 27 -42.42 25.45 -38.40
CA VAL A 27 -41.94 26.83 -38.50
C VAL A 27 -41.83 27.21 -39.97
N GLU A 28 -42.62 28.19 -40.40
CA GLU A 28 -42.50 28.74 -41.74
C GLU A 28 -41.32 29.70 -41.76
N ILE A 29 -40.41 29.47 -42.70
CA ILE A 29 -39.13 30.15 -42.79
C ILE A 29 -39.04 30.92 -44.09
N ASP A 30 -38.09 31.85 -44.14
CA ASP A 30 -37.76 32.53 -45.39
C ASP A 30 -37.15 31.53 -46.38
N GLU A 31 -36.96 31.99 -47.62
CA GLU A 31 -36.02 31.32 -48.49
C GLU A 31 -34.62 31.39 -47.90
N GLU A 32 -34.35 32.42 -47.09
CA GLU A 32 -33.08 32.62 -46.42
C GLU A 32 -32.94 31.76 -45.18
N GLU A 33 -33.93 30.90 -44.90
CA GLU A 33 -33.92 29.96 -43.79
C GLU A 33 -33.94 30.69 -42.45
N ASN A 34 -34.61 31.82 -42.40
CA ASN A 34 -34.74 32.45 -41.09
C ASN A 34 -36.16 32.26 -40.61
N PRO A 35 -36.36 31.85 -39.35
CA PRO A 35 -37.71 31.47 -38.91
C PRO A 35 -38.57 32.71 -38.66
N ILE A 36 -39.76 32.72 -39.24
CA ILE A 36 -40.59 33.91 -39.15
C ILE A 36 -41.99 33.60 -38.63
N ARG A 37 -42.50 32.39 -38.85
CA ARG A 37 -43.91 32.16 -38.51
C ARG A 37 -44.08 30.81 -37.83
N LEU A 38 -44.75 30.79 -36.69
CA LEU A 38 -45.06 29.54 -36.00
C LEU A 38 -46.43 29.07 -36.47
N ILE A 39 -46.46 27.95 -37.20
CA ILE A 39 -47.67 27.49 -37.86
C ILE A 39 -48.48 26.57 -36.95
N ASP A 40 -47.92 25.40 -36.64
CA ASP A 40 -48.64 24.39 -35.88
C ASP A 40 -47.68 23.64 -34.96
N LEU A 41 -48.16 23.31 -33.76
CA LEU A 41 -47.43 22.44 -32.86
C LEU A 41 -48.39 21.48 -32.19
N GLY A 42 -47.88 20.31 -31.82
CA GLY A 42 -48.67 19.35 -31.09
C GLY A 42 -47.80 18.43 -30.26
N VAL A 43 -48.46 17.59 -29.48
CA VAL A 43 -47.81 16.55 -28.69
C VAL A 43 -48.57 15.25 -28.91
N ARG A 44 -47.83 14.16 -29.07
CA ARG A 44 -48.39 12.83 -29.27
C ARG A 44 -47.79 11.93 -28.20
N VAL A 45 -48.62 11.41 -27.30
CA VAL A 45 -48.16 10.62 -26.18
C VAL A 45 -48.70 9.21 -26.31
N PHE A 46 -47.88 8.23 -25.95
CA PHE A 46 -48.23 6.83 -25.99
C PHE A 46 -47.69 6.18 -24.73
N GLU A 47 -47.97 4.89 -24.58
CA GLU A 47 -47.38 4.11 -23.50
C GLU A 47 -46.09 3.49 -24.00
N ARG A 48 -45.05 3.56 -23.18
CA ARG A 48 -43.74 3.13 -23.63
C ARG A 48 -43.64 1.61 -23.64
N ALA A 49 -42.86 1.10 -24.59
CA ALA A 49 -42.93 -0.32 -24.98
C ALA A 49 -42.11 -1.19 -24.03
N GLU A 50 -42.54 -1.21 -22.78
CA GLU A 50 -41.96 -2.10 -21.77
C GLU A 50 -42.98 -2.30 -20.67
N VAL A 51 -42.80 -3.38 -19.91
CA VAL A 51 -43.62 -3.61 -18.72
C VAL A 51 -43.18 -2.53 -17.74
N PRO A 52 -44.10 -1.67 -17.28
CA PRO A 52 -43.67 -0.38 -16.71
C PRO A 52 -42.83 -0.49 -15.44
N LYS A 53 -43.25 -1.33 -14.49
CA LYS A 53 -42.55 -1.37 -13.20
C LYS A 53 -41.19 -2.03 -13.31
N THR A 54 -41.07 -3.11 -14.08
CA THR A 54 -39.89 -3.96 -14.04
C THR A 54 -38.99 -3.85 -15.27
N GLY A 55 -39.47 -3.24 -16.35
CA GLY A 55 -38.69 -3.19 -17.56
C GLY A 55 -38.69 -4.45 -18.37
N ASP A 56 -39.47 -5.46 -17.98
CA ASP A 56 -39.66 -6.61 -18.85
C ASP A 56 -40.29 -6.14 -20.16
N SER A 57 -40.14 -6.96 -21.19
CA SER A 57 -40.79 -6.66 -22.45
C SER A 57 -42.20 -7.23 -22.47
N LEU A 58 -43.07 -6.57 -23.23
CA LEU A 58 -44.45 -7.00 -23.37
C LEU A 58 -44.53 -8.40 -23.98
N ALA A 59 -43.59 -8.72 -24.88
CA ALA A 59 -43.58 -10.04 -25.51
C ALA A 59 -43.26 -11.15 -24.50
N MET A 60 -42.55 -10.83 -23.42
CA MET A 60 -42.11 -11.87 -22.48
C MET A 60 -43.29 -12.60 -21.86
N ALA A 61 -44.29 -11.84 -21.39
CA ALA A 61 -45.45 -12.45 -20.74
C ALA A 61 -46.16 -13.40 -21.67
N ARG A 62 -46.30 -13.02 -22.94
CA ARG A 62 -46.97 -13.87 -23.91
C ARG A 62 -46.12 -15.09 -24.26
N ARG A 63 -44.80 -14.90 -24.43
CA ARG A 63 -43.93 -16.00 -24.82
C ARG A 63 -43.87 -17.07 -23.74
N LEU A 64 -43.80 -16.66 -22.47
CA LEU A 64 -43.77 -17.62 -21.37
C LEU A 64 -45.00 -18.51 -21.40
N ALA A 65 -46.17 -17.88 -21.54
CA ALA A 65 -47.42 -18.63 -21.62
C ALA A 65 -47.44 -19.54 -22.84
N ARG A 66 -46.87 -19.09 -23.95
CA ARG A 66 -46.83 -19.93 -25.15
C ARG A 66 -46.00 -21.19 -24.90
N SER A 67 -44.83 -21.03 -24.28
CA SER A 67 -43.98 -22.18 -24.02
C SER A 67 -44.62 -23.13 -23.01
N VAL A 68 -45.35 -22.57 -22.03
CA VAL A 68 -46.08 -23.42 -21.09
C VAL A 68 -47.17 -24.20 -21.83
N ARG A 69 -47.91 -23.54 -22.72
CA ARG A 69 -48.91 -24.20 -23.54
C ARG A 69 -48.31 -25.37 -24.29
N ARG A 70 -47.20 -25.12 -25.00
CA ARG A 70 -46.58 -26.17 -25.80
C ARG A 70 -46.11 -27.33 -24.92
N LEU A 71 -45.55 -27.02 -23.75
CA LEU A 71 -45.06 -28.08 -22.87
C LEU A 71 -46.20 -28.99 -22.41
N THR A 72 -47.26 -28.39 -21.86
CA THR A 72 -48.39 -29.21 -21.40
C THR A 72 -49.03 -29.98 -22.54
N ARG A 73 -49.16 -29.35 -23.71
CA ARG A 73 -49.74 -30.02 -24.88
C ARG A 73 -48.91 -31.23 -25.29
N ARG A 74 -47.60 -31.04 -25.43
CA ARG A 74 -46.76 -32.14 -25.88
C ARG A 74 -46.71 -33.27 -24.85
N ARG A 75 -46.77 -32.93 -23.56
CA ARG A 75 -46.82 -33.98 -22.54
C ARG A 75 -48.11 -34.79 -22.66
N ALA A 76 -49.25 -34.10 -22.79
CA ALA A 76 -50.52 -34.81 -22.92
C ALA A 76 -50.54 -35.66 -24.17
N HIS A 77 -49.99 -35.15 -25.27
CA HIS A 77 -49.93 -35.93 -26.51
C HIS A 77 -49.06 -37.16 -26.35
N ARG A 78 -47.91 -37.02 -25.70
CA ARG A 78 -47.02 -38.17 -25.50
C ARG A 78 -47.71 -39.24 -24.67
N LEU A 79 -48.43 -38.82 -23.62
CA LEU A 79 -49.17 -39.77 -22.80
C LEU A 79 -50.30 -40.43 -23.59
N LEU A 80 -50.97 -39.67 -24.45
CA LEU A 80 -52.03 -40.23 -25.28
C LEU A 80 -51.46 -41.29 -26.23
N ARG A 81 -50.33 -40.99 -26.87
CA ARG A 81 -49.66 -41.98 -27.70
C ARG A 81 -49.27 -43.21 -26.89
N THR A 82 -48.86 -43.01 -25.63
CA THR A 82 -48.52 -44.14 -24.79
C THR A 82 -49.74 -45.04 -24.54
N ARG A 83 -50.90 -44.44 -24.27
CA ARG A 83 -52.11 -45.24 -24.08
C ARG A 83 -52.52 -45.96 -25.36
N ARG A 84 -52.39 -45.29 -26.51
CA ARG A 84 -52.71 -45.94 -27.78
C ARG A 84 -51.76 -47.11 -28.04
N LEU A 85 -50.50 -46.97 -27.66
CA LEU A 85 -49.55 -48.06 -27.83
C LEU A 85 -49.86 -49.21 -26.88
N LEU A 86 -50.27 -48.89 -25.65
CA LEU A 86 -50.71 -49.92 -24.72
C LEU A 86 -51.87 -50.73 -25.31
N LYS A 87 -52.83 -50.04 -25.94
CA LYS A 87 -53.94 -50.78 -26.52
C LYS A 87 -53.49 -51.59 -27.74
N ARG A 88 -52.63 -51.01 -28.57
CA ARG A 88 -52.16 -51.71 -29.77
C ARG A 88 -51.39 -52.98 -29.40
N GLU A 89 -50.57 -52.91 -28.35
CA GLU A 89 -49.78 -54.07 -27.94
C GLU A 89 -50.50 -54.93 -26.89
N GLY A 90 -51.82 -55.05 -26.94
CA GLY A 90 -52.50 -56.03 -26.12
C GLY A 90 -52.65 -55.66 -24.65
N VAL A 91 -51.74 -54.84 -24.12
CA VAL A 91 -51.53 -54.65 -22.68
C VAL A 91 -52.84 -54.37 -21.94
N LEU A 92 -53.83 -53.80 -22.61
CA LEU A 92 -55.09 -53.47 -21.96
C LEU A 92 -56.27 -54.07 -22.75
N GLN A 93 -55.96 -54.74 -23.85
CA GLN A 93 -56.74 -55.72 -24.61
C GLN A 93 -57.98 -55.21 -25.32
N ALA A 94 -58.71 -54.26 -24.72
CA ALA A 94 -59.83 -53.52 -25.29
C ALA A 94 -60.66 -52.96 -24.14
N ALA A 95 -61.28 -51.80 -24.36
CA ALA A 95 -62.18 -51.14 -23.42
C ALA A 95 -61.84 -51.31 -21.95
N ASN A 96 -60.54 -51.36 -21.61
CA ASN A 96 -60.13 -50.93 -20.28
C ASN A 96 -60.21 -49.41 -20.15
N PHE A 97 -60.52 -48.72 -21.23
CA PHE A 97 -60.52 -47.27 -21.32
C PHE A 97 -61.93 -46.75 -21.05
N ASP A 98 -62.02 -45.47 -20.68
CA ASP A 98 -63.33 -44.92 -20.33
C ASP A 98 -63.95 -44.24 -21.54
N GLU A 99 -65.03 -43.48 -21.31
CA GLU A 99 -65.71 -42.77 -22.39
C GLU A 99 -64.71 -41.92 -23.17
N ASN A 100 -63.67 -41.47 -22.50
CA ASN A 100 -62.54 -40.78 -23.09
C ASN A 100 -61.31 -41.62 -22.76
N GLY A 101 -60.23 -41.41 -23.51
CA GLY A 101 -59.10 -42.31 -23.53
C GLY A 101 -58.42 -42.73 -22.24
N LEU A 102 -58.96 -42.40 -21.08
CA LEU A 102 -58.32 -42.73 -19.82
C LEU A 102 -58.61 -44.16 -19.37
N ILE A 103 -57.59 -44.80 -18.80
CA ILE A 103 -57.65 -46.20 -18.39
C ILE A 103 -58.47 -46.35 -17.11
N LYS A 104 -59.39 -47.32 -17.11
CA LYS A 104 -60.29 -47.53 -15.99
C LYS A 104 -59.61 -48.35 -14.89
N SER A 105 -59.85 -47.94 -13.64
CA SER A 105 -59.32 -48.62 -12.46
C SER A 105 -57.80 -48.74 -12.52
N LEU A 106 -57.15 -47.70 -13.03
CA LEU A 106 -55.69 -47.65 -13.01
C LEU A 106 -55.23 -47.51 -11.56
N PRO A 107 -54.24 -48.30 -11.12
CA PRO A 107 -53.81 -48.23 -9.73
C PRO A 107 -53.13 -46.92 -9.41
N ASN A 108 -53.21 -46.52 -8.14
CA ASN A 108 -52.65 -45.26 -7.67
C ASN A 108 -51.42 -45.50 -6.81
N THR A 109 -50.69 -46.57 -7.07
CA THR A 109 -49.48 -46.91 -6.32
C THR A 109 -48.29 -47.13 -7.24
N PRO A 110 -48.08 -46.27 -8.26
CA PRO A 110 -47.06 -46.58 -9.27
C PRO A 110 -45.64 -46.59 -8.75
N TRP A 111 -45.30 -45.76 -7.77
CA TRP A 111 -43.96 -45.84 -7.19
C TRP A 111 -43.72 -47.21 -6.59
N GLN A 112 -44.68 -47.70 -5.81
CA GLN A 112 -44.57 -49.01 -5.19
C GLN A 112 -44.50 -50.11 -6.25
N LEU A 113 -45.34 -50.01 -7.28
CA LEU A 113 -45.35 -51.04 -8.34
C LEU A 113 -44.08 -51.01 -9.17
N ARG A 114 -43.55 -49.81 -9.43
CA ARG A 114 -42.27 -49.68 -10.12
C ARG A 114 -41.15 -50.33 -9.31
N ALA A 115 -41.13 -50.12 -8.00
CA ALA A 115 -40.08 -50.72 -7.18
C ALA A 115 -40.25 -52.23 -7.07
N ALA A 116 -41.50 -52.71 -6.98
CA ALA A 116 -41.74 -54.14 -6.85
C ALA A 116 -41.75 -54.86 -8.19
N ALA A 117 -41.69 -54.15 -9.31
CA ALA A 117 -41.62 -54.77 -10.62
C ALA A 117 -40.29 -55.46 -10.85
N LEU A 118 -39.25 -55.07 -10.11
CA LEU A 118 -37.95 -55.71 -10.22
C LEU A 118 -37.97 -57.13 -9.66
N ASP A 119 -38.91 -57.43 -8.75
CA ASP A 119 -38.92 -58.71 -8.06
C ASP A 119 -40.14 -59.58 -8.38
N ARG A 120 -41.06 -59.13 -9.21
CA ARG A 120 -42.30 -59.85 -9.41
C ARG A 120 -42.90 -59.51 -10.76
N LYS A 121 -43.46 -60.51 -11.43
CA LYS A 121 -44.20 -60.26 -12.67
C LYS A 121 -45.44 -59.43 -12.38
N LEU A 122 -45.62 -58.35 -13.13
CA LEU A 122 -46.66 -57.39 -12.82
C LEU A 122 -47.96 -57.83 -13.49
N THR A 123 -48.94 -56.93 -13.51
CA THR A 123 -50.24 -57.13 -14.11
C THR A 123 -50.46 -56.08 -15.19
N PRO A 124 -51.27 -56.38 -16.22
CA PRO A 124 -51.58 -55.37 -17.25
C PRO A 124 -51.91 -54.00 -16.67
N LEU A 125 -52.71 -53.95 -15.60
CA LEU A 125 -53.04 -52.66 -15.00
C LEU A 125 -51.82 -52.06 -14.32
N GLU A 126 -51.13 -52.86 -13.49
CA GLU A 126 -49.93 -52.37 -12.81
C GLU A 126 -48.82 -52.05 -13.80
N TRP A 127 -48.62 -52.93 -14.79
CA TRP A 127 -47.60 -52.69 -15.83
C TRP A 127 -47.90 -51.39 -16.59
N SER A 128 -49.17 -51.20 -16.98
CA SER A 128 -49.59 -49.98 -17.64
C SER A 128 -49.33 -48.76 -16.77
N ALA A 129 -49.68 -48.85 -15.48
CA ALA A 129 -49.46 -47.73 -14.57
C ALA A 129 -47.97 -47.39 -14.49
N VAL A 130 -47.12 -48.42 -14.40
CA VAL A 130 -45.67 -48.20 -14.35
C VAL A 130 -45.20 -47.45 -15.59
N LEU A 131 -45.62 -47.91 -16.77
CA LEU A 131 -45.13 -47.32 -18.01
C LEU A 131 -45.66 -45.89 -18.20
N LEU A 132 -46.94 -45.66 -17.89
CA LEU A 132 -47.49 -44.32 -17.93
C LEU A 132 -46.80 -43.39 -16.94
N HIS A 133 -46.44 -43.91 -15.77
CA HIS A 133 -45.74 -43.11 -14.77
C HIS A 133 -44.35 -42.72 -15.26
N LEU A 134 -43.64 -43.67 -15.88
CA LEU A 134 -42.32 -43.36 -16.45
C LEU A 134 -42.42 -42.33 -17.55
N ILE A 135 -43.44 -42.45 -18.41
CA ILE A 135 -43.63 -41.47 -19.47
C ILE A 135 -43.96 -40.09 -18.91
N LYS A 136 -44.84 -40.04 -17.91
CA LYS A 136 -45.25 -38.74 -17.37
C LYS A 136 -44.10 -38.04 -16.67
N HIS A 137 -43.28 -38.79 -15.93
CA HIS A 137 -42.16 -38.23 -15.17
C HIS A 137 -40.87 -38.85 -15.72
N ARG A 138 -40.36 -38.29 -16.81
CA ARG A 138 -39.18 -38.84 -17.48
C ARG A 138 -37.90 -38.08 -17.13
N GLY A 139 -37.90 -37.35 -16.02
CA GLY A 139 -36.69 -36.72 -15.53
C GLY A 139 -36.03 -35.71 -16.44
N TYR A 140 -34.89 -35.17 -15.99
CA TYR A 140 -34.21 -34.06 -16.63
C TYR A 140 -33.16 -34.55 -17.61
N LEU A 141 -33.06 -33.87 -18.75
CA LEU A 141 -32.07 -34.19 -19.77
C LEU A 141 -31.03 -33.08 -19.86
N SER A 142 -29.78 -33.47 -20.10
CA SER A 142 -28.66 -32.55 -19.98
C SER A 142 -28.73 -31.41 -20.99
N GLN A 143 -29.03 -31.72 -22.25
CA GLN A 143 -29.01 -30.75 -23.35
C GLN A 143 -27.60 -30.18 -23.57
N GLU A 147 -24.04 -31.08 -21.46
CA GLU A 147 -22.82 -31.60 -20.84
C GLU A 147 -22.25 -30.61 -19.83
N GLY A 148 -21.56 -29.57 -20.34
CA GLY A 148 -21.00 -28.52 -19.49
C GLY A 148 -22.10 -27.52 -19.17
N GLU A 149 -22.97 -27.91 -18.23
CA GLU A 149 -24.10 -27.10 -17.84
C GLU A 149 -23.95 -26.29 -16.57
N THR A 150 -22.77 -26.28 -15.94
CA THR A 150 -22.59 -25.55 -14.69
C THR A 150 -22.28 -24.08 -15.00
N ALA A 151 -23.34 -23.30 -15.13
CA ALA A 151 -23.12 -21.90 -15.36
C ALA A 151 -24.32 -21.01 -15.17
N ASP A 152 -25.34 -21.38 -14.39
CA ASP A 152 -26.52 -20.49 -14.35
C ASP A 152 -27.49 -20.31 -13.19
N LYS A 153 -27.08 -19.72 -12.09
CA LYS A 153 -27.94 -19.46 -10.95
C LYS A 153 -28.74 -20.62 -10.38
N GLU A 154 -29.79 -21.07 -11.04
CA GLU A 154 -30.53 -22.18 -10.50
C GLU A 154 -30.21 -23.44 -11.24
N LEU A 155 -30.53 -23.45 -12.52
CA LEU A 155 -30.29 -24.71 -13.19
C LEU A 155 -29.12 -25.41 -12.53
N GLY A 156 -28.16 -24.64 -12.01
CA GLY A 156 -27.12 -25.21 -11.18
C GLY A 156 -27.66 -25.92 -9.96
N ALA A 157 -28.69 -25.37 -9.32
CA ALA A 157 -29.25 -25.99 -8.12
C ALA A 157 -30.02 -27.27 -8.46
N LEU A 158 -30.89 -27.20 -9.47
CA LEU A 158 -31.57 -28.40 -9.94
C LEU A 158 -30.54 -29.46 -10.35
N LEU A 159 -29.46 -29.03 -10.99
CA LEU A 159 -28.40 -29.96 -11.39
C LEU A 159 -27.68 -30.52 -10.19
N LYS A 160 -27.47 -29.70 -9.15
CA LYS A 160 -26.88 -30.20 -7.91
C LYS A 160 -27.71 -31.34 -7.35
N GLY A 161 -29.03 -31.14 -7.26
CA GLY A 161 -29.89 -32.21 -6.78
C GLY A 161 -29.88 -33.43 -7.69
N VAL A 162 -29.96 -33.21 -9.00
CA VAL A 162 -29.98 -34.31 -9.98
C VAL A 162 -28.70 -35.13 -9.89
N ALA A 163 -27.55 -34.47 -9.93
CA ALA A 163 -26.27 -35.18 -9.91
C ALA A 163 -26.02 -35.85 -8.57
N GLY A 164 -26.40 -35.19 -7.47
CA GLY A 164 -26.34 -35.83 -6.17
C GLY A 164 -27.12 -37.12 -6.13
N ASN A 165 -28.37 -37.08 -6.61
CA ASN A 165 -29.20 -38.28 -6.58
C ASN A 165 -28.69 -39.36 -7.52
N ALA A 166 -28.13 -38.97 -8.68
CA ALA A 166 -27.55 -39.97 -9.59
C ALA A 166 -26.35 -40.67 -8.97
N HIS A 167 -25.42 -39.89 -8.41
CA HIS A 167 -24.28 -40.47 -7.71
C HIS A 167 -24.73 -41.35 -6.56
N ALA A 168 -25.73 -40.89 -5.79
CA ALA A 168 -26.20 -41.68 -4.65
C ALA A 168 -26.82 -42.99 -5.12
N LEU A 169 -27.52 -42.95 -6.26
CA LEU A 169 -28.08 -44.17 -6.83
C LEU A 169 -26.98 -45.14 -7.23
N GLN A 170 -25.90 -44.64 -7.87
CA GLN A 170 -24.88 -45.56 -8.37
C GLN A 170 -23.92 -46.06 -7.29
N THR A 171 -23.70 -45.27 -6.24
CA THR A 171 -22.70 -45.61 -5.24
C THR A 171 -23.35 -46.35 -4.07
N GLY A 172 -24.30 -45.71 -3.40
CA GLY A 172 -25.08 -46.42 -2.40
C GLY A 172 -25.96 -47.41 -3.13
N ASP A 173 -26.00 -48.64 -2.65
CA ASP A 173 -26.66 -49.72 -3.39
C ASP A 173 -28.17 -49.66 -3.16
N PHE A 174 -28.88 -49.09 -4.13
CA PHE A 174 -30.34 -48.98 -4.07
C PHE A 174 -30.97 -49.39 -5.40
N ARG A 175 -30.17 -49.51 -6.45
CA ARG A 175 -30.41 -50.12 -7.77
C ARG A 175 -31.27 -49.41 -8.81
N THR A 176 -32.26 -48.60 -8.43
CA THR A 176 -33.07 -47.92 -9.43
C THR A 176 -33.59 -46.61 -8.84
N PRO A 177 -34.05 -45.69 -9.69
CA PRO A 177 -34.70 -44.48 -9.15
C PRO A 177 -35.88 -44.83 -8.24
N ALA A 178 -36.64 -45.87 -8.58
CA ALA A 178 -37.84 -46.19 -7.82
C ALA A 178 -37.51 -46.59 -6.39
N GLU A 179 -36.57 -47.53 -6.23
CA GLU A 179 -36.26 -48.06 -4.91
C GLU A 179 -35.59 -47.00 -4.04
N LEU A 180 -34.58 -46.33 -4.58
CA LEU A 180 -33.94 -45.24 -3.84
C LEU A 180 -34.95 -44.17 -3.48
N ALA A 181 -35.77 -43.77 -4.44
CA ALA A 181 -36.78 -42.74 -4.17
C ALA A 181 -37.69 -43.17 -3.03
N LEU A 182 -38.26 -44.37 -3.14
CA LEU A 182 -39.16 -44.89 -2.11
C LEU A 182 -38.49 -44.79 -0.76
N ASN A 183 -37.39 -45.52 -0.58
CA ASN A 183 -36.83 -45.66 0.76
C ASN A 183 -36.35 -44.32 1.29
N LYS A 184 -35.44 -43.65 0.57
CA LYS A 184 -34.84 -42.44 1.11
C LYS A 184 -35.90 -41.36 1.31
N PHE A 185 -36.73 -41.10 0.31
CA PHE A 185 -37.65 -39.97 0.39
C PHE A 185 -38.75 -40.23 1.40
N GLU A 186 -39.32 -41.45 1.42
CA GLU A 186 -40.37 -41.76 2.36
C GLU A 186 -39.87 -41.75 3.80
N LYS A 187 -38.73 -42.41 4.06
CA LYS A 187 -38.26 -42.50 5.45
C LYS A 187 -37.73 -41.16 5.95
N GLU A 188 -36.98 -40.45 5.13
CA GLU A 188 -36.25 -39.28 5.58
C GLU A 188 -37.02 -37.97 5.40
N SER A 189 -38.09 -37.97 4.58
CA SER A 189 -38.86 -36.74 4.35
C SER A 189 -40.37 -36.93 4.47
N GLY A 190 -40.92 -38.12 4.24
CA GLY A 190 -42.35 -38.31 4.27
C GLY A 190 -43.06 -37.95 2.98
N HIS A 191 -42.31 -37.80 1.90
CA HIS A 191 -42.88 -37.48 0.60
C HIS A 191 -41.87 -37.82 -0.48
N ILE A 192 -42.36 -38.09 -1.69
CA ILE A 192 -41.51 -38.51 -2.79
C ILE A 192 -41.25 -37.32 -3.71
N ARG A 193 -42.32 -36.79 -4.30
CA ARG A 193 -42.21 -35.72 -5.28
C ARG A 193 -41.80 -34.41 -4.62
N ASN A 194 -41.07 -33.58 -5.38
CA ASN A 194 -40.55 -32.32 -4.85
C ASN A 194 -41.70 -31.41 -4.42
N GLN A 195 -41.37 -30.43 -3.56
CA GLN A 195 -42.36 -29.45 -3.17
C GLN A 195 -41.80 -28.03 -3.10
N ARG A 196 -42.66 -27.10 -3.54
CA ARG A 196 -42.65 -25.64 -3.44
C ARG A 196 -41.57 -24.87 -4.21
N SER A 197 -40.34 -25.36 -4.23
CA SER A 197 -39.32 -24.99 -5.20
C SER A 197 -38.23 -26.03 -5.19
N ASP A 198 -38.34 -27.01 -4.29
CA ASP A 198 -37.23 -27.90 -4.00
C ASP A 198 -36.92 -28.80 -5.18
N TYR A 199 -35.63 -28.93 -5.50
CA TYR A 199 -35.18 -29.82 -6.55
C TYR A 199 -34.39 -30.98 -5.95
N SER A 200 -34.73 -31.34 -4.70
CA SER A 200 -33.97 -32.34 -3.97
C SER A 200 -34.13 -33.73 -4.57
N HIS A 201 -35.35 -34.10 -4.96
CA HIS A 201 -35.66 -35.46 -5.37
C HIS A 201 -35.74 -35.63 -6.89
N THR A 202 -35.22 -34.66 -7.65
CA THR A 202 -35.31 -34.74 -9.10
C THR A 202 -34.33 -35.77 -9.64
N PHE A 203 -34.70 -36.41 -10.74
CA PHE A 203 -33.92 -37.47 -11.36
C PHE A 203 -33.58 -37.10 -12.80
N SER A 204 -32.43 -37.59 -13.26
CA SER A 204 -32.03 -37.40 -14.65
C SER A 204 -32.68 -38.45 -15.55
N ARG A 205 -32.90 -38.09 -16.81
CA ARG A 205 -33.49 -39.03 -17.76
C ARG A 205 -32.61 -40.27 -17.95
N LYS A 206 -31.29 -40.12 -17.86
CA LYS A 206 -30.41 -41.28 -18.04
C LYS A 206 -30.74 -42.38 -17.02
N ASP A 207 -30.91 -41.99 -15.76
CA ASP A 207 -31.25 -42.94 -14.71
C ASP A 207 -32.57 -43.63 -14.98
N LEU A 208 -33.56 -42.88 -15.45
CA LEU A 208 -34.88 -43.46 -15.67
C LEU A 208 -34.90 -44.36 -16.91
N GLN A 209 -34.08 -44.04 -17.91
CA GLN A 209 -33.93 -44.95 -19.05
C GLN A 209 -33.28 -46.26 -18.61
N ALA A 210 -32.26 -46.17 -17.76
CA ALA A 210 -31.67 -47.39 -17.22
C ALA A 210 -32.70 -48.20 -16.44
N GLU A 211 -33.53 -47.52 -15.64
CA GLU A 211 -34.57 -48.23 -14.89
C GLU A 211 -35.58 -48.89 -15.83
N LEU A 212 -35.97 -48.20 -16.91
CA LEU A 212 -36.91 -48.77 -17.86
C LEU A 212 -36.33 -50.02 -18.50
N ILE A 213 -35.06 -49.96 -18.92
CA ILE A 213 -34.41 -51.12 -19.52
C ILE A 213 -34.39 -52.28 -18.52
N LEU A 214 -34.05 -51.99 -17.26
CA LEU A 214 -33.99 -53.03 -16.25
C LEU A 214 -35.37 -53.62 -15.98
N LEU A 215 -36.41 -52.79 -15.99
CA LEU A 215 -37.77 -53.30 -15.78
C LEU A 215 -38.18 -54.24 -16.90
N PHE A 216 -37.86 -53.88 -18.15
CA PHE A 216 -38.17 -54.78 -19.25
C PHE A 216 -37.41 -56.10 -19.14
N GLU A 217 -36.11 -56.03 -18.80
CA GLU A 217 -35.34 -57.26 -18.59
C GLU A 217 -35.99 -58.14 -17.52
N LYS A 218 -36.31 -57.54 -16.36
CA LYS A 218 -36.84 -58.30 -15.25
C LYS A 218 -38.20 -58.90 -15.59
N GLN A 219 -39.06 -58.14 -16.27
CA GLN A 219 -40.37 -58.68 -16.60
C GLN A 219 -40.31 -59.74 -17.70
N LYS A 220 -39.30 -59.69 -18.57
CA LYS A 220 -39.07 -60.85 -19.43
C LYS A 220 -38.64 -62.05 -18.60
N GLU A 221 -37.83 -61.83 -17.56
CA GLU A 221 -37.43 -62.93 -16.69
C GLU A 221 -38.63 -63.55 -15.98
N PHE A 222 -39.53 -62.71 -15.45
CA PHE A 222 -40.63 -63.18 -14.63
C PHE A 222 -41.82 -63.66 -15.45
N GLY A 223 -41.78 -63.48 -16.77
CA GLY A 223 -42.81 -64.01 -17.64
C GLY A 223 -44.00 -63.09 -17.86
N ASN A 224 -43.72 -61.86 -18.32
CA ASN A 224 -44.77 -60.90 -18.61
C ASN A 224 -45.16 -61.00 -20.08
N PRO A 225 -46.40 -61.36 -20.40
CA PRO A 225 -46.81 -61.47 -21.81
C PRO A 225 -46.48 -60.26 -22.67
N HIS A 226 -46.39 -59.06 -22.08
CA HIS A 226 -46.11 -57.84 -22.84
C HIS A 226 -44.72 -57.33 -22.47
N VAL A 227 -43.71 -57.91 -23.12
CA VAL A 227 -42.36 -57.35 -23.16
C VAL A 227 -41.91 -57.33 -24.62
N SER A 228 -42.88 -57.28 -25.53
CA SER A 228 -42.62 -57.33 -26.96
C SER A 228 -41.59 -56.28 -27.37
N GLY A 229 -40.86 -56.60 -28.44
CA GLY A 229 -39.92 -55.64 -29.00
C GLY A 229 -40.59 -54.36 -29.45
N GLY A 230 -41.78 -54.49 -30.03
CA GLY A 230 -42.58 -53.31 -30.35
C GLY A 230 -42.80 -52.41 -29.15
N LEU A 231 -43.23 -53.01 -28.03
CA LEU A 231 -43.51 -52.21 -26.83
C LEU A 231 -42.25 -51.54 -26.30
N LYS A 232 -41.14 -52.27 -26.23
CA LYS A 232 -39.91 -51.68 -25.71
C LYS A 232 -39.42 -50.56 -26.61
N GLU A 233 -39.36 -50.81 -27.92
CA GLU A 233 -38.99 -49.78 -28.88
C GLU A 233 -39.85 -48.54 -28.72
N GLY A 234 -41.17 -48.71 -28.74
CA GLY A 234 -42.07 -47.58 -28.64
C GLY A 234 -41.91 -46.82 -27.34
N ILE A 235 -41.91 -47.53 -26.21
CA ILE A 235 -41.87 -46.86 -24.91
C ILE A 235 -40.55 -46.15 -24.71
N GLU A 236 -39.42 -46.78 -25.07
CA GLU A 236 -38.14 -46.10 -24.96
C GLU A 236 -38.08 -44.86 -25.83
N THR A 237 -38.56 -44.96 -27.09
CA THR A 237 -38.59 -43.80 -27.96
C THR A 237 -39.45 -42.68 -27.37
N LEU A 238 -40.59 -43.05 -26.78
CA LEU A 238 -41.46 -42.07 -26.16
C LEU A 238 -40.78 -41.39 -24.97
N LEU A 239 -40.00 -42.16 -24.22
CA LEU A 239 -39.34 -41.60 -23.03
C LEU A 239 -38.14 -40.74 -23.38
N MET A 240 -37.48 -41.01 -24.51
CA MET A 240 -36.23 -40.32 -24.84
C MET A 240 -36.40 -39.20 -25.87
N THR A 241 -37.38 -39.30 -26.76
CA THR A 241 -37.46 -38.37 -27.88
C THR A 241 -37.98 -37.01 -27.43
N GLN A 242 -37.34 -35.96 -27.93
CA GLN A 242 -37.87 -34.61 -27.90
C GLN A 242 -37.37 -33.89 -29.15
N ARG A 243 -38.11 -32.86 -29.56
CA ARG A 243 -37.79 -32.19 -30.81
C ARG A 243 -36.44 -31.48 -30.72
N PRO A 244 -35.74 -31.33 -31.84
CA PRO A 244 -34.48 -30.60 -31.84
C PRO A 244 -34.66 -29.14 -31.47
N ALA A 245 -33.69 -28.59 -30.73
CA ALA A 245 -33.62 -27.16 -30.53
C ALA A 245 -33.23 -26.45 -31.83
N LEU A 246 -33.28 -25.12 -31.79
CA LEU A 246 -33.16 -24.32 -33.00
C LEU A 246 -31.89 -24.66 -33.77
N SER A 247 -32.03 -24.71 -35.09
CA SER A 247 -30.92 -25.06 -35.97
C SER A 247 -30.02 -23.87 -36.21
N GLY A 248 -28.82 -24.16 -36.72
CA GLY A 248 -27.89 -23.10 -37.09
C GLY A 248 -28.51 -22.14 -38.09
N ASP A 249 -29.03 -22.67 -39.19
CA ASP A 249 -29.65 -21.83 -40.21
C ASP A 249 -30.89 -21.11 -39.70
N ALA A 250 -31.62 -21.71 -38.76
CA ALA A 250 -32.81 -21.04 -38.23
C ALA A 250 -32.42 -19.86 -37.34
N VAL A 251 -31.47 -20.08 -36.42
CA VAL A 251 -30.98 -18.98 -35.61
C VAL A 251 -30.35 -17.90 -36.47
N GLN A 252 -29.72 -18.31 -37.58
CA GLN A 252 -29.20 -17.35 -38.55
C GLN A 252 -30.32 -16.61 -39.28
N LYS A 253 -31.42 -17.29 -39.61
CA LYS A 253 -32.55 -16.62 -40.23
C LYS A 253 -33.16 -15.59 -39.29
N MET A 254 -33.06 -15.83 -37.99
CA MET A 254 -33.49 -14.83 -37.01
C MET A 254 -32.73 -13.51 -37.17
N LEU A 255 -31.40 -13.57 -37.32
CA LEU A 255 -30.65 -12.33 -37.55
C LEU A 255 -30.56 -12.04 -39.05
N GLY A 256 -30.44 -10.75 -39.37
CA GLY A 256 -30.47 -10.33 -40.75
C GLY A 256 -29.28 -10.86 -41.54
N HIS A 257 -29.40 -10.78 -42.86
CA HIS A 257 -28.25 -11.04 -43.71
C HIS A 257 -27.17 -10.00 -43.41
N CYS A 258 -25.94 -10.31 -43.85
CA CYS A 258 -24.77 -9.57 -43.38
C CYS A 258 -24.88 -8.07 -43.61
N THR A 259 -25.63 -7.65 -44.63
CA THR A 259 -25.78 -6.28 -45.12
C THR A 259 -24.52 -5.86 -45.88
N PHE A 260 -23.44 -6.65 -45.82
CA PHE A 260 -22.25 -6.46 -46.64
C PHE A 260 -22.14 -7.52 -47.74
N GLU A 261 -22.37 -8.78 -47.38
CA GLU A 261 -22.46 -9.89 -48.32
C GLU A 261 -23.80 -10.57 -48.08
N PRO A 262 -24.85 -10.15 -48.79
CA PRO A 262 -26.18 -10.72 -48.55
C PRO A 262 -26.22 -12.23 -48.54
N ALA A 263 -25.39 -12.88 -49.36
CA ALA A 263 -25.39 -14.34 -49.40
C ALA A 263 -24.90 -14.95 -48.09
N GLU A 264 -23.97 -14.24 -47.39
CA GLU A 264 -23.38 -14.82 -46.18
C GLU A 264 -24.07 -14.26 -44.94
N PRO A 265 -24.11 -15.03 -43.86
CA PRO A 265 -24.76 -14.54 -42.63
C PRO A 265 -23.80 -13.81 -41.70
N LYS A 266 -24.39 -13.00 -40.81
CA LYS A 266 -23.65 -12.34 -39.75
C LYS A 266 -23.50 -13.30 -38.59
N ALA A 267 -22.31 -13.36 -37.98
CA ALA A 267 -22.10 -14.46 -37.05
C ALA A 267 -20.92 -14.24 -36.12
N ALA A 268 -20.96 -14.98 -35.00
CA ALA A 268 -19.78 -15.36 -34.25
C ALA A 268 -18.92 -14.29 -33.58
N LYS A 269 -19.39 -13.70 -32.47
CA LYS A 269 -18.51 -12.80 -31.72
C LYS A 269 -17.27 -13.52 -31.24
N ASN A 270 -17.43 -14.74 -30.71
CA ASN A 270 -16.30 -15.48 -30.15
C ASN A 270 -15.54 -16.12 -31.31
N THR A 271 -14.78 -15.27 -32.00
CA THR A 271 -14.12 -15.64 -33.24
C THR A 271 -12.83 -14.82 -33.37
N TYR A 272 -11.74 -15.50 -33.73
CA TYR A 272 -10.48 -14.83 -33.98
C TYR A 272 -10.68 -13.61 -34.87
N THR A 273 -11.40 -13.78 -35.98
CA THR A 273 -11.65 -12.65 -36.88
C THR A 273 -12.48 -11.57 -36.21
N ALA A 274 -13.54 -11.96 -35.50
CA ALA A 274 -14.41 -10.96 -34.87
C ALA A 274 -13.74 -10.28 -33.69
N GLU A 275 -13.13 -11.06 -32.80
CA GLU A 275 -12.39 -10.47 -31.69
C GLU A 275 -11.27 -9.58 -32.20
N ARG A 276 -10.58 -10.00 -33.26
CA ARG A 276 -9.53 -9.16 -33.83
C ARG A 276 -10.08 -7.89 -34.43
N PHE A 277 -11.29 -7.95 -35.00
CA PHE A 277 -11.95 -6.73 -35.47
C PHE A 277 -12.19 -5.77 -34.32
N ILE A 278 -12.75 -6.27 -33.22
CA ILE A 278 -12.98 -5.45 -32.04
C ILE A 278 -11.67 -4.84 -31.55
N TRP A 279 -10.64 -5.68 -31.46
CA TRP A 279 -9.33 -5.24 -30.97
C TRP A 279 -8.75 -4.15 -31.84
N LEU A 280 -8.74 -4.36 -33.16
CA LEU A 280 -8.18 -3.37 -34.09
C LEU A 280 -9.01 -2.09 -34.11
N THR A 281 -10.33 -2.19 -33.98
CA THR A 281 -11.14 -0.96 -33.89
C THR A 281 -10.76 -0.16 -32.66
N LYS A 282 -10.63 -0.82 -31.50
CA LYS A 282 -10.20 -0.14 -30.29
C LYS A 282 -8.82 0.48 -30.47
N LEU A 283 -7.87 -0.31 -30.96
CA LEU A 283 -6.49 0.17 -31.07
C LEU A 283 -6.37 1.34 -32.05
N ASN A 284 -7.05 1.25 -33.19
CA ASN A 284 -6.97 2.28 -34.21
C ASN A 284 -7.64 3.57 -33.75
N ASN A 285 -8.70 3.46 -32.96
CA ASN A 285 -9.42 4.61 -32.43
C ASN A 285 -8.85 5.12 -31.12
N LEU A 286 -7.99 4.35 -30.46
CA LEU A 286 -7.41 4.76 -29.18
C LEU A 286 -6.39 5.86 -29.40
N ARG A 287 -6.65 7.03 -28.82
CA ARG A 287 -5.71 8.13 -28.82
C ARG A 287 -5.33 8.48 -27.39
N ILE A 288 -4.09 8.90 -27.18
CA ILE A 288 -3.59 9.30 -25.87
C ILE A 288 -3.48 10.81 -25.80
N LEU A 289 -4.10 11.41 -24.78
CA LEU A 289 -3.91 12.83 -24.50
C LEU A 289 -2.90 13.04 -23.38
N GLU A 290 -1.81 13.73 -23.69
CA GLU A 290 -0.85 14.20 -22.71
C GLU A 290 -1.18 15.66 -22.40
N GLN A 291 -0.99 16.08 -21.15
CA GLN A 291 -1.34 17.41 -20.67
C GLN A 291 -0.95 18.47 -21.70
N GLY A 292 -1.96 19.16 -22.24
CA GLY A 292 -1.79 19.84 -23.50
C GLY A 292 -2.72 19.28 -24.56
N SER A 293 -2.19 18.53 -25.52
CA SER A 293 -2.97 18.14 -26.69
C SER A 293 -3.14 16.63 -26.86
N GLU A 294 -3.74 16.23 -27.98
CA GLU A 294 -4.03 14.85 -28.33
C GLU A 294 -3.05 14.35 -29.40
N ARG A 295 -2.91 13.03 -29.47
CA ARG A 295 -2.12 12.38 -30.50
C ARG A 295 -2.50 10.90 -30.57
N PRO A 296 -2.44 10.28 -31.74
CA PRO A 296 -2.67 8.84 -31.85
C PRO A 296 -1.37 8.04 -31.77
N LEU A 297 -1.53 6.77 -31.41
CA LEU A 297 -0.39 5.86 -31.25
C LEU A 297 0.47 5.78 -32.51
N THR A 298 1.78 5.91 -32.34
CA THR A 298 2.67 5.73 -33.47
C THR A 298 2.66 4.26 -33.89
N ASP A 299 3.11 4.00 -35.12
CA ASP A 299 3.07 2.65 -35.67
C ASP A 299 3.86 1.67 -34.80
N THR A 300 4.96 2.13 -34.22
CA THR A 300 5.73 1.27 -33.32
C THR A 300 4.94 0.94 -32.06
N GLU A 301 4.17 1.89 -31.54
CA GLU A 301 3.35 1.63 -30.36
C GLU A 301 2.26 0.61 -30.64
N ARG A 302 1.57 0.77 -31.78
CA ARG A 302 0.56 -0.21 -32.17
C ARG A 302 1.19 -1.58 -32.36
N ALA A 303 2.33 -1.64 -33.04
CA ALA A 303 3.03 -2.93 -33.20
C ALA A 303 3.38 -3.54 -31.86
N THR A 304 3.81 -2.73 -30.91
CA THR A 304 4.14 -3.22 -29.57
C THR A 304 2.92 -3.84 -28.90
N LEU A 305 1.78 -3.15 -28.95
CA LEU A 305 0.59 -3.61 -28.26
C LEU A 305 -0.16 -4.71 -28.98
N MET A 306 0.08 -4.88 -30.29
CA MET A 306 -0.81 -5.67 -31.14
C MET A 306 -1.02 -7.09 -30.62
N ASP A 307 0.05 -7.76 -30.19
CA ASP A 307 -0.03 -9.18 -29.86
C ASP A 307 -0.20 -9.44 -28.37
N GLU A 308 -0.22 -8.40 -27.54
CA GLU A 308 -0.25 -8.57 -26.10
C GLU A 308 -1.58 -9.12 -25.56
N PRO A 309 -2.73 -8.81 -26.17
CA PRO A 309 -3.98 -9.45 -25.69
C PRO A 309 -3.94 -10.97 -25.77
N TYR A 310 -3.24 -11.54 -26.76
CA TYR A 310 -3.08 -12.99 -26.79
C TYR A 310 -2.05 -13.46 -25.77
N ARG A 311 -0.95 -12.73 -25.62
CA ARG A 311 0.15 -13.21 -24.77
C ARG A 311 -0.21 -13.13 -23.30
N LYS A 312 -0.86 -12.05 -22.88
CA LYS A 312 -1.33 -11.91 -21.51
C LYS A 312 -2.82 -12.23 -21.43
N SER A 313 -3.30 -12.41 -20.20
CA SER A 313 -4.71 -12.71 -20.01
C SER A 313 -5.58 -11.53 -20.43
N LYS A 314 -5.27 -10.34 -19.94
CA LYS A 314 -5.90 -9.10 -20.36
C LYS A 314 -4.85 -8.02 -20.48
N LEU A 315 -5.06 -7.08 -21.40
CA LEU A 315 -4.13 -5.97 -21.59
C LEU A 315 -4.71 -4.77 -20.85
N THR A 316 -4.40 -4.69 -19.56
CA THR A 316 -4.83 -3.59 -18.70
C THR A 316 -4.28 -2.26 -19.23
N TYR A 317 -5.03 -1.18 -18.99
CA TYR A 317 -4.57 0.16 -19.39
C TYR A 317 -3.25 0.52 -18.71
N ALA A 318 -3.14 0.26 -17.41
CA ALA A 318 -1.87 0.49 -16.73
C ALA A 318 -0.79 -0.42 -17.28
N GLN A 319 -1.16 -1.66 -17.58
CA GLN A 319 -0.23 -2.59 -18.20
C GLN A 319 0.25 -2.05 -19.54
N ALA A 320 -0.65 -1.42 -20.29
CA ALA A 320 -0.25 -0.78 -21.54
C ALA A 320 0.69 0.40 -21.28
N ARG A 321 0.45 1.13 -20.19
CA ARG A 321 1.40 2.19 -19.82
C ARG A 321 2.78 1.62 -19.56
N LYS A 322 2.87 0.47 -18.91
CA LYS A 322 4.17 -0.16 -18.70
C LYS A 322 4.85 -0.49 -20.03
N LEU A 323 4.11 -1.11 -20.96
CA LEU A 323 4.70 -1.52 -22.23
C LEU A 323 5.26 -0.34 -23.01
N LEU A 324 4.59 0.80 -22.96
CA LEU A 324 5.03 1.95 -23.75
C LEU A 324 5.95 2.90 -22.98
N GLY A 325 6.18 2.67 -21.68
CA GLY A 325 6.99 3.57 -20.88
C GLY A 325 6.37 4.95 -21.01
N LEU A 326 5.05 4.98 -20.80
CA LEU A 326 4.24 6.15 -21.11
C LEU A 326 4.52 7.34 -20.21
N GLU A 327 4.87 7.12 -18.93
CA GLU A 327 5.33 8.23 -18.10
C GLU A 327 4.19 9.17 -17.76
N ASP A 328 3.57 8.93 -16.60
CA ASP A 328 2.54 9.80 -16.06
C ASP A 328 2.82 11.25 -16.41
N THR A 329 1.75 12.02 -16.56
CA THR A 329 1.52 13.24 -17.38
C THR A 329 1.23 12.84 -18.82
N ALA A 330 1.02 11.55 -19.08
CA ALA A 330 0.49 11.05 -20.35
C ALA A 330 -0.69 10.16 -20.01
N PHE A 331 -1.90 10.61 -20.36
CA PHE A 331 -3.13 9.95 -19.96
C PHE A 331 -3.88 9.41 -21.16
N PHE A 332 -4.61 8.33 -20.95
CA PHE A 332 -5.43 7.74 -22.01
C PHE A 332 -6.72 8.51 -22.19
N LYS A 333 -7.07 8.77 -23.44
CA LYS A 333 -8.35 9.37 -23.76
C LYS A 333 -9.41 8.27 -23.83
N GLY A 334 -10.66 8.65 -23.58
CA GLY A 334 -11.70 7.67 -23.44
C GLY A 334 -11.50 6.84 -22.19
N LEU A 335 -11.24 7.52 -21.09
CA LEU A 335 -11.02 6.87 -19.80
C LEU A 335 -11.29 7.89 -18.72
N ARG A 336 -12.22 7.58 -17.82
CA ARG A 336 -12.54 8.48 -16.72
C ARG A 336 -11.39 8.45 -15.70
N TYR A 337 -10.57 9.49 -15.71
CA TYR A 337 -9.37 9.51 -14.88
C TYR A 337 -9.62 10.09 -13.50
N GLY A 338 -10.79 10.68 -13.26
CA GLY A 338 -11.15 11.07 -11.91
C GLY A 338 -11.31 9.87 -11.00
N LYS A 339 -11.99 8.83 -11.48
CA LYS A 339 -12.12 7.59 -10.72
C LYS A 339 -10.75 7.02 -10.38
N ASP A 340 -10.60 6.59 -9.13
CA ASP A 340 -9.31 6.14 -8.64
C ASP A 340 -9.02 4.72 -9.09
N ASN A 341 -7.76 4.45 -9.40
CA ASN A 341 -7.31 3.21 -10.04
C ASN A 341 -8.19 2.89 -11.25
N ALA A 342 -8.41 3.90 -12.08
CA ALA A 342 -9.16 3.71 -13.31
C ALA A 342 -8.39 2.88 -14.32
N GLU A 343 -7.07 2.93 -14.28
CA GLU A 343 -6.26 2.23 -15.26
C GLU A 343 -6.19 0.73 -15.05
N ALA A 344 -6.93 0.20 -14.08
CA ALA A 344 -7.09 -1.25 -13.95
C ALA A 344 -8.16 -1.77 -14.91
N SER A 345 -8.76 -0.88 -15.70
CA SER A 345 -9.71 -1.24 -16.72
C SER A 345 -9.06 -2.19 -17.72
N THR A 346 -9.90 -2.91 -18.47
CA THR A 346 -9.42 -4.04 -19.26
C THR A 346 -8.82 -3.61 -20.60
N LEU A 347 -9.44 -2.65 -21.28
CA LEU A 347 -9.05 -2.15 -22.60
C LEU A 347 -9.15 -3.20 -23.70
N MET A 348 -8.95 -4.47 -23.38
CA MET A 348 -9.15 -5.54 -24.33
C MET A 348 -8.97 -6.87 -23.61
N GLU A 349 -9.85 -7.82 -23.90
CA GLU A 349 -9.67 -9.18 -23.44
C GLU A 349 -10.15 -10.10 -24.56
N MET A 350 -9.28 -10.97 -25.05
CA MET A 350 -9.71 -11.91 -26.08
C MET A 350 -10.36 -13.09 -25.37
N LYS A 351 -11.68 -13.00 -25.23
CA LYS A 351 -12.43 -13.98 -24.45
C LYS A 351 -12.45 -15.34 -25.14
N ALA A 352 -12.69 -15.36 -26.45
CA ALA A 352 -12.82 -16.63 -27.18
C ALA A 352 -11.49 -17.38 -27.24
N TYR A 353 -10.44 -16.69 -27.69
CA TYR A 353 -9.12 -17.29 -27.78
C TYR A 353 -8.72 -17.91 -26.44
N HIS A 354 -8.89 -17.14 -25.35
CA HIS A 354 -8.48 -17.64 -24.05
C HIS A 354 -9.47 -18.66 -23.50
N ALA A 355 -10.73 -18.63 -23.89
CA ALA A 355 -11.65 -19.69 -23.48
C ALA A 355 -11.24 -21.03 -24.07
N ILE A 356 -10.97 -21.04 -25.38
CA ILE A 356 -10.47 -22.26 -26.03
C ILE A 356 -9.16 -22.69 -25.39
N SER A 357 -8.26 -21.73 -25.15
CA SER A 357 -6.95 -22.03 -24.59
C SER A 357 -7.07 -22.60 -23.17
N ARG A 358 -7.94 -22.02 -22.35
CA ARG A 358 -8.14 -22.52 -20.99
C ARG A 358 -8.76 -23.92 -21.00
N ALA A 359 -9.67 -24.18 -21.93
CA ALA A 359 -10.27 -25.50 -22.03
C ALA A 359 -9.19 -26.53 -22.33
N LEU A 360 -8.34 -26.25 -23.33
CA LEU A 360 -7.26 -27.17 -23.65
C LEU A 360 -6.23 -27.26 -22.51
N GLU A 361 -5.85 -26.12 -21.93
CA GLU A 361 -4.89 -26.12 -20.83
C GLU A 361 -5.37 -26.98 -19.66
N LYS A 362 -6.66 -26.91 -19.35
CA LYS A 362 -7.24 -27.57 -18.20
C LYS A 362 -7.42 -29.07 -18.38
N GLU A 363 -7.14 -29.61 -19.57
CA GLU A 363 -7.35 -31.03 -19.83
C GLU A 363 -6.10 -31.78 -20.29
N GLY A 364 -4.99 -31.09 -20.54
CA GLY A 364 -3.74 -31.74 -20.84
C GLY A 364 -3.35 -31.77 -22.30
N LEU A 365 -3.97 -30.93 -23.13
CA LEU A 365 -3.64 -30.89 -24.54
C LEU A 365 -2.85 -29.66 -24.95
N LYS A 366 -2.66 -28.71 -24.04
CA LYS A 366 -1.99 -27.45 -24.35
C LYS A 366 -1.00 -27.14 -23.24
N ASP A 367 0.25 -26.86 -23.62
CA ASP A 367 1.22 -26.35 -22.65
C ASP A 367 0.88 -24.91 -22.32
N LYS A 368 0.55 -24.65 -21.06
CA LYS A 368 0.05 -23.33 -20.68
C LYS A 368 1.08 -22.26 -21.01
N LYS A 369 0.60 -21.13 -21.52
CA LYS A 369 1.43 -20.02 -22.00
C LYS A 369 2.25 -20.39 -23.23
N SER A 370 1.87 -21.46 -23.93
CA SER A 370 2.40 -21.73 -25.26
C SER A 370 1.33 -21.35 -26.28
N PRO A 371 1.68 -20.56 -27.30
CA PRO A 371 0.65 -19.98 -28.17
C PRO A 371 -0.25 -21.05 -28.77
N LEU A 372 -1.54 -20.74 -28.86
CA LEU A 372 -2.49 -21.66 -29.46
C LEU A 372 -2.21 -21.76 -30.96
N ASN A 373 -1.86 -22.97 -31.41
CA ASN A 373 -1.42 -23.18 -32.78
C ASN A 373 -2.57 -23.33 -33.76
N LEU A 374 -3.81 -23.43 -33.29
CA LEU A 374 -4.94 -23.62 -34.17
C LEU A 374 -5.10 -22.44 -35.13
N SER A 375 -5.49 -22.75 -36.36
CA SER A 375 -5.58 -21.76 -37.42
C SER A 375 -6.70 -20.77 -37.13
N PRO A 376 -6.57 -19.54 -37.63
CA PRO A 376 -7.72 -18.61 -37.57
C PRO A 376 -8.99 -19.20 -38.14
N GLU A 377 -8.90 -19.90 -39.27
CA GLU A 377 -10.07 -20.58 -39.83
C GLU A 377 -10.68 -21.54 -38.82
N LEU A 378 -9.86 -22.37 -38.18
CA LEU A 378 -10.37 -23.32 -37.20
C LEU A 378 -11.01 -22.62 -36.00
N GLN A 379 -10.42 -21.52 -35.55
CA GLN A 379 -11.00 -20.79 -34.42
C GLN A 379 -12.33 -20.18 -34.79
N ASP A 380 -12.42 -19.56 -35.97
CA ASP A 380 -13.70 -19.06 -36.47
C ASP A 380 -14.73 -20.17 -36.52
N GLU A 381 -14.34 -21.34 -37.03
CA GLU A 381 -15.27 -22.47 -37.14
C GLU A 381 -15.76 -22.91 -35.77
N ILE A 382 -14.86 -23.01 -34.79
CA ILE A 382 -15.26 -23.41 -33.44
C ILE A 382 -16.24 -22.39 -32.87
N GLY A 383 -15.93 -21.11 -33.02
CA GLY A 383 -16.84 -20.08 -32.54
C GLY A 383 -18.22 -20.18 -33.14
N THR A 384 -18.30 -20.28 -34.48
CA THR A 384 -19.60 -20.39 -35.13
C THR A 384 -20.36 -21.64 -34.69
N ALA A 385 -19.67 -22.78 -34.65
CA ALA A 385 -20.31 -24.02 -34.24
C ALA A 385 -20.87 -23.93 -32.83
N PHE A 386 -20.04 -23.50 -31.87
CA PHE A 386 -20.50 -23.42 -30.49
C PHE A 386 -21.53 -22.32 -30.27
N SER A 387 -21.61 -21.34 -31.17
CA SER A 387 -22.65 -20.33 -31.06
C SER A 387 -23.95 -20.72 -31.73
N LEU A 388 -23.93 -21.71 -32.64
CA LEU A 388 -25.13 -22.06 -33.40
C LEU A 388 -25.83 -23.33 -32.92
N PHE A 389 -25.15 -24.21 -32.18
CA PHE A 389 -25.76 -25.45 -31.71
C PHE A 389 -25.75 -25.51 -30.20
N LYS A 390 -26.80 -26.12 -29.64
CA LYS A 390 -27.00 -26.19 -28.19
C LYS A 390 -27.00 -27.62 -27.66
N THR A 391 -26.41 -28.56 -28.40
CA THR A 391 -26.32 -29.95 -27.94
C THR A 391 -24.95 -30.50 -28.32
N ASP A 392 -24.49 -31.47 -27.54
CA ASP A 392 -23.20 -32.11 -27.80
C ASP A 392 -23.14 -32.80 -29.16
N GLU A 393 -24.24 -33.44 -29.57
CA GLU A 393 -24.22 -34.25 -30.79
C GLU A 393 -24.04 -33.36 -32.01
N ASP A 394 -24.79 -32.26 -32.08
CA ASP A 394 -24.75 -31.39 -33.25
C ASP A 394 -23.36 -30.76 -33.41
N ILE A 395 -22.88 -30.12 -32.34
CA ILE A 395 -21.52 -29.57 -32.29
C ILE A 395 -20.51 -30.66 -32.63
N THR A 396 -20.75 -31.87 -32.11
CA THR A 396 -19.84 -32.98 -32.34
C THR A 396 -19.72 -33.28 -33.82
N GLY A 397 -20.83 -33.33 -34.54
CA GLY A 397 -20.76 -33.52 -35.98
C GLY A 397 -20.01 -32.40 -36.68
N ARG A 398 -20.45 -31.16 -36.43
CA ARG A 398 -19.85 -30.00 -37.09
C ARG A 398 -18.33 -30.00 -36.94
N LEU A 399 -17.83 -30.07 -35.71
CA LEU A 399 -16.39 -30.00 -35.50
C LEU A 399 -15.71 -31.37 -35.62
N LYS A 400 -16.47 -32.45 -35.73
CA LYS A 400 -15.94 -33.75 -36.12
C LYS A 400 -15.45 -33.74 -37.55
N ASP A 401 -16.08 -32.91 -38.39
CA ASP A 401 -15.52 -32.75 -39.73
C ASP A 401 -14.05 -32.33 -39.68
N ARG A 402 -13.72 -31.30 -38.90
CA ARG A 402 -12.46 -30.59 -39.13
C ARG A 402 -11.41 -30.63 -38.02
N ILE A 403 -11.70 -31.15 -36.82
CA ILE A 403 -10.66 -31.16 -35.78
C ILE A 403 -10.60 -32.52 -35.09
N GLN A 404 -9.44 -32.78 -34.49
CA GLN A 404 -9.12 -34.08 -33.92
C GLN A 404 -9.99 -34.39 -32.69
N PRO A 405 -10.32 -35.68 -32.48
CA PRO A 405 -11.37 -36.02 -31.51
C PRO A 405 -11.12 -35.57 -30.08
N GLU A 406 -9.91 -35.78 -29.55
CA GLU A 406 -9.63 -35.39 -28.17
C GLU A 406 -9.80 -33.89 -27.97
N ILE A 407 -9.36 -33.09 -28.93
CA ILE A 407 -9.49 -31.64 -28.85
C ILE A 407 -10.96 -31.24 -28.79
N LEU A 408 -11.78 -31.84 -29.65
CA LEU A 408 -13.20 -31.53 -29.65
C LEU A 408 -13.90 -31.91 -28.35
N GLU A 409 -13.57 -33.09 -27.80
CA GLU A 409 -14.16 -33.50 -26.53
C GLU A 409 -13.77 -32.54 -25.41
N ALA A 410 -12.51 -32.11 -25.39
CA ALA A 410 -12.05 -31.15 -24.40
C ALA A 410 -12.81 -29.83 -24.59
N LEU A 411 -12.98 -29.39 -25.83
CA LEU A 411 -13.69 -28.15 -26.12
C LEU A 411 -15.15 -28.20 -25.71
N LEU A 412 -15.81 -29.34 -25.91
CA LEU A 412 -17.23 -29.43 -25.55
C LEU A 412 -17.42 -29.26 -24.05
N LYS A 413 -16.42 -29.67 -23.27
CA LYS A 413 -16.35 -29.31 -21.87
C LYS A 413 -15.81 -27.89 -21.74
N HIS A 414 -16.36 -27.16 -20.77
CA HIS A 414 -15.97 -25.85 -20.25
C HIS A 414 -16.38 -24.68 -21.14
N ILE A 415 -16.89 -24.90 -22.35
CA ILE A 415 -17.15 -23.78 -23.26
C ILE A 415 -18.63 -23.54 -23.49
N SER A 416 -19.03 -22.27 -23.33
CA SER A 416 -20.36 -21.76 -23.63
C SER A 416 -20.25 -20.45 -24.41
N PHE A 417 -20.84 -20.41 -25.61
CA PHE A 417 -20.74 -19.25 -26.49
C PHE A 417 -22.12 -18.72 -26.89
N ASP A 418 -22.16 -17.46 -27.34
CA ASP A 418 -23.40 -16.74 -27.65
C ASP A 418 -23.05 -15.44 -28.37
N LYS A 419 -24.07 -14.59 -28.61
CA LYS A 419 -23.84 -13.18 -28.92
C LYS A 419 -23.19 -12.88 -30.28
N PHE A 420 -23.98 -12.67 -31.34
CA PHE A 420 -23.44 -12.39 -32.67
C PHE A 420 -23.27 -10.87 -32.92
N VAL A 421 -22.53 -10.53 -34.00
CA VAL A 421 -21.94 -9.19 -34.17
C VAL A 421 -22.24 -8.43 -35.47
N GLN A 422 -23.25 -8.82 -36.25
CA GLN A 422 -23.72 -8.05 -37.42
C GLN A 422 -22.69 -7.91 -38.56
N ILE A 423 -21.84 -8.90 -38.83
CA ILE A 423 -21.05 -8.89 -40.06
C ILE A 423 -20.80 -10.35 -40.45
N SER A 424 -20.62 -10.59 -41.75
CA SER A 424 -20.31 -11.92 -42.26
C SER A 424 -18.81 -12.15 -42.17
N LEU A 425 -18.45 -13.36 -41.78
CA LEU A 425 -17.04 -13.69 -41.64
C LEU A 425 -16.25 -13.43 -42.91
N LYS A 426 -16.89 -13.51 -44.07
CA LYS A 426 -16.22 -13.10 -45.31
C LYS A 426 -15.93 -11.59 -45.30
N ALA A 427 -16.93 -10.80 -44.92
CA ALA A 427 -16.74 -9.35 -44.86
C ALA A 427 -15.72 -8.97 -43.79
N LEU A 428 -15.82 -9.57 -42.60
CA LEU A 428 -14.82 -9.27 -41.58
C LEU A 428 -13.43 -9.77 -41.96
N ARG A 429 -13.35 -10.90 -42.65
CA ARG A 429 -12.06 -11.39 -43.17
C ARG A 429 -11.44 -10.38 -44.12
N ARG A 430 -12.25 -9.77 -44.99
CA ARG A 430 -11.69 -8.76 -45.88
C ARG A 430 -11.32 -7.50 -45.11
N ILE A 431 -12.11 -7.14 -44.10
CA ILE A 431 -11.89 -5.89 -43.38
C ILE A 431 -10.64 -5.96 -42.50
N VAL A 432 -10.43 -7.05 -41.78
CA VAL A 432 -9.36 -7.02 -40.79
C VAL A 432 -7.95 -7.04 -41.41
N PRO A 433 -7.65 -7.73 -42.53
CA PRO A 433 -6.38 -7.43 -43.21
C PRO A 433 -6.26 -5.98 -43.67
N LEU A 434 -7.36 -5.41 -44.17
CA LEU A 434 -7.33 -4.01 -44.57
C LEU A 434 -7.09 -3.11 -43.36
N MET A 435 -7.72 -3.43 -42.24
CA MET A 435 -7.59 -2.60 -41.05
C MET A 435 -6.24 -2.74 -40.37
N GLU A 436 -5.61 -3.92 -40.48
CA GLU A 436 -4.32 -4.12 -39.81
C GLU A 436 -3.30 -3.12 -40.33
N GLN A 437 -3.29 -2.90 -41.65
CA GLN A 437 -2.43 -1.90 -42.26
C GLN A 437 -2.56 -0.55 -41.55
N GLY A 438 -3.77 -0.21 -41.13
CA GLY A 438 -4.11 1.06 -40.49
C GLY A 438 -5.55 1.41 -40.88
N LYS A 439 -5.74 2.68 -41.30
CA LYS A 439 -6.97 2.98 -42.02
C LYS A 439 -8.27 2.74 -41.26
N ARG A 440 -8.71 3.72 -40.45
CA ARG A 440 -9.95 3.68 -39.68
C ARG A 440 -11.08 2.97 -40.43
N TYR A 441 -12.09 2.51 -39.70
CA TYR A 441 -13.01 1.49 -40.19
C TYR A 441 -13.73 1.92 -41.48
N ASP A 442 -14.29 3.12 -41.49
CA ASP A 442 -15.09 3.53 -42.64
C ASP A 442 -14.23 3.56 -43.91
N GLU A 443 -12.98 3.99 -43.79
CA GLU A 443 -12.11 4.04 -44.96
C GLU A 443 -11.93 2.65 -45.57
N ALA A 444 -11.62 1.65 -44.73
CA ALA A 444 -11.43 0.29 -45.25
C ALA A 444 -12.73 -0.25 -45.82
N CYS A 445 -13.84 -0.02 -45.12
CA CYS A 445 -15.13 -0.52 -45.59
C CYS A 445 -15.48 0.06 -46.96
N ALA A 446 -15.30 1.37 -47.12
CA ALA A 446 -15.55 2.01 -48.41
C ALA A 446 -14.59 1.50 -49.48
N GLU A 447 -13.31 1.35 -49.14
CA GLU A 447 -12.34 0.86 -50.12
C GLU A 447 -12.72 -0.52 -50.62
N ILE A 448 -13.29 -1.36 -49.76
CA ILE A 448 -13.61 -2.73 -50.17
C ILE A 448 -14.96 -2.79 -50.88
N TYR A 449 -16.02 -2.28 -50.25
CA TYR A 449 -17.33 -2.16 -50.89
C TYR A 449 -17.96 -0.81 -50.50
N GLY A 450 -17.71 0.20 -51.31
CA GLY A 450 -18.28 1.52 -51.04
C GLY A 450 -19.79 1.50 -51.19
N ASP A 451 -20.47 2.16 -50.25
CA ASP A 451 -21.93 2.21 -50.28
C ASP A 451 -22.41 3.35 -51.19
N THR A 458 -30.94 4.58 -52.64
CA THR A 458 -31.50 5.92 -52.46
C THR A 458 -32.76 6.11 -53.29
N GLU A 459 -33.89 5.61 -52.78
CA GLU A 459 -35.18 5.67 -53.46
C GLU A 459 -36.13 6.53 -52.62
N GLU A 460 -36.35 7.77 -53.06
CA GLU A 460 -37.16 8.74 -52.34
C GLU A 460 -38.64 8.64 -52.69
N LYS A 461 -39.48 8.85 -51.67
CA LYS A 461 -40.92 8.92 -51.82
C LYS A 461 -41.47 10.00 -50.90
N ILE A 462 -42.77 10.27 -51.01
CA ILE A 462 -43.37 11.38 -50.27
C ILE A 462 -43.44 11.08 -48.78
N TYR A 463 -43.94 9.91 -48.41
CA TYR A 463 -44.20 9.56 -47.02
C TYR A 463 -43.14 8.62 -46.47
N LEU A 464 -42.69 8.90 -45.24
CA LEU A 464 -41.70 8.04 -44.60
C LEU A 464 -42.21 6.61 -44.51
N PRO A 465 -41.45 5.63 -44.97
CA PRO A 465 -41.87 4.23 -44.86
C PRO A 465 -41.76 3.76 -43.42
N PRO A 466 -42.39 2.63 -43.09
CA PRO A 466 -42.31 2.11 -41.71
C PRO A 466 -40.87 1.96 -41.24
N ILE A 467 -40.69 2.02 -39.93
CA ILE A 467 -39.36 1.92 -39.32
C ILE A 467 -38.88 0.47 -39.41
N PRO A 468 -37.72 0.22 -40.03
CA PRO A 468 -37.25 -1.16 -40.16
C PRO A 468 -36.89 -1.74 -38.80
N ALA A 469 -37.62 -2.79 -38.40
CA ALA A 469 -37.39 -3.40 -37.10
C ALA A 469 -36.00 -4.02 -36.99
N ASP A 470 -35.38 -4.33 -38.13
CA ASP A 470 -34.05 -4.94 -38.12
C ASP A 470 -33.00 -3.95 -37.61
N GLU A 471 -33.01 -2.73 -38.13
CA GLU A 471 -32.00 -1.76 -37.73
C GLU A 471 -32.24 -1.24 -36.32
N ILE A 472 -33.48 -1.26 -35.85
CA ILE A 472 -33.83 -0.83 -34.50
C ILE A 472 -34.20 -2.03 -33.64
N ARG A 473 -33.23 -2.56 -32.91
CA ARG A 473 -33.36 -3.82 -32.19
C ARG A 473 -33.96 -3.64 -30.80
N ASN A 474 -34.72 -2.57 -30.56
CA ASN A 474 -35.15 -2.20 -29.22
C ASN A 474 -36.63 -1.84 -29.24
N PRO A 475 -37.44 -2.45 -28.36
CA PRO A 475 -38.89 -2.20 -28.41
C PRO A 475 -39.26 -0.75 -28.11
N VAL A 476 -38.64 -0.15 -27.08
CA VAL A 476 -38.97 1.22 -26.71
C VAL A 476 -38.60 2.17 -27.84
N VAL A 477 -37.39 2.00 -28.39
CA VAL A 477 -36.96 2.84 -29.51
C VAL A 477 -37.82 2.60 -30.73
N LEU A 478 -38.22 1.34 -30.96
CA LEU A 478 -39.04 1.05 -32.13
C LEU A 478 -40.40 1.73 -32.03
N ARG A 479 -41.02 1.68 -30.85
CA ARG A 479 -42.31 2.35 -30.70
C ARG A 479 -42.16 3.87 -30.78
N ALA A 480 -41.09 4.42 -30.19
CA ALA A 480 -40.90 5.87 -30.24
C ALA A 480 -40.70 6.33 -31.68
N LEU A 481 -39.87 5.62 -32.45
CA LEU A 481 -39.65 5.99 -33.85
C LEU A 481 -40.89 5.76 -34.69
N SER A 482 -41.68 4.72 -34.38
CA SER A 482 -42.92 4.48 -35.13
C SER A 482 -43.94 5.60 -34.89
N GLN A 483 -44.08 6.05 -33.64
CA GLN A 483 -45.00 7.15 -33.38
C GLN A 483 -44.47 8.46 -33.95
N ALA A 484 -43.15 8.64 -33.98
CA ALA A 484 -42.58 9.78 -34.68
C ALA A 484 -42.90 9.73 -36.17
N ARG A 485 -42.88 8.52 -36.75
CA ARG A 485 -43.27 8.33 -38.14
C ARG A 485 -44.73 8.72 -38.36
N LYS A 486 -45.62 8.27 -37.47
CA LYS A 486 -47.03 8.64 -37.59
C LYS A 486 -47.21 10.16 -37.52
N VAL A 487 -46.53 10.81 -36.56
CA VAL A 487 -46.60 12.26 -36.44
C VAL A 487 -46.14 12.91 -37.74
N ILE A 488 -45.01 12.45 -38.27
CA ILE A 488 -44.44 13.04 -39.48
C ILE A 488 -45.42 12.90 -40.64
N ASN A 489 -45.97 11.69 -40.82
CA ASN A 489 -46.85 11.43 -41.94
C ASN A 489 -48.11 12.29 -41.85
N GLY A 490 -48.69 12.41 -40.66
CA GLY A 490 -49.85 13.27 -40.50
C GLY A 490 -49.55 14.72 -40.83
N VAL A 491 -48.42 15.23 -40.31
CA VAL A 491 -48.03 16.60 -40.59
C VAL A 491 -47.85 16.83 -42.09
N VAL A 492 -47.21 15.88 -42.77
CA VAL A 492 -46.95 16.03 -44.20
C VAL A 492 -48.26 15.99 -44.97
N ARG A 493 -49.16 15.06 -44.63
CA ARG A 493 -50.47 15.02 -45.28
C ARG A 493 -51.18 16.36 -45.15
N ARG A 494 -51.16 16.93 -43.95
CA ARG A 494 -51.95 18.14 -43.73
C ARG A 494 -51.32 19.36 -44.39
N TYR A 495 -49.99 19.48 -44.39
CA TYR A 495 -49.35 20.70 -44.84
C TYR A 495 -48.34 20.52 -45.97
N GLY A 496 -48.21 19.31 -46.52
CA GLY A 496 -47.24 19.11 -47.57
C GLY A 496 -45.87 18.74 -47.02
N SER A 497 -44.92 18.63 -47.95
CA SER A 497 -43.59 18.17 -47.60
C SER A 497 -42.79 19.29 -46.92
N PRO A 498 -42.07 18.97 -45.85
CA PRO A 498 -41.28 19.98 -45.14
C PRO A 498 -39.99 20.32 -45.87
N ALA A 499 -39.50 21.52 -45.61
CA ALA A 499 -38.19 21.90 -46.13
C ALA A 499 -37.07 21.15 -45.43
N ARG A 500 -37.08 21.16 -44.10
CA ARG A 500 -36.07 20.48 -43.30
C ARG A 500 -36.76 19.87 -42.08
N ILE A 501 -36.13 18.84 -41.53
CA ILE A 501 -36.59 18.21 -40.29
C ILE A 501 -35.45 18.26 -39.27
N HIS A 502 -35.71 18.90 -38.14
CA HIS A 502 -34.77 18.95 -37.03
C HIS A 502 -35.25 18.01 -35.94
N ILE A 503 -34.32 17.34 -35.28
CA ILE A 503 -34.63 16.25 -34.36
C ILE A 503 -33.89 16.48 -33.05
N GLU A 504 -34.59 16.24 -31.94
CA GLU A 504 -34.00 16.29 -30.60
C GLU A 504 -34.59 15.11 -29.83
N THR A 505 -33.76 14.11 -29.56
CA THR A 505 -34.20 12.90 -28.87
C THR A 505 -33.72 12.95 -27.43
N ALA A 506 -34.54 12.45 -26.52
CA ALA A 506 -34.20 12.45 -25.11
C ALA A 506 -32.93 11.64 -24.86
N ARG A 507 -32.26 11.94 -23.76
CA ARG A 507 -31.07 11.16 -23.40
C ARG A 507 -31.42 9.71 -23.09
N GLU A 508 -32.64 9.46 -22.61
CA GLU A 508 -33.05 8.14 -22.15
C GLU A 508 -33.48 7.21 -23.28
N VAL A 509 -33.62 7.70 -24.51
CA VAL A 509 -34.04 6.83 -25.60
C VAL A 509 -32.87 5.95 -26.01
N GLY A 510 -33.08 4.63 -26.00
CA GLY A 510 -32.06 3.69 -26.39
C GLY A 510 -31.19 3.19 -25.26
N LYS A 511 -31.67 3.26 -24.02
CA LYS A 511 -30.90 2.87 -22.85
C LYS A 511 -31.58 1.70 -22.17
N SER A 512 -30.77 0.76 -21.68
CA SER A 512 -31.31 -0.37 -20.91
C SER A 512 -32.11 0.14 -19.73
N PHE A 513 -33.08 -0.68 -19.30
CA PHE A 513 -33.87 -0.31 -18.13
C PHE A 513 -32.98 -0.13 -16.90
N LYS A 514 -31.94 -0.97 -16.79
CA LYS A 514 -30.94 -0.77 -15.74
C LYS A 514 -30.27 0.59 -15.88
N ASP A 515 -29.81 0.93 -17.10
CA ASP A 515 -29.17 2.21 -17.33
C ASP A 515 -30.10 3.37 -16.94
N ARG A 516 -31.36 3.33 -17.39
CA ARG A 516 -32.28 4.42 -17.09
C ARG A 516 -32.56 4.53 -15.59
N LYS A 517 -32.69 3.38 -14.90
CA LYS A 517 -32.88 3.41 -13.45
C LYS A 517 -31.68 4.04 -12.75
N GLU A 518 -30.48 3.69 -13.19
CA GLU A 518 -29.28 4.24 -12.57
C GLU A 518 -29.15 5.74 -12.84
N ILE A 519 -29.53 6.17 -14.06
CA ILE A 519 -29.52 7.58 -14.40
C ILE A 519 -30.48 8.36 -13.51
N GLU A 520 -31.69 7.82 -13.31
CA GLU A 520 -32.63 8.44 -12.37
C GLU A 520 -32.03 8.52 -10.97
N LYS A 521 -31.39 7.44 -10.53
CA LYS A 521 -30.77 7.43 -9.21
C LYS A 521 -29.77 8.58 -9.06
N ARG A 522 -28.84 8.69 -10.01
CA ARG A 522 -27.85 9.76 -9.91
C ARG A 522 -28.46 11.14 -10.10
N GLN A 523 -29.56 11.25 -10.87
CA GLN A 523 -30.23 12.54 -10.98
C GLN A 523 -30.75 13.00 -9.63
N GLU A 524 -31.32 12.07 -8.85
CA GLU A 524 -31.80 12.43 -7.51
C GLU A 524 -30.63 12.70 -6.57
N GLU A 525 -29.54 11.93 -6.71
CA GLU A 525 -28.31 12.20 -5.97
C GLU A 525 -27.84 13.64 -6.19
N ASN A 526 -27.78 14.05 -7.46
CA ASN A 526 -27.38 15.41 -7.80
C ASN A 526 -28.37 16.44 -7.27
N ARG A 527 -29.65 16.10 -7.26
CA ARG A 527 -30.64 16.98 -6.64
C ARG A 527 -30.26 17.30 -5.20
N LYS A 528 -30.00 16.27 -4.40
CA LYS A 528 -29.68 16.53 -2.99
C LYS A 528 -28.30 17.14 -2.82
N ASP A 529 -27.34 16.78 -3.67
CA ASP A 529 -26.01 17.41 -3.60
C ASP A 529 -26.11 18.91 -3.88
N ARG A 530 -26.86 19.29 -4.92
CA ARG A 530 -27.01 20.69 -5.25
C ARG A 530 -27.83 21.44 -4.21
N GLU A 531 -28.78 20.77 -3.55
CA GLU A 531 -29.53 21.42 -2.49
C GLU A 531 -28.63 21.71 -1.29
N LYS A 532 -27.72 20.78 -0.95
CA LYS A 532 -26.72 21.07 0.08
C LYS A 532 -25.83 22.23 -0.33
N ALA A 533 -25.40 22.26 -1.59
CA ALA A 533 -24.55 23.35 -2.07
C ALA A 533 -25.28 24.69 -2.00
N ALA A 534 -26.56 24.69 -2.36
CA ALA A 534 -27.35 25.91 -2.30
C ALA A 534 -27.50 26.38 -0.87
N ALA A 535 -27.72 25.46 0.07
CA ALA A 535 -27.76 25.83 1.48
C ALA A 535 -26.45 26.46 1.91
N LYS A 536 -25.33 25.95 1.39
CA LYS A 536 -24.03 26.55 1.73
C LYS A 536 -23.90 27.95 1.12
N PHE A 537 -24.38 28.14 -0.11
CA PHE A 537 -24.37 29.46 -0.72
C PHE A 537 -25.22 30.44 0.08
N ARG A 538 -26.38 29.98 0.56
CA ARG A 538 -27.23 30.83 1.38
C ARG A 538 -26.55 31.21 2.68
N GLU A 539 -25.87 30.26 3.32
CA GLU A 539 -25.16 30.55 4.56
C GLU A 539 -24.06 31.59 4.32
N TYR A 540 -23.28 31.42 3.24
CA TYR A 540 -22.21 32.37 2.98
C TYR A 540 -22.76 33.76 2.65
N PHE A 541 -23.82 33.82 1.84
CA PHE A 541 -24.44 35.08 1.43
C PHE A 541 -25.86 35.11 1.97
N PRO A 542 -26.04 35.46 3.24
CA PRO A 542 -27.40 35.44 3.79
C PRO A 542 -28.31 36.46 3.13
N ASN A 543 -27.81 37.65 2.86
CA ASN A 543 -28.55 38.70 2.16
C ASN A 543 -28.32 38.52 0.67
N PHE A 544 -29.30 37.96 -0.05
CA PHE A 544 -29.19 37.72 -1.48
C PHE A 544 -30.56 37.92 -2.13
N VAL A 545 -30.55 38.46 -3.35
CA VAL A 545 -31.77 38.76 -4.09
C VAL A 545 -32.45 37.45 -4.46
N GLY A 546 -33.59 37.16 -3.82
CA GLY A 546 -34.29 35.93 -4.09
C GLY A 546 -33.46 34.70 -3.79
N GLU A 547 -33.54 33.71 -4.68
CA GLU A 547 -32.92 32.40 -4.52
C GLU A 547 -31.82 32.18 -5.56
N PRO A 548 -30.75 31.46 -5.19
CA PRO A 548 -29.56 31.42 -6.05
C PRO A 548 -29.79 30.53 -7.27
N LYS A 549 -29.37 31.04 -8.43
CA LYS A 549 -29.48 30.31 -9.68
C LYS A 549 -28.32 29.32 -9.78
N SER A 550 -28.12 28.73 -10.95
CA SER A 550 -27.05 27.75 -11.11
C SER A 550 -25.69 28.42 -11.21
N LYS A 551 -25.61 29.51 -11.96
CA LYS A 551 -24.34 30.20 -12.17
C LYS A 551 -23.78 30.74 -10.86
N ASP A 552 -24.63 31.05 -9.88
CA ASP A 552 -24.13 31.56 -8.61
C ASP A 552 -23.40 30.48 -7.82
N ILE A 553 -24.03 29.30 -7.69
CA ILE A 553 -23.36 28.18 -7.05
C ILE A 553 -22.08 27.82 -7.81
N LEU A 554 -22.12 27.89 -9.14
CA LEU A 554 -20.90 27.65 -9.90
C LEU A 554 -19.83 28.69 -9.58
N LYS A 555 -20.23 29.95 -9.41
CA LYS A 555 -19.28 30.99 -9.02
C LYS A 555 -18.57 30.62 -7.73
N LEU A 556 -19.36 30.26 -6.71
CA LEU A 556 -18.77 29.94 -5.41
C LEU A 556 -17.90 28.69 -5.49
N ARG A 557 -18.37 27.67 -6.22
CA ARG A 557 -17.65 26.42 -6.33
C ARG A 557 -16.33 26.60 -7.08
N LEU A 558 -16.33 27.42 -8.13
CA LEU A 558 -15.09 27.74 -8.84
C LEU A 558 -14.17 28.58 -7.97
N TYR A 559 -14.74 29.47 -7.16
CA TYR A 559 -13.92 30.27 -6.25
C TYR A 559 -13.12 29.36 -5.33
N GLU A 560 -13.81 28.45 -4.63
CA GLU A 560 -13.12 27.52 -3.74
C GLU A 560 -12.22 26.55 -4.50
N GLN A 561 -12.59 26.19 -5.74
CA GLN A 561 -11.83 25.25 -6.54
C GLN A 561 -10.56 25.85 -7.11
N GLN A 562 -10.48 27.18 -7.20
CA GLN A 562 -9.36 27.88 -7.78
C GLN A 562 -8.41 28.44 -6.73
N HIS A 563 -8.56 28.02 -5.46
CA HIS A 563 -7.75 28.51 -4.35
C HIS A 563 -7.99 30.00 -4.09
N GLY A 564 -9.18 30.50 -4.40
CA GLY A 564 -9.44 31.90 -4.10
C GLY A 564 -8.70 32.85 -4.99
N LYS A 565 -8.25 32.37 -6.15
CA LYS A 565 -7.33 33.09 -7.01
C LYS A 565 -7.89 33.13 -8.43
N CYS A 566 -7.97 34.33 -9.00
CA CYS A 566 -8.41 34.45 -10.39
C CYS A 566 -7.43 33.69 -11.28
N LEU A 567 -7.98 32.83 -12.14
CA LEU A 567 -7.13 31.90 -12.86
C LEU A 567 -6.29 32.60 -13.93
N TYR A 568 -6.72 33.76 -14.41
CA TYR A 568 -6.00 34.43 -15.48
C TYR A 568 -4.84 35.27 -14.95
N SER A 569 -4.97 35.81 -13.73
CA SER A 569 -3.95 36.68 -13.16
C SER A 569 -3.27 36.12 -11.93
N GLY A 570 -3.98 35.36 -11.09
CA GLY A 570 -3.47 35.03 -9.78
C GLY A 570 -3.72 36.09 -8.73
N LYS A 571 -4.39 37.19 -9.08
CA LYS A 571 -4.76 38.18 -8.07
C LYS A 571 -5.89 37.64 -7.22
N GLU A 572 -5.79 37.87 -5.91
CA GLU A 572 -6.80 37.38 -4.99
C GLU A 572 -8.14 38.04 -5.30
N ILE A 573 -9.22 37.29 -5.08
CA ILE A 573 -10.56 37.78 -5.36
C ILE A 573 -11.36 37.82 -4.06
N ASN A 574 -12.10 38.90 -3.88
CA ASN A 574 -12.82 39.14 -2.64
C ASN A 574 -14.07 38.28 -2.57
N LEU A 575 -14.17 37.44 -1.53
CA LEU A 575 -15.42 36.72 -1.40
C LEU A 575 -16.44 37.73 -0.86
N GLY A 576 -17.71 37.50 -1.11
CA GLY A 576 -18.74 38.43 -0.70
C GLY A 576 -18.93 39.58 -1.65
N ARG A 577 -17.90 39.90 -2.44
CA ARG A 577 -17.98 40.75 -3.61
C ARG A 577 -18.18 39.91 -4.86
N LEU A 578 -18.63 38.66 -4.67
CA LEU A 578 -18.81 37.73 -5.78
C LEU A 578 -19.99 38.14 -6.62
N ASN A 579 -21.08 38.57 -5.98
CA ASN A 579 -22.29 38.97 -6.67
C ASN A 579 -22.42 40.48 -6.79
N GLU A 580 -21.45 41.22 -6.24
CA GLU A 580 -21.24 42.59 -6.70
C GLU A 580 -21.08 42.45 -8.20
N LYS A 581 -22.04 42.99 -8.96
CA LYS A 581 -22.13 42.73 -10.39
C LYS A 581 -20.84 43.06 -11.12
N GLY A 582 -20.41 42.17 -12.02
CA GLY A 582 -19.26 42.44 -12.85
C GLY A 582 -17.91 42.29 -12.19
N TYR A 583 -17.86 42.05 -10.87
CA TYR A 583 -16.56 41.87 -10.23
C TYR A 583 -15.87 40.59 -10.68
N VAL A 584 -16.63 39.50 -10.80
CA VAL A 584 -16.09 38.23 -11.27
C VAL A 584 -16.98 37.70 -12.40
N GLU A 585 -16.35 37.17 -13.43
CA GLU A 585 -17.06 36.58 -14.55
C GLU A 585 -16.74 35.09 -14.65
N ILE A 586 -17.68 34.36 -15.23
CA ILE A 586 -17.49 32.97 -15.60
C ILE A 586 -17.01 32.99 -17.05
N ASP A 587 -15.71 32.85 -17.24
CA ASP A 587 -15.15 32.88 -18.58
C ASP A 587 -15.11 31.48 -19.17
N HIS A 588 -15.46 31.41 -20.46
CA HIS A 588 -15.25 30.20 -21.24
C HIS A 588 -13.79 30.19 -21.69
N ALA A 589 -13.03 29.19 -21.23
CA ALA A 589 -11.62 29.10 -21.58
C ALA A 589 -11.50 29.09 -23.09
N LEU A 590 -11.99 28.04 -23.72
CA LEU A 590 -12.18 28.05 -25.16
C LEU A 590 -13.37 28.96 -25.50
N PRO A 591 -13.22 29.86 -26.46
CA PRO A 591 -14.31 30.83 -26.72
C PRO A 591 -15.52 30.14 -27.33
N PHE A 592 -16.70 30.53 -26.82
CA PHE A 592 -17.94 29.91 -27.29
C PHE A 592 -18.14 30.09 -28.79
N SER A 593 -17.74 31.25 -29.32
CA SER A 593 -17.95 31.52 -30.74
C SER A 593 -17.24 30.51 -31.63
N ARG A 594 -16.12 29.95 -31.17
CA ARG A 594 -15.32 29.05 -31.97
C ARG A 594 -15.52 27.58 -31.62
N THR A 595 -16.17 27.28 -30.51
CA THR A 595 -16.36 25.90 -30.08
C THR A 595 -17.79 25.54 -29.75
N TRP A 596 -18.67 26.50 -29.50
CA TRP A 596 -20.06 26.24 -29.09
C TRP A 596 -20.08 25.27 -27.92
N ASP A 597 -19.11 25.42 -27.02
CA ASP A 597 -18.93 24.51 -25.89
C ASP A 597 -19.06 25.35 -24.63
N ASP A 598 -20.14 25.12 -23.87
CA ASP A 598 -20.26 25.63 -22.51
C ASP A 598 -20.48 24.44 -21.58
N SER A 599 -19.44 23.63 -21.45
CA SER A 599 -19.42 22.53 -20.49
C SER A 599 -19.06 23.07 -19.10
N PHE A 600 -19.01 22.16 -18.13
CA PHE A 600 -18.44 22.49 -16.83
C PHE A 600 -16.94 22.29 -16.82
N ASN A 601 -16.37 21.83 -17.93
CA ASN A 601 -14.94 21.69 -18.13
C ASN A 601 -14.30 22.91 -18.79
N ASN A 602 -15.12 23.85 -19.26
CA ASN A 602 -14.66 25.00 -20.04
C ASN A 602 -15.07 26.30 -19.36
N LYS A 603 -15.25 26.25 -18.04
CA LYS A 603 -15.72 27.41 -17.29
C LYS A 603 -14.75 27.68 -16.15
N VAL A 604 -14.17 28.88 -16.12
CA VAL A 604 -13.26 29.29 -15.07
C VAL A 604 -13.78 30.59 -14.46
N LEU A 605 -13.35 30.87 -13.23
CA LEU A 605 -13.77 32.05 -12.52
C LEU A 605 -12.64 33.08 -12.57
N VAL A 606 -12.90 34.20 -13.24
CA VAL A 606 -11.89 35.23 -13.46
C VAL A 606 -12.42 36.57 -12.96
N LEU A 607 -11.50 37.54 -12.86
CA LEU A 607 -11.87 38.89 -12.46
C LEU A 607 -12.38 39.68 -13.65
N GLY A 608 -13.29 40.61 -13.37
CA GLY A 608 -13.81 41.47 -14.42
C GLY A 608 -12.69 42.31 -15.04
N SER A 609 -11.73 42.73 -14.23
CA SER A 609 -10.65 43.57 -14.73
C SER A 609 -9.76 42.80 -15.69
N GLU A 610 -9.39 41.57 -15.34
CA GLU A 610 -8.44 40.81 -16.14
C GLU A 610 -9.09 40.25 -17.41
N ASN A 611 -10.37 39.89 -17.34
CA ASN A 611 -11.08 39.31 -18.49
C ASN A 611 -11.72 40.41 -19.34
N GLN A 612 -10.86 41.30 -19.85
CA GLN A 612 -11.26 42.30 -20.83
C GLN A 612 -10.26 42.45 -21.96
N ASN A 613 -9.11 41.79 -21.88
CA ASN A 613 -8.09 41.85 -22.92
C ASN A 613 -7.82 40.48 -23.52
N LYS A 614 -8.53 39.44 -23.08
CA LYS A 614 -8.35 38.11 -23.66
C LYS A 614 -8.83 38.07 -25.09
N GLY A 615 -9.98 38.69 -25.38
CA GLY A 615 -10.52 38.63 -26.72
C GLY A 615 -11.15 37.26 -26.98
N ASN A 616 -11.18 36.87 -28.26
CA ASN A 616 -11.70 35.56 -28.66
C ASN A 616 -10.60 34.53 -28.84
N GLN A 617 -9.59 34.56 -27.97
CA GLN A 617 -8.48 33.63 -28.05
C GLN A 617 -8.65 32.53 -27.02
N THR A 618 -8.02 31.40 -27.31
CA THR A 618 -8.01 30.33 -26.33
C THR A 618 -6.99 30.68 -25.24
N PRO A 619 -7.08 30.03 -24.08
CA PRO A 619 -6.08 30.33 -23.04
C PRO A 619 -4.66 30.06 -23.49
N TYR A 620 -4.45 29.03 -24.32
CA TYR A 620 -3.11 28.79 -24.86
C TYR A 620 -2.67 29.91 -25.80
N GLU A 621 -3.56 30.42 -26.64
CA GLU A 621 -3.20 31.42 -27.63
C GLU A 621 -3.13 32.83 -27.06
N TYR A 622 -3.50 33.02 -25.79
CA TYR A 622 -3.53 34.33 -25.16
C TYR A 622 -2.30 34.54 -24.27
N PHE A 623 -1.83 33.49 -23.60
CA PHE A 623 -0.61 33.56 -22.80
C PHE A 623 0.59 33.14 -23.64
N ASN A 624 0.42 33.24 -24.95
CA ASN A 624 1.29 32.90 -26.08
C ASN A 624 1.52 31.41 -26.26
N GLY A 625 1.59 30.63 -25.18
CA GLY A 625 1.78 29.19 -25.29
C GLY A 625 2.75 28.63 -26.33
N LYS A 626 3.38 29.45 -27.18
CA LYS A 626 4.25 28.94 -28.25
C LYS A 626 5.71 29.26 -28.01
N ASP A 627 5.99 30.34 -27.30
CA ASP A 627 7.33 30.69 -26.85
C ASP A 627 7.54 30.32 -25.38
N ASN A 628 6.55 29.65 -24.78
CA ASN A 628 6.56 29.32 -23.36
C ASN A 628 6.86 30.55 -22.51
N SER A 629 6.20 31.66 -22.86
CA SER A 629 6.27 32.88 -22.05
C SER A 629 6.00 32.55 -20.59
N ARG A 630 6.72 33.24 -19.69
CA ARG A 630 6.57 32.90 -18.28
C ARG A 630 5.18 33.24 -17.75
N GLU A 631 4.43 34.07 -18.46
CA GLU A 631 3.01 34.20 -18.13
C GLU A 631 2.28 32.91 -18.44
N TRP A 632 2.56 32.29 -19.60
CA TRP A 632 1.96 31.01 -19.92
C TRP A 632 2.39 29.91 -18.96
N GLN A 633 3.65 29.90 -18.54
CA GLN A 633 4.09 28.87 -17.62
C GLN A 633 3.48 29.07 -16.25
N GLU A 634 3.36 30.33 -15.81
CA GLU A 634 2.67 30.64 -14.57
C GLU A 634 1.22 30.20 -14.63
N PHE A 635 0.56 30.46 -15.75
CA PHE A 635 -0.85 30.08 -15.90
C PHE A 635 -1.02 28.57 -15.91
N LYS A 636 -0.17 27.86 -16.64
CA LYS A 636 -0.29 26.40 -16.68
C LYS A 636 -0.02 25.79 -15.31
N ALA A 637 0.96 26.33 -14.59
CA ALA A 637 1.20 25.88 -13.22
C ALA A 637 0.00 26.17 -12.33
N ARG A 638 -0.62 27.34 -12.49
CA ARG A 638 -1.79 27.69 -11.69
C ARG A 638 -2.94 26.73 -11.94
N VAL A 639 -3.23 26.43 -13.21
CA VAL A 639 -4.34 25.53 -13.49
C VAL A 639 -4.02 24.11 -13.04
N GLU A 640 -2.75 23.69 -13.12
CA GLU A 640 -2.41 22.34 -12.69
C GLU A 640 -2.48 22.18 -11.18
N THR A 641 -2.32 23.27 -10.41
CA THR A 641 -2.39 23.22 -8.96
C THR A 641 -3.76 23.59 -8.42
N SER A 642 -4.78 23.57 -9.27
CA SER A 642 -6.14 23.86 -8.85
C SER A 642 -6.88 22.53 -8.71
N ARG A 643 -7.99 22.57 -7.99
CA ARG A 643 -8.74 21.34 -7.73
C ARG A 643 -9.70 21.02 -8.87
N PHE A 644 -9.24 21.21 -10.09
CA PHE A 644 -9.89 20.86 -11.33
C PHE A 644 -9.75 19.37 -11.60
N PRO A 645 -10.77 18.73 -12.15
CA PRO A 645 -10.58 17.35 -12.64
C PRO A 645 -9.66 17.34 -13.85
N ARG A 646 -9.13 16.15 -14.16
CA ARG A 646 -8.17 16.03 -15.24
C ARG A 646 -8.75 16.51 -16.57
N SER A 647 -10.01 16.16 -16.84
CA SER A 647 -10.65 16.54 -18.10
C SER A 647 -10.68 18.07 -18.26
N LYS A 648 -11.06 18.78 -17.19
CA LYS A 648 -11.13 20.23 -17.25
C LYS A 648 -9.76 20.84 -17.55
N LYS A 649 -8.72 20.37 -16.85
CA LYS A 649 -7.38 20.87 -17.10
C LYS A 649 -6.91 20.55 -18.52
N GLN A 650 -7.30 19.39 -19.05
CA GLN A 650 -6.97 19.06 -20.42
C GLN A 650 -7.63 20.03 -21.39
N ARG A 651 -8.91 20.32 -21.19
CA ARG A 651 -9.61 21.21 -22.12
C ARG A 651 -9.09 22.64 -22.05
N ILE A 652 -8.78 23.12 -20.84
CA ILE A 652 -8.30 24.50 -20.69
C ILE A 652 -7.05 24.75 -21.52
N LEU A 653 -6.20 23.73 -21.68
CA LEU A 653 -4.90 23.83 -22.34
C LEU A 653 -4.86 22.98 -23.62
N LEU A 654 -5.87 23.08 -24.48
CA LEU A 654 -6.00 22.18 -25.63
C LEU A 654 -4.89 22.40 -26.67
N GLN A 655 -4.66 23.66 -27.04
CA GLN A 655 -3.61 24.17 -27.94
C GLN A 655 -3.79 23.91 -29.44
N LYS A 656 -4.35 22.75 -29.81
CA LYS A 656 -4.23 22.32 -31.20
C LYS A 656 -5.47 21.57 -31.67
N PHE A 657 -6.65 22.04 -31.31
CA PHE A 657 -7.83 21.28 -31.67
C PHE A 657 -8.30 21.62 -33.08
N ASP A 658 -9.28 20.84 -33.55
CA ASP A 658 -9.96 21.10 -34.82
C ASP A 658 -11.16 21.98 -34.48
N GLU A 659 -11.08 23.26 -34.85
CA GLU A 659 -12.13 24.21 -34.50
C GLU A 659 -13.50 23.74 -34.98
N ASP A 660 -13.63 23.53 -36.29
CA ASP A 660 -14.92 23.22 -36.88
C ASP A 660 -15.42 21.84 -36.45
N GLY A 661 -14.55 20.84 -36.48
CA GLY A 661 -14.93 19.52 -36.00
C GLY A 661 -15.42 19.52 -34.56
N PHE A 662 -14.74 20.28 -33.70
CA PHE A 662 -15.12 20.33 -32.28
C PHE A 662 -16.46 21.03 -32.11
N LYS A 663 -16.66 22.16 -32.78
CA LYS A 663 -17.94 22.85 -32.66
C LYS A 663 -19.06 22.02 -33.29
N GLU A 664 -18.76 21.20 -34.29
CA GLU A 664 -19.78 20.36 -34.89
C GLU A 664 -20.18 19.24 -33.95
N ARG A 665 -19.19 18.57 -33.33
CA ARG A 665 -19.52 17.54 -32.36
C ARG A 665 -20.29 18.11 -31.17
N ASN A 666 -19.95 19.32 -30.75
CA ASN A 666 -20.71 19.97 -29.69
C ASN A 666 -22.07 20.49 -30.17
N LEU A 667 -22.30 20.57 -31.49
CA LEU A 667 -23.54 21.17 -31.98
C LEU A 667 -24.64 20.15 -32.27
N ASN A 668 -24.31 18.90 -32.55
CA ASN A 668 -25.32 17.90 -32.85
C ASN A 668 -25.07 16.64 -32.02
N ASP A 669 -26.06 15.76 -32.01
CA ASP A 669 -26.03 14.54 -31.24
C ASP A 669 -25.79 13.36 -32.19
N THR A 670 -24.79 12.53 -31.85
CA THR A 670 -24.30 11.47 -32.72
C THR A 670 -24.67 10.07 -32.22
N ARG A 671 -25.65 9.98 -31.33
CA ARG A 671 -26.06 8.67 -30.80
C ARG A 671 -26.62 7.78 -31.90
N TYR A 672 -26.73 6.49 -31.55
CA TYR A 672 -27.14 5.45 -32.49
C TYR A 672 -28.50 5.80 -33.11
N VAL A 673 -29.45 6.17 -32.26
CA VAL A 673 -30.81 6.50 -32.71
C VAL A 673 -30.80 7.72 -33.63
N ASN A 674 -30.09 8.77 -33.24
CA ASN A 674 -30.12 10.02 -34.00
C ASN A 674 -29.46 9.87 -35.36
N ARG A 675 -28.31 9.20 -35.44
CA ARG A 675 -27.67 8.97 -36.73
C ARG A 675 -28.55 8.11 -37.63
N PHE A 676 -29.14 7.05 -37.07
CA PHE A 676 -30.03 6.22 -37.88
C PHE A 676 -31.20 7.04 -38.41
N LEU A 677 -31.81 7.87 -37.55
CA LEU A 677 -32.96 8.65 -37.96
C LEU A 677 -32.60 9.66 -39.04
N CYS A 678 -31.44 10.32 -38.90
CA CYS A 678 -31.05 11.31 -39.88
C CYS A 678 -30.81 10.67 -41.24
N GLN A 679 -30.13 9.52 -41.26
CA GLN A 679 -29.88 8.86 -42.54
C GLN A 679 -31.17 8.30 -43.14
N PHE A 680 -32.06 7.76 -42.31
CA PHE A 680 -33.29 7.16 -42.81
C PHE A 680 -34.22 8.23 -43.39
N VAL A 681 -34.48 9.30 -42.63
CA VAL A 681 -35.36 10.37 -43.09
C VAL A 681 -34.77 11.07 -44.31
N ALA A 682 -33.44 11.26 -44.33
CA ALA A 682 -32.82 11.86 -45.50
C ALA A 682 -33.01 10.99 -46.73
N ASP A 683 -32.89 9.66 -46.57
CA ASP A 683 -32.96 8.77 -47.73
C ASP A 683 -34.37 8.68 -48.30
N ARG A 684 -35.38 8.37 -47.49
CA ARG A 684 -36.65 7.92 -48.05
C ARG A 684 -37.83 8.89 -47.86
N MET A 685 -37.57 10.18 -47.69
CA MET A 685 -38.63 11.17 -47.54
C MET A 685 -38.44 12.28 -48.58
N ARG A 686 -39.51 13.03 -48.85
CA ARG A 686 -39.47 14.07 -49.88
C ARG A 686 -38.58 15.26 -49.47
N LEU A 687 -38.97 15.98 -48.42
CA LEU A 687 -38.10 16.94 -47.73
C LEU A 687 -37.34 17.87 -48.67
N THR A 688 -37.99 18.96 -49.07
CA THR A 688 -37.41 19.87 -50.06
C THR A 688 -36.27 20.71 -49.50
N GLY A 689 -35.26 20.03 -48.94
CA GLY A 689 -34.11 20.72 -48.39
C GLY A 689 -33.22 21.31 -49.47
N LYS A 690 -32.42 22.30 -49.06
CA LYS A 690 -31.50 22.92 -50.01
C LYS A 690 -30.47 21.93 -50.54
N GLY A 691 -30.03 20.97 -49.72
CA GLY A 691 -29.18 19.92 -50.22
C GLY A 691 -28.15 19.38 -49.24
N LYS A 692 -27.78 20.18 -48.23
CA LYS A 692 -26.81 19.74 -47.22
C LYS A 692 -27.53 19.15 -46.01
N LYS A 693 -27.68 17.83 -46.03
CA LYS A 693 -28.16 16.95 -44.97
C LYS A 693 -29.64 17.05 -44.62
N ARG A 694 -30.27 18.23 -44.79
CA ARG A 694 -31.72 18.37 -44.73
C ARG A 694 -32.37 17.75 -43.49
N VAL A 695 -31.58 17.16 -42.60
CA VAL A 695 -32.04 16.55 -41.35
C VAL A 695 -30.98 16.79 -40.30
N PHE A 696 -31.39 17.36 -39.16
CA PHE A 696 -30.46 17.82 -38.15
C PHE A 696 -30.85 17.24 -36.79
N ALA A 697 -29.88 16.66 -36.08
CA ALA A 697 -30.09 16.05 -34.77
C ALA A 697 -29.42 16.95 -33.72
N SER A 698 -30.21 17.84 -33.13
CA SER A 698 -29.68 18.85 -32.22
C SER A 698 -29.15 18.22 -30.93
N ASN A 699 -27.96 18.64 -30.52
CA ASN A 699 -27.43 18.26 -29.21
C ASN A 699 -28.31 18.82 -28.11
N GLY A 700 -28.69 17.95 -27.16
CA GLY A 700 -29.57 18.36 -26.08
C GLY A 700 -29.10 19.58 -25.32
N GLN A 701 -27.81 19.62 -24.97
CA GLN A 701 -27.28 20.73 -24.17
C GLN A 701 -27.50 22.07 -24.88
N ILE A 702 -27.17 22.13 -26.17
CA ILE A 702 -27.31 23.38 -26.91
C ILE A 702 -28.78 23.76 -27.03
N THR A 703 -29.67 22.77 -27.14
CA THR A 703 -31.09 23.05 -27.20
C THR A 703 -31.60 23.65 -25.89
N ASN A 704 -31.19 23.08 -24.75
CA ASN A 704 -31.54 23.66 -23.46
C ASN A 704 -31.00 25.08 -23.32
N LEU A 705 -29.77 25.31 -23.80
CA LEU A 705 -29.19 26.65 -23.78
C LEU A 705 -30.05 27.61 -24.58
N LEU A 706 -30.43 27.22 -25.80
CA LEU A 706 -31.26 28.06 -26.64
C LEU A 706 -32.62 28.32 -25.99
N ARG A 707 -33.17 27.34 -25.29
CA ARG A 707 -34.42 27.54 -24.57
C ARG A 707 -34.29 28.61 -23.50
N GLY A 708 -33.28 28.46 -22.64
CA GLY A 708 -33.04 29.44 -21.60
C GLY A 708 -32.85 30.83 -22.16
N PHE A 709 -31.99 30.97 -23.18
CA PHE A 709 -31.64 32.28 -23.70
C PHE A 709 -32.72 32.89 -24.61
N TRP A 710 -33.67 32.10 -25.11
CA TRP A 710 -34.79 32.62 -25.87
C TRP A 710 -36.02 32.85 -25.01
N GLY A 711 -35.86 32.87 -23.69
CA GLY A 711 -36.90 33.25 -22.77
C GLY A 711 -37.87 32.14 -22.43
N LEU A 712 -37.47 30.89 -22.62
CA LEU A 712 -38.34 29.75 -22.33
C LEU A 712 -37.87 29.11 -21.03
N ARG A 713 -38.23 29.75 -19.91
CA ARG A 713 -37.88 29.24 -18.60
C ARG A 713 -38.52 27.86 -18.39
N LYS A 714 -37.74 26.95 -17.81
CA LYS A 714 -38.28 25.62 -17.53
C LYS A 714 -39.44 25.73 -16.55
N VAL A 715 -40.65 25.58 -17.06
CA VAL A 715 -41.88 25.84 -16.33
C VAL A 715 -42.11 24.77 -15.28
N ARG A 716 -43.12 24.98 -14.42
CA ARG A 716 -43.45 24.05 -13.34
C ARG A 716 -44.79 23.42 -13.71
N ALA A 717 -44.74 22.46 -14.63
CA ALA A 717 -45.91 22.03 -15.38
C ALA A 717 -46.01 20.52 -15.36
N GLU A 718 -47.22 20.01 -15.14
CA GLU A 718 -47.48 18.60 -15.36
C GLU A 718 -47.60 18.27 -16.83
N ASN A 719 -47.90 19.27 -17.65
CA ASN A 719 -48.32 19.04 -19.03
C ASN A 719 -47.28 18.24 -19.81
N ASP A 720 -47.76 17.23 -20.54
CA ASP A 720 -46.97 16.72 -21.65
C ASP A 720 -46.79 17.77 -22.74
N ARG A 721 -47.46 18.92 -22.58
CA ARG A 721 -47.38 19.99 -23.57
C ARG A 721 -45.97 20.54 -23.71
N HIS A 722 -45.19 20.54 -22.63
CA HIS A 722 -43.84 21.09 -22.70
C HIS A 722 -43.01 20.40 -23.76
N HIS A 723 -43.36 19.15 -24.11
CA HIS A 723 -42.65 18.43 -25.17
C HIS A 723 -42.71 19.19 -26.48
N ALA A 724 -43.83 19.84 -26.77
CA ALA A 724 -43.94 20.64 -27.98
C ALA A 724 -43.06 21.88 -27.89
N LEU A 725 -42.94 22.47 -26.69
CA LEU A 725 -42.13 23.67 -26.52
C LEU A 725 -40.71 23.44 -27.03
N ASP A 726 -40.07 22.38 -26.54
CA ASP A 726 -38.74 22.02 -27.01
C ASP A 726 -38.72 21.84 -28.52
N ALA A 727 -39.78 21.21 -29.07
CA ALA A 727 -39.83 20.98 -30.51
C ALA A 727 -39.79 22.28 -31.29
N VAL A 728 -40.34 23.36 -30.72
CA VAL A 728 -40.23 24.67 -31.38
C VAL A 728 -38.78 25.10 -31.44
N VAL A 729 -38.07 24.99 -30.32
CA VAL A 729 -36.69 25.48 -30.24
C VAL A 729 -35.81 24.80 -31.28
N VAL A 730 -35.82 23.46 -31.29
CA VAL A 730 -35.04 22.71 -32.27
C VAL A 730 -35.41 23.11 -33.69
N ALA A 731 -36.66 23.52 -33.91
CA ALA A 731 -37.09 23.89 -35.26
C ALA A 731 -36.55 25.25 -35.69
N CYS A 732 -36.25 26.13 -34.74
CA CYS A 732 -35.67 27.43 -35.07
C CYS A 732 -34.15 27.40 -35.17
N SER A 733 -33.51 26.29 -34.79
CA SER A 733 -32.06 26.15 -34.83
C SER A 733 -31.65 25.79 -36.25
N THR A 734 -31.35 26.81 -37.04
CA THR A 734 -30.94 26.65 -38.42
C THR A 734 -29.54 27.23 -38.59
N VAL A 735 -28.91 26.88 -39.71
CA VAL A 735 -27.53 27.30 -39.96
C VAL A 735 -27.43 28.82 -39.95
N ALA A 736 -28.41 29.50 -40.57
CA ALA A 736 -28.39 30.96 -40.54
C ALA A 736 -28.53 31.49 -39.13
N MET A 737 -29.46 30.91 -38.35
CA MET A 737 -29.65 31.34 -36.97
C MET A 737 -28.40 31.05 -36.14
N GLN A 738 -27.79 29.88 -36.34
CA GLN A 738 -26.57 29.54 -35.62
C GLN A 738 -25.45 30.52 -35.94
N GLN A 739 -25.23 30.83 -37.22
CA GLN A 739 -24.17 31.76 -37.58
C GLN A 739 -24.46 33.17 -37.06
N LYS A 740 -25.73 33.56 -37.02
CA LYS A 740 -26.08 34.86 -36.42
C LYS A 740 -25.73 34.86 -34.93
N ILE A 741 -26.03 33.77 -34.24
CA ILE A 741 -25.71 33.63 -32.82
C ILE A 741 -24.19 33.68 -32.60
N THR A 742 -23.44 32.95 -33.44
CA THR A 742 -21.99 32.96 -33.36
C THR A 742 -21.43 34.36 -33.54
N ARG A 743 -21.93 35.09 -34.55
CA ARG A 743 -21.51 36.46 -34.77
C ARG A 743 -21.78 37.33 -33.54
N PHE A 744 -22.98 37.21 -32.97
CA PHE A 744 -23.30 38.01 -31.79
C PHE A 744 -22.36 37.70 -30.64
N VAL A 745 -22.12 36.42 -30.36
CA VAL A 745 -21.23 36.05 -29.27
C VAL A 745 -19.82 36.59 -29.54
N ARG A 746 -19.36 36.51 -30.79
CA ARG A 746 -18.07 37.06 -31.16
C ARG A 746 -17.98 38.54 -30.85
N TYR A 747 -18.91 39.33 -31.38
CA TYR A 747 -18.89 40.76 -31.10
C TYR A 747 -19.04 41.03 -29.61
N LYS A 748 -19.62 40.11 -28.85
CA LYS A 748 -19.77 40.32 -27.41
C LYS A 748 -18.48 40.02 -26.64
N GLU A 749 -17.65 39.08 -27.10
CA GLU A 749 -16.43 38.80 -26.37
C GLU A 749 -15.39 39.89 -26.60
N MET A 750 -15.41 40.54 -27.76
CA MET A 750 -14.57 41.70 -28.03
C MET A 750 -15.23 43.03 -27.67
N ASN A 751 -16.18 43.04 -26.74
CA ASN A 751 -16.77 44.30 -26.26
C ASN A 751 -17.42 45.16 -27.35
N ALA A 752 -18.66 44.80 -27.69
CA ALA A 752 -19.36 45.05 -28.95
C ALA A 752 -19.05 46.35 -29.71
N PHE A 753 -19.10 47.52 -29.10
CA PHE A 753 -19.01 48.73 -29.94
C PHE A 753 -17.58 49.05 -30.39
N VAL A 765 -24.27 48.39 -33.98
CA VAL A 765 -23.50 47.75 -32.92
C VAL A 765 -23.49 48.57 -31.64
N LEU A 766 -24.63 48.61 -30.97
CA LEU A 766 -24.77 49.29 -29.70
C LEU A 766 -24.64 48.28 -28.56
N HIS A 767 -24.89 48.72 -27.33
CA HIS A 767 -24.71 47.85 -26.16
C HIS A 767 -26.03 47.37 -25.58
N GLN A 768 -26.93 48.27 -25.20
CA GLN A 768 -28.14 47.91 -24.47
C GLN A 768 -29.06 47.00 -25.25
N LYS A 769 -29.61 47.51 -26.36
CA LYS A 769 -30.55 46.76 -27.19
C LYS A 769 -29.78 45.82 -28.11
N THR A 770 -29.09 44.87 -27.48
CA THR A 770 -28.42 43.77 -28.16
C THR A 770 -28.83 42.46 -27.52
N HIS A 771 -30.13 42.27 -27.40
CA HIS A 771 -30.69 40.98 -27.02
C HIS A 771 -30.01 39.88 -27.81
N PHE A 772 -29.68 38.79 -27.12
CA PHE A 772 -29.17 37.60 -27.78
C PHE A 772 -30.13 37.24 -28.92
N PRO A 773 -29.63 37.13 -30.17
CA PRO A 773 -30.51 36.89 -31.32
C PRO A 773 -31.59 35.86 -31.06
N GLN A 774 -32.81 36.28 -31.32
CA GLN A 774 -34.00 35.47 -31.19
C GLN A 774 -34.55 35.17 -32.57
N PRO A 775 -35.34 34.11 -32.72
CA PRO A 775 -35.87 33.80 -34.06
C PRO A 775 -36.71 34.92 -34.63
N TRP A 776 -37.43 35.64 -33.77
CA TRP A 776 -38.08 36.90 -34.09
C TRP A 776 -38.67 37.46 -32.80
N GLU A 777 -39.11 38.72 -32.86
CA GLU A 777 -39.48 39.44 -31.66
C GLU A 777 -40.71 38.85 -30.97
N PHE A 778 -40.70 38.89 -29.64
CA PHE A 778 -41.75 38.31 -28.80
C PHE A 778 -41.97 36.83 -29.10
N PHE A 779 -40.90 36.15 -29.52
CA PHE A 779 -40.95 34.71 -29.74
C PHE A 779 -41.41 33.98 -28.48
N ALA A 780 -40.77 34.30 -27.34
CA ALA A 780 -41.13 33.72 -26.05
C ALA A 780 -42.63 33.81 -25.78
N GLN A 781 -43.17 35.03 -25.82
CA GLN A 781 -44.57 35.23 -25.43
C GLN A 781 -45.52 34.48 -26.34
N GLU A 782 -45.29 34.54 -27.66
CA GLU A 782 -46.20 33.84 -28.56
C GLU A 782 -46.12 32.35 -28.34
N VAL A 783 -44.90 31.81 -28.21
CA VAL A 783 -44.74 30.37 -28.00
C VAL A 783 -45.45 29.94 -26.73
N MET A 784 -45.34 30.73 -25.66
CA MET A 784 -46.02 30.39 -24.42
C MET A 784 -47.54 30.39 -24.60
N ILE A 785 -48.08 31.42 -25.26
CA ILE A 785 -49.53 31.46 -25.49
C ILE A 785 -49.96 30.30 -26.38
N ARG A 786 -49.15 29.96 -27.38
CA ARG A 786 -49.50 28.92 -28.33
C ARG A 786 -49.47 27.54 -27.70
N VAL A 787 -48.55 27.31 -26.77
CA VAL A 787 -48.41 25.99 -26.15
C VAL A 787 -49.37 25.81 -24.98
N PHE A 788 -49.44 26.80 -24.09
CA PHE A 788 -50.21 26.66 -22.86
C PHE A 788 -51.53 27.41 -22.88
N GLY A 789 -51.78 28.25 -23.87
CA GLY A 789 -53.00 29.03 -23.91
C GLY A 789 -53.12 30.02 -22.77
N LYS A 790 -51.99 30.56 -22.30
CA LYS A 790 -51.94 31.47 -21.17
C LYS A 790 -50.75 32.39 -21.36
N PRO A 791 -50.85 33.67 -21.02
CA PRO A 791 -49.64 34.51 -20.93
C PRO A 791 -48.73 34.01 -19.83
N ASP A 792 -47.45 33.82 -20.18
CA ASP A 792 -46.48 33.25 -19.26
C ASP A 792 -46.44 34.02 -17.94
N GLY A 793 -46.16 33.29 -16.86
CA GLY A 793 -46.17 33.85 -15.53
C GLY A 793 -47.54 34.03 -14.93
N LYS A 794 -48.59 33.56 -15.59
CA LYS A 794 -49.93 33.53 -15.01
C LYS A 794 -50.49 32.11 -15.06
N PRO A 795 -49.87 31.14 -14.38
CA PRO A 795 -50.49 29.81 -14.29
C PRO A 795 -51.83 29.84 -13.58
N GLU A 796 -52.12 30.93 -12.86
CA GLU A 796 -53.42 31.10 -12.24
C GLU A 796 -54.50 31.41 -13.27
N PHE A 797 -54.11 32.02 -14.39
CA PHE A 797 -55.06 32.41 -15.42
C PHE A 797 -55.79 31.20 -15.98
N GLU A 798 -56.96 31.46 -16.56
CA GLU A 798 -57.71 30.43 -17.27
C GLU A 798 -57.18 30.27 -18.69
N GLU A 799 -57.27 29.04 -19.20
CA GLU A 799 -56.74 28.73 -20.51
C GLU A 799 -57.73 29.12 -21.60
N ALA A 800 -57.20 29.63 -22.72
CA ALA A 800 -57.97 29.83 -23.93
C ALA A 800 -58.27 28.48 -24.59
N ASP A 801 -59.36 27.84 -24.18
CA ASP A 801 -59.70 26.51 -24.68
C ASP A 801 -59.99 26.54 -26.19
N THR A 802 -60.57 27.63 -26.68
CA THR A 802 -61.18 27.64 -28.01
C THR A 802 -60.45 28.60 -28.95
N LEU A 803 -60.71 28.41 -30.25
CA LEU A 803 -60.16 29.29 -31.28
C LEU A 803 -60.44 30.76 -30.98
N GLU A 804 -61.71 31.10 -30.71
CA GLU A 804 -62.07 32.47 -30.37
C GLU A 804 -61.21 33.01 -29.23
N LYS A 805 -61.21 32.29 -28.10
CA LYS A 805 -60.47 32.71 -26.93
C LYS A 805 -58.98 32.88 -27.25
N LEU A 806 -58.40 31.90 -27.92
CA LEU A 806 -56.96 31.92 -28.19
C LEU A 806 -56.58 33.05 -29.14
N ARG A 807 -57.34 33.22 -30.22
CA ARG A 807 -57.02 34.25 -31.19
C ARG A 807 -57.22 35.64 -30.61
N THR A 808 -58.28 35.85 -29.81
CA THR A 808 -58.46 37.15 -29.17
C THR A 808 -57.35 37.42 -28.17
N LEU A 809 -56.92 36.40 -27.42
CA LEU A 809 -55.79 36.58 -26.50
C LEU A 809 -54.52 36.95 -27.26
N LEU A 810 -54.27 36.29 -28.40
CA LEU A 810 -53.07 36.58 -29.18
C LEU A 810 -53.12 37.99 -29.75
N ALA A 811 -54.27 38.42 -30.24
CA ALA A 811 -54.39 39.75 -30.80
C ALA A 811 -54.38 40.84 -29.73
N GLU A 812 -54.73 40.50 -28.50
CA GLU A 812 -54.69 41.49 -27.42
C GLU A 812 -53.29 41.63 -26.84
N LYS A 813 -52.67 40.51 -26.45
CA LYS A 813 -51.38 40.57 -25.79
C LYS A 813 -50.20 40.54 -26.76
N LEU A 814 -50.46 40.45 -28.06
CA LEU A 814 -49.44 40.58 -29.10
C LEU A 814 -49.96 41.41 -30.25
N SER A 815 -50.59 42.55 -29.93
CA SER A 815 -51.08 43.47 -30.95
C SER A 815 -49.99 43.88 -31.95
N SER A 816 -48.74 43.93 -31.50
CA SER A 816 -47.64 44.34 -32.38
C SER A 816 -47.43 43.37 -33.54
N ARG A 817 -47.65 42.08 -33.32
CA ARG A 817 -47.23 41.06 -34.27
C ARG A 817 -48.34 40.80 -35.30
N PRO A 818 -48.07 41.00 -36.59
CA PRO A 818 -49.14 40.82 -37.58
C PRO A 818 -49.50 39.37 -37.83
N GLU A 819 -48.49 38.50 -37.94
CA GLU A 819 -48.70 37.10 -38.27
C GLU A 819 -48.86 36.21 -37.05
N ALA A 820 -49.05 36.79 -35.86
CA ALA A 820 -49.28 35.97 -34.68
C ALA A 820 -50.60 35.21 -34.76
N VAL A 821 -51.58 35.73 -35.48
CA VAL A 821 -52.84 35.05 -35.73
C VAL A 821 -52.96 34.78 -37.22
N HIS A 822 -53.50 33.59 -37.56
CA HIS A 822 -53.70 33.17 -38.93
C HIS A 822 -54.57 31.92 -38.92
N GLU A 823 -54.75 31.31 -40.08
CA GLU A 823 -55.79 30.29 -40.31
C GLU A 823 -55.44 28.94 -39.73
N TYR A 824 -54.29 28.78 -39.07
CA TYR A 824 -53.89 27.50 -38.52
C TYR A 824 -53.79 27.49 -37.00
N VAL A 825 -53.93 28.65 -36.34
CA VAL A 825 -53.73 28.74 -34.90
C VAL A 825 -54.93 28.11 -34.20
N THR A 826 -54.75 26.89 -33.71
CA THR A 826 -55.74 26.19 -32.91
C THR A 826 -55.15 25.80 -31.57
N PRO A 827 -55.97 25.77 -30.51
CA PRO A 827 -55.49 25.33 -29.21
C PRO A 827 -54.81 23.97 -29.28
N LEU A 828 -53.73 23.81 -28.50
CA LEU A 828 -53.03 22.54 -28.43
C LEU A 828 -53.88 21.52 -27.69
N PHE A 829 -54.07 20.36 -28.32
CA PHE A 829 -54.73 19.23 -27.66
C PHE A 829 -53.85 18.01 -27.84
N VAL A 830 -53.35 17.47 -26.73
CA VAL A 830 -52.42 16.35 -26.79
C VAL A 830 -53.16 15.10 -27.27
N SER A 831 -52.52 14.37 -28.18
CA SER A 831 -53.14 13.20 -28.79
C SER A 831 -52.57 11.95 -28.13
N ARG A 832 -53.44 11.14 -27.54
CA ARG A 832 -53.03 9.90 -26.89
C ARG A 832 -53.26 8.76 -27.87
N ALA A 833 -52.18 8.05 -28.19
CA ALA A 833 -52.31 6.85 -29.01
C ALA A 833 -53.37 5.92 -28.41
N PRO A 834 -54.34 5.46 -29.19
CA PRO A 834 -55.42 4.66 -28.63
C PRO A 834 -54.99 3.20 -28.52
N ASN A 835 -55.86 2.41 -27.89
CA ASN A 835 -55.57 0.99 -27.66
C ASN A 835 -56.92 0.28 -27.70
N ARG A 836 -57.30 -0.15 -28.89
CA ARG A 836 -58.57 -0.79 -29.14
C ARG A 836 -58.44 -2.29 -29.23
N LYS A 837 -57.30 -2.82 -28.80
CA LYS A 837 -57.03 -4.26 -28.85
C LYS A 837 -58.11 -5.03 -28.10
N MET A 838 -58.60 -6.10 -28.72
CA MET A 838 -59.70 -6.90 -28.18
C MET A 838 -59.20 -8.14 -27.46
N SER A 839 -57.88 -8.30 -27.32
CA SER A 839 -57.27 -9.52 -26.81
C SER A 839 -56.56 -9.22 -25.50
N GLY A 840 -56.06 -10.29 -24.86
CA GLY A 840 -55.39 -10.13 -23.59
C GLY A 840 -55.71 -11.24 -22.60
N GLN A 841 -55.02 -11.23 -21.47
CA GLN A 841 -55.23 -12.15 -20.36
C GLN A 841 -56.72 -12.41 -20.12
N GLY A 842 -57.12 -13.69 -20.21
CA GLY A 842 -58.52 -14.03 -20.10
C GLY A 842 -59.02 -14.03 -18.67
N HIS A 843 -58.15 -14.35 -17.71
CA HIS A 843 -58.53 -14.43 -16.30
C HIS A 843 -57.27 -14.36 -15.46
N MET A 844 -57.46 -14.26 -14.15
CA MET A 844 -56.33 -14.21 -13.24
C MET A 844 -55.72 -15.59 -13.09
N GLU A 845 -54.51 -15.62 -12.51
CA GLU A 845 -53.62 -16.76 -12.64
C GLU A 845 -53.98 -17.89 -11.68
N THR A 846 -54.37 -17.57 -10.44
CA THR A 846 -54.69 -18.60 -9.47
C THR A 846 -56.12 -19.08 -9.63
N VAL A 847 -56.30 -20.39 -9.56
CA VAL A 847 -57.60 -21.03 -9.75
C VAL A 847 -58.13 -21.46 -8.39
N LYS A 848 -59.42 -21.23 -8.16
CA LYS A 848 -60.04 -21.43 -6.85
C LYS A 848 -61.18 -22.44 -6.94
N SER A 849 -61.46 -23.07 -5.81
CA SER A 849 -62.54 -24.05 -5.73
C SER A 849 -63.90 -23.39 -5.89
N ALA A 850 -64.74 -23.97 -6.74
CA ALA A 850 -66.01 -23.36 -7.11
C ALA A 850 -67.22 -24.14 -6.59
N LYS A 851 -67.01 -25.15 -5.75
CA LYS A 851 -68.13 -25.92 -5.21
C LYS A 851 -69.16 -25.00 -4.55
N ARG A 852 -68.73 -24.29 -3.51
CA ARG A 852 -69.62 -23.41 -2.75
C ARG A 852 -69.72 -22.06 -3.44
N LEU A 853 -70.33 -22.08 -4.64
CA LEU A 853 -70.52 -20.86 -5.40
C LEU A 853 -71.97 -20.39 -5.42
N ASP A 854 -72.90 -21.20 -4.92
CA ASP A 854 -74.25 -20.69 -4.67
C ASP A 854 -74.21 -19.65 -3.55
N GLU A 855 -73.44 -19.92 -2.50
CA GLU A 855 -72.99 -18.90 -1.58
C GLU A 855 -71.83 -18.14 -2.20
N GLY A 856 -71.78 -16.83 -1.94
CA GLY A 856 -70.77 -15.99 -2.55
C GLY A 856 -69.43 -16.23 -1.90
N VAL A 857 -68.75 -17.29 -2.33
CA VAL A 857 -67.49 -17.68 -1.75
C VAL A 857 -66.75 -18.64 -2.67
N SER A 858 -65.46 -18.81 -2.39
CA SER A 858 -64.63 -19.80 -3.06
C SER A 858 -63.56 -20.21 -2.07
N VAL A 859 -62.86 -21.31 -2.37
CA VAL A 859 -61.89 -21.85 -1.44
C VAL A 859 -60.53 -21.90 -2.12
N LEU A 860 -59.48 -21.59 -1.35
CA LEU A 860 -58.12 -21.63 -1.87
C LEU A 860 -57.22 -22.26 -0.82
N ARG A 861 -56.32 -23.14 -1.26
CA ARG A 861 -55.29 -23.70 -0.38
C ARG A 861 -54.25 -22.65 -0.07
N VAL A 862 -54.21 -22.20 1.18
CA VAL A 862 -53.27 -21.18 1.63
C VAL A 862 -52.21 -21.85 2.49
N PRO A 863 -50.94 -21.77 2.12
CA PRO A 863 -49.87 -22.29 2.98
C PRO A 863 -49.84 -21.54 4.31
N LEU A 864 -49.24 -22.19 5.30
CA LEU A 864 -49.05 -21.54 6.60
C LEU A 864 -48.02 -20.43 6.53
N THR A 865 -46.99 -20.59 5.69
CA THR A 865 -45.98 -19.54 5.51
C THR A 865 -46.59 -18.25 5.00
N GLN A 866 -47.71 -18.34 4.28
CA GLN A 866 -48.42 -17.19 3.74
C GLN A 866 -49.70 -16.87 4.52
N LEU A 867 -49.89 -17.52 5.67
CA LEU A 867 -51.14 -17.45 6.43
C LEU A 867 -51.16 -16.22 7.33
N LYS A 868 -52.11 -15.32 7.09
CA LYS A 868 -52.30 -14.14 7.92
C LYS A 868 -53.60 -14.27 8.71
N LEU A 869 -53.75 -13.39 9.72
CA LEU A 869 -54.89 -13.50 10.62
C LEU A 869 -56.21 -13.30 9.87
N LYS A 870 -56.24 -12.34 8.94
CA LYS A 870 -57.45 -12.10 8.17
C LYS A 870 -57.72 -13.20 7.15
N ASP A 871 -56.77 -14.12 6.94
CA ASP A 871 -57.07 -15.32 6.17
C ASP A 871 -57.70 -16.39 7.06
N LEU A 872 -57.02 -16.70 8.18
CA LEU A 872 -57.49 -17.74 9.08
C LEU A 872 -58.86 -17.43 9.67
N GLU A 873 -59.16 -16.16 9.90
CA GLU A 873 -60.49 -15.80 10.41
C GLU A 873 -61.60 -16.28 9.49
N LYS A 874 -61.27 -16.63 8.25
CA LYS A 874 -62.21 -17.16 7.27
C LYS A 874 -61.89 -18.60 6.87
N MET A 875 -61.14 -19.33 7.69
CA MET A 875 -60.91 -20.75 7.40
C MET A 875 -62.22 -21.52 7.34
N VAL A 876 -62.26 -22.51 6.44
CA VAL A 876 -63.45 -23.34 6.30
C VAL A 876 -63.69 -24.14 7.58
N ASN A 877 -62.62 -24.67 8.18
CA ASN A 877 -62.70 -25.49 9.39
C ASN A 877 -62.36 -24.69 10.63
N ARG A 878 -62.75 -23.41 10.66
CA ARG A 878 -62.65 -22.63 11.88
C ARG A 878 -63.62 -23.14 12.95
N GLU A 879 -64.82 -23.54 12.54
CA GLU A 879 -65.82 -24.04 13.47
C GLU A 879 -65.56 -25.50 13.86
N ARG A 880 -65.20 -26.34 12.89
CA ARG A 880 -65.10 -27.77 13.11
C ARG A 880 -63.72 -28.23 13.60
N GLU A 881 -62.72 -27.35 13.58
CA GLU A 881 -61.41 -27.65 14.15
C GLU A 881 -61.04 -26.60 15.18
N PRO A 882 -61.81 -26.52 16.29
CA PRO A 882 -61.53 -25.47 17.29
C PRO A 882 -60.17 -25.61 17.93
N LYS A 883 -59.72 -26.85 18.19
CA LYS A 883 -58.36 -27.05 18.66
C LYS A 883 -57.34 -26.48 17.68
N LEU A 884 -57.47 -26.85 16.41
CA LEU A 884 -56.58 -26.33 15.38
C LEU A 884 -56.72 -24.83 15.25
N TYR A 885 -57.95 -24.31 15.28
CA TYR A 885 -58.18 -22.87 15.17
C TYR A 885 -57.44 -22.15 16.29
N GLU A 886 -57.65 -22.57 17.54
CA GLU A 886 -57.01 -21.89 18.67
C GLU A 886 -55.50 -22.02 18.63
N ALA A 887 -54.98 -23.20 18.29
CA ALA A 887 -53.54 -23.39 18.19
C ALA A 887 -52.94 -22.45 17.15
N LEU A 888 -53.50 -22.45 15.94
CA LEU A 888 -53.00 -21.58 14.88
C LEU A 888 -53.13 -20.11 15.25
N LYS A 889 -54.27 -19.73 15.83
CA LYS A 889 -54.50 -18.33 16.21
C LYS A 889 -53.47 -17.87 17.24
N ALA A 890 -53.29 -18.65 18.31
CA ALA A 890 -52.30 -18.30 19.34
C ALA A 890 -50.90 -18.22 18.73
N ARG A 891 -50.52 -19.23 17.95
CA ARG A 891 -49.22 -19.24 17.29
C ARG A 891 -49.04 -17.98 16.46
N LEU A 892 -50.08 -17.60 15.71
CA LEU A 892 -50.05 -16.39 14.89
C LEU A 892 -49.91 -15.14 15.74
N GLU A 893 -50.59 -15.07 16.89
CA GLU A 893 -50.42 -13.94 17.80
C GLU A 893 -48.95 -13.74 18.15
N ALA A 894 -48.30 -14.83 18.59
CA ALA A 894 -46.86 -14.77 18.81
C ALA A 894 -46.15 -14.43 17.51
N HIS A 895 -44.95 -13.85 17.64
CA HIS A 895 -44.13 -13.41 16.52
C HIS A 895 -44.78 -12.27 15.73
N LYS A 896 -45.75 -11.60 16.34
CA LYS A 896 -46.38 -10.39 15.80
C LYS A 896 -46.95 -10.59 14.39
N ASP A 897 -47.80 -11.61 14.25
CA ASP A 897 -48.60 -11.80 13.03
C ASP A 897 -47.69 -11.93 11.79
N ASP A 898 -46.51 -12.49 11.96
CA ASP A 898 -45.64 -12.69 10.81
C ASP A 898 -45.82 -14.11 10.27
N PRO A 899 -46.51 -14.25 9.13
CA PRO A 899 -46.86 -15.60 8.65
C PRO A 899 -45.66 -16.52 8.42
N ALA A 900 -44.66 -16.05 7.66
CA ALA A 900 -43.51 -16.89 7.38
C ALA A 900 -42.72 -17.23 8.65
N LYS A 901 -42.71 -16.32 9.63
CA LYS A 901 -41.97 -16.56 10.86
C LYS A 901 -42.71 -17.48 11.82
N ALA A 902 -44.03 -17.30 11.98
CA ALA A 902 -44.78 -18.05 12.99
C ALA A 902 -44.74 -19.54 12.72
N PHE A 903 -44.94 -19.97 11.48
CA PHE A 903 -45.01 -21.38 11.12
C PHE A 903 -43.73 -21.90 10.48
N ALA A 904 -42.58 -21.32 10.84
CA ALA A 904 -41.30 -21.85 10.37
C ALA A 904 -40.95 -23.19 11.02
N GLU A 905 -41.57 -23.53 12.14
CA GLU A 905 -41.32 -24.80 12.81
C GLU A 905 -42.54 -25.71 12.67
N PRO A 906 -42.32 -26.99 12.35
CA PRO A 906 -43.44 -27.86 11.92
C PRO A 906 -44.65 -27.80 12.83
N PHE A 907 -45.83 -27.72 12.20
CA PHE A 907 -47.11 -27.58 12.88
C PHE A 907 -47.93 -28.84 12.65
N TYR A 908 -48.43 -29.42 13.73
CA TYR A 908 -49.18 -30.68 13.67
C TYR A 908 -50.59 -30.51 14.22
N LYS A 909 -51.41 -31.52 13.97
CA LYS A 909 -52.74 -31.63 14.54
C LYS A 909 -52.70 -32.53 15.77
N TYR A 910 -53.66 -32.33 16.67
CA TYR A 910 -53.68 -33.04 17.93
C TYR A 910 -55.04 -33.64 18.19
N ASP A 911 -55.06 -34.86 18.74
CA ASP A 911 -56.29 -35.54 19.07
C ASP A 911 -56.78 -35.12 20.45
N LYS A 912 -57.89 -35.73 20.89
CA LYS A 912 -58.45 -35.38 22.20
C LYS A 912 -57.53 -35.76 23.34
N ALA A 913 -56.75 -36.84 23.17
CA ALA A 913 -55.90 -37.35 24.23
C ALA A 913 -54.51 -36.72 24.24
N GLY A 914 -54.32 -35.61 23.54
CA GLY A 914 -53.06 -34.92 23.58
C GLY A 914 -51.98 -35.47 22.67
N ASN A 915 -52.25 -36.53 21.91
CA ASN A 915 -51.23 -37.11 21.06
C ASN A 915 -51.03 -36.29 19.79
N ARG A 916 -49.79 -36.32 19.29
CA ARG A 916 -49.44 -35.74 18.00
C ARG A 916 -49.83 -36.72 16.91
N THR A 917 -50.55 -36.25 15.90
CA THR A 917 -50.99 -37.18 14.86
C THR A 917 -50.44 -36.91 13.47
N GLN A 918 -50.69 -35.73 12.90
CA GLN A 918 -50.32 -35.50 11.50
C GLN A 918 -50.03 -34.03 11.24
N GLN A 919 -49.00 -33.79 10.44
CA GLN A 919 -48.50 -32.45 10.12
C GLN A 919 -49.56 -31.66 9.34
N VAL A 920 -49.29 -30.37 9.18
CA VAL A 920 -50.06 -29.48 8.32
C VAL A 920 -49.11 -28.66 7.47
N LYS A 921 -49.34 -28.62 6.15
CA LYS A 921 -48.62 -27.73 5.25
C LYS A 921 -49.42 -26.51 4.83
N ALA A 922 -50.73 -26.68 4.62
CA ALA A 922 -51.58 -25.63 4.09
C ALA A 922 -53.02 -25.94 4.49
N VAL A 923 -53.80 -24.89 4.71
CA VAL A 923 -55.19 -25.07 5.09
C VAL A 923 -56.07 -24.36 4.06
N ARG A 924 -57.32 -24.81 3.96
CA ARG A 924 -58.26 -24.20 3.02
C ARG A 924 -58.84 -22.93 3.61
N VAL A 925 -58.92 -21.89 2.79
CA VAL A 925 -59.34 -20.57 3.24
C VAL A 925 -60.47 -20.10 2.33
N GLU A 926 -61.55 -19.62 2.95
CA GLU A 926 -62.66 -19.03 2.23
C GLU A 926 -62.31 -17.65 1.73
N GLN A 927 -62.85 -17.30 0.56
CA GLN A 927 -62.64 -16.00 -0.05
C GLN A 927 -63.94 -15.54 -0.69
N VAL A 928 -64.07 -14.23 -0.86
CA VAL A 928 -65.24 -13.65 -1.49
C VAL A 928 -65.18 -13.89 -3.00
N GLN A 929 -66.32 -14.24 -3.59
CA GLN A 929 -66.37 -14.48 -5.04
C GLN A 929 -67.81 -14.19 -5.49
N LYS A 930 -68.03 -12.99 -6.04
CA LYS A 930 -69.32 -12.64 -6.61
C LYS A 930 -69.36 -12.77 -8.13
N THR A 931 -68.19 -12.89 -8.77
CA THR A 931 -68.11 -13.09 -10.21
C THR A 931 -66.86 -13.90 -10.48
N GLY A 932 -66.75 -14.43 -11.70
CA GLY A 932 -65.56 -15.15 -12.05
C GLY A 932 -65.59 -15.66 -13.48
N VAL A 933 -64.54 -16.39 -13.82
CA VAL A 933 -64.39 -17.09 -15.10
C VAL A 933 -64.20 -18.56 -14.81
N TRP A 934 -64.91 -19.41 -15.55
CA TRP A 934 -64.81 -20.86 -15.40
C TRP A 934 -63.53 -21.37 -16.06
N VAL A 935 -62.81 -22.24 -15.34
CA VAL A 935 -61.49 -22.70 -15.78
C VAL A 935 -61.25 -24.13 -15.32
N ARG A 936 -60.22 -24.74 -15.90
CA ARG A 936 -59.79 -26.11 -15.62
C ARG A 936 -60.97 -27.10 -15.66
N ASN A 937 -61.55 -27.25 -16.86
CA ASN A 937 -62.63 -28.20 -17.11
C ASN A 937 -63.85 -27.91 -16.22
N HIS A 938 -64.18 -26.63 -16.08
CA HIS A 938 -65.29 -26.17 -15.25
C HIS A 938 -65.16 -26.74 -13.83
N ASN A 939 -63.93 -26.92 -13.36
CA ASN A 939 -63.67 -27.37 -12.01
C ASN A 939 -62.99 -26.30 -11.17
N GLY A 940 -62.88 -25.09 -11.69
CA GLY A 940 -62.33 -23.99 -10.91
C GLY A 940 -62.85 -22.66 -11.42
N ILE A 941 -62.67 -21.64 -10.58
CA ILE A 941 -63.04 -20.27 -10.90
C ILE A 941 -61.82 -19.37 -10.74
N ALA A 942 -61.70 -18.38 -11.61
CA ALA A 942 -60.62 -17.41 -11.53
C ALA A 942 -61.19 -16.01 -11.68
N ASP A 943 -60.47 -15.03 -11.13
CA ASP A 943 -60.96 -13.66 -11.13
C ASP A 943 -60.86 -13.04 -12.50
N ASN A 944 -61.76 -12.09 -12.77
CA ASN A 944 -61.73 -11.34 -14.03
C ASN A 944 -60.37 -10.64 -14.16
N ALA A 945 -59.90 -10.52 -15.41
CA ALA A 945 -58.61 -9.84 -15.59
C ALA A 945 -58.73 -8.36 -15.91
N THR A 946 -59.07 -8.04 -17.17
CA THR A 946 -59.17 -6.66 -17.61
C THR A 946 -60.23 -6.53 -18.69
N MET A 947 -61.13 -5.57 -18.53
CA MET A 947 -62.18 -5.36 -19.52
C MET A 947 -61.59 -4.84 -20.84
N VAL A 948 -62.01 -5.45 -21.96
CA VAL A 948 -61.57 -5.00 -23.28
C VAL A 948 -62.56 -4.04 -23.93
N ARG A 949 -63.78 -3.92 -23.41
CA ARG A 949 -64.75 -3.05 -24.07
C ARG A 949 -65.86 -2.68 -23.11
N VAL A 950 -66.50 -1.54 -23.36
CA VAL A 950 -67.69 -1.11 -22.62
C VAL A 950 -68.72 -0.62 -23.62
N ASP A 951 -69.86 -1.30 -23.70
CA ASP A 951 -70.93 -0.88 -24.60
C ASP A 951 -71.87 0.05 -23.85
N VAL A 952 -72.23 1.17 -24.47
CA VAL A 952 -73.00 2.22 -23.79
C VAL A 952 -74.38 2.30 -24.43
N PHE A 953 -75.41 2.19 -23.60
CA PHE A 953 -76.81 2.26 -24.03
C PHE A 953 -77.50 3.45 -23.37
N GLU A 954 -78.50 3.99 -24.07
CA GLU A 954 -79.35 5.06 -23.55
C GLU A 954 -80.79 4.58 -23.54
N LYS A 955 -81.46 4.74 -22.40
CA LYS A 955 -82.87 4.41 -22.27
C LYS A 955 -83.48 5.38 -21.26
N GLY A 956 -84.36 6.25 -21.73
CA GLY A 956 -85.00 7.22 -20.85
C GLY A 956 -84.03 8.25 -20.31
N ASP A 957 -83.07 8.69 -21.12
CA ASP A 957 -82.11 9.73 -20.76
C ASP A 957 -81.23 9.29 -19.60
N LYS A 958 -81.02 8.00 -19.46
CA LYS A 958 -80.09 7.41 -18.50
C LYS A 958 -79.16 6.48 -19.25
N TYR A 959 -77.92 6.40 -18.78
CA TYR A 959 -76.88 5.65 -19.48
C TYR A 959 -76.54 4.36 -18.75
N TYR A 960 -76.29 3.31 -19.54
CA TYR A 960 -76.07 1.97 -19.04
C TYR A 960 -74.81 1.41 -19.67
N LEU A 961 -73.87 0.96 -18.83
CA LEU A 961 -72.58 0.46 -19.27
C LEU A 961 -72.54 -1.07 -19.15
N VAL A 962 -72.42 -1.75 -20.28
CA VAL A 962 -72.24 -3.20 -20.32
C VAL A 962 -70.74 -3.47 -20.44
N PRO A 963 -70.12 -4.12 -19.45
CA PRO A 963 -68.70 -4.44 -19.56
C PRO A 963 -68.46 -5.70 -20.35
N ILE A 964 -67.40 -5.70 -21.16
CA ILE A 964 -67.01 -6.83 -21.99
C ILE A 964 -65.57 -7.18 -21.68
N TYR A 965 -65.34 -8.38 -21.16
CA TYR A 965 -64.03 -8.92 -20.84
C TYR A 965 -63.53 -9.78 -21.99
N SER A 966 -62.27 -10.18 -21.90
CA SER A 966 -61.62 -10.88 -23.02
C SER A 966 -62.10 -12.32 -23.13
N TRP A 967 -62.33 -12.99 -21.99
CA TRP A 967 -62.85 -14.35 -22.05
C TRP A 967 -64.23 -14.40 -22.70
N GLN A 968 -65.04 -13.36 -22.50
CA GLN A 968 -66.30 -13.26 -23.22
C GLN A 968 -66.07 -13.15 -24.72
N VAL A 969 -65.02 -12.44 -25.14
CA VAL A 969 -64.72 -12.34 -26.56
C VAL A 969 -64.28 -13.70 -27.11
N ALA A 970 -63.49 -14.44 -26.33
CA ALA A 970 -63.07 -15.77 -26.77
C ALA A 970 -64.26 -16.72 -26.89
N LYS A 971 -65.09 -16.78 -25.84
CA LYS A 971 -66.27 -17.62 -25.88
C LYS A 971 -67.32 -17.13 -26.86
N GLY A 972 -67.34 -15.83 -27.15
CA GLY A 972 -68.22 -15.30 -28.17
C GLY A 972 -69.60 -14.93 -27.65
N ILE A 973 -69.67 -14.38 -26.45
CA ILE A 973 -70.93 -14.11 -25.76
C ILE A 973 -71.04 -12.61 -25.51
N LEU A 974 -71.72 -11.92 -26.40
CA LEU A 974 -72.01 -10.49 -26.31
C LEU A 974 -72.93 -10.23 -25.12
N PRO A 975 -72.42 -9.64 -24.05
CA PRO A 975 -73.10 -9.71 -22.74
C PRO A 975 -74.47 -9.04 -22.75
N ASP A 976 -75.34 -9.57 -21.88
CA ASP A 976 -76.72 -9.09 -21.77
C ASP A 976 -76.85 -7.88 -20.84
N ARG A 977 -76.18 -7.90 -19.69
CA ARG A 977 -76.56 -7.09 -18.54
C ARG A 977 -75.59 -5.93 -18.31
N ALA A 978 -76.15 -4.75 -18.04
CA ALA A 978 -75.39 -3.54 -17.72
C ALA A 978 -75.30 -3.34 -16.22
N VAL A 979 -74.27 -2.59 -15.80
CA VAL A 979 -73.94 -2.46 -14.39
C VAL A 979 -75.05 -1.74 -13.62
N VAL A 980 -75.13 -2.07 -12.33
CA VAL A 980 -75.91 -1.34 -11.33
C VAL A 980 -75.04 -1.22 -10.10
N GLN A 981 -75.10 -0.07 -9.42
CA GLN A 981 -74.08 0.33 -8.46
C GLN A 981 -73.72 -0.78 -7.47
N GLY A 982 -74.68 -1.22 -6.66
CA GLY A 982 -74.32 -2.06 -5.54
C GLY A 982 -74.69 -3.52 -5.67
N LYS A 983 -75.63 -3.84 -6.56
CA LYS A 983 -76.09 -5.21 -6.69
C LYS A 983 -74.92 -6.11 -7.02
N ASP A 984 -74.81 -7.25 -6.32
CA ASP A 984 -73.85 -8.26 -6.71
C ASP A 984 -74.23 -8.76 -8.09
N GLU A 985 -73.26 -9.22 -8.85
CA GLU A 985 -73.33 -9.33 -10.31
C GLU A 985 -74.66 -9.84 -10.90
N GLU A 986 -75.31 -10.80 -10.24
CA GLU A 986 -76.50 -11.41 -10.83
C GLU A 986 -77.59 -10.40 -11.19
N ASP A 987 -77.88 -9.45 -10.30
CA ASP A 987 -79.05 -8.58 -10.44
C ASP A 987 -78.68 -7.27 -11.12
N TRP A 988 -78.47 -7.34 -12.43
CA TRP A 988 -78.17 -6.17 -13.24
C TRP A 988 -79.29 -5.91 -14.24
N GLN A 989 -79.23 -4.75 -14.89
CA GLN A 989 -80.25 -4.34 -15.86
C GLN A 989 -80.02 -5.10 -17.17
N LEU A 990 -80.94 -6.00 -17.50
CA LEU A 990 -80.87 -6.72 -18.76
C LEU A 990 -81.18 -5.80 -19.93
N ILE A 991 -80.28 -5.74 -20.90
CA ILE A 991 -80.44 -4.89 -22.07
C ILE A 991 -81.17 -5.64 -23.17
N ASP A 992 -82.16 -4.98 -23.77
CA ASP A 992 -82.92 -5.55 -24.89
C ASP A 992 -83.09 -4.50 -25.98
N ASP A 993 -83.98 -4.75 -26.93
CA ASP A 993 -84.12 -3.82 -28.05
C ASP A 993 -84.82 -2.53 -27.66
N SER A 994 -85.38 -2.42 -26.45
CA SER A 994 -85.96 -1.17 -26.00
C SER A 994 -84.90 -0.11 -25.72
N PHE A 995 -83.64 -0.50 -25.57
CA PHE A 995 -82.54 0.42 -25.34
C PHE A 995 -81.91 0.84 -26.66
N ASN A 996 -81.40 2.07 -26.69
CA ASN A 996 -80.67 2.59 -27.84
C ASN A 996 -79.18 2.58 -27.53
N PHE A 997 -78.42 1.82 -28.32
CA PHE A 997 -76.99 1.71 -28.12
C PHE A 997 -76.27 2.86 -28.81
N LYS A 998 -75.30 3.46 -28.12
CA LYS A 998 -74.62 4.63 -28.66
C LYS A 998 -73.21 4.33 -29.17
N PHE A 999 -72.35 3.73 -28.36
CA PHE A 999 -70.99 3.48 -28.79
C PHE A 999 -70.29 2.47 -27.88
N SER A 1000 -69.21 1.90 -28.39
CA SER A 1000 -68.31 1.06 -27.62
C SER A 1000 -67.07 1.85 -27.22
N LEU A 1001 -66.65 1.66 -25.98
CA LEU A 1001 -65.49 2.33 -25.40
C LEU A 1001 -64.37 1.31 -25.22
N HIS A 1002 -63.26 1.53 -25.89
CA HIS A 1002 -61.99 0.90 -25.59
C HIS A 1002 -61.15 1.82 -24.72
N PRO A 1003 -60.15 1.29 -24.02
CA PRO A 1003 -59.24 2.16 -23.27
C PRO A 1003 -58.61 3.22 -24.15
N ASN A 1004 -58.53 4.45 -23.61
CA ASN A 1004 -57.89 5.60 -24.26
C ASN A 1004 -58.69 6.12 -25.45
N ASP A 1005 -60.01 6.01 -25.42
CA ASP A 1005 -60.87 6.72 -26.36
C ASP A 1005 -61.33 8.04 -25.77
N LEU A 1006 -61.47 9.04 -26.65
CA LEU A 1006 -61.84 10.38 -26.24
C LEU A 1006 -63.33 10.43 -25.96
N VAL A 1007 -63.71 10.93 -24.78
CA VAL A 1007 -65.09 10.99 -24.35
C VAL A 1007 -65.42 12.37 -23.82
N GLU A 1008 -66.71 12.69 -23.89
CA GLU A 1008 -67.31 13.93 -23.40
C GLU A 1008 -68.47 13.59 -22.48
N VAL A 1009 -68.39 14.08 -21.25
CA VAL A 1009 -69.43 13.91 -20.24
C VAL A 1009 -69.90 15.31 -19.89
N ILE A 1010 -70.96 15.76 -20.54
CA ILE A 1010 -71.64 16.98 -20.13
C ILE A 1010 -72.55 16.62 -18.96
N THR A 1011 -72.25 17.16 -17.78
CA THR A 1011 -72.98 16.83 -16.57
C THR A 1011 -73.54 18.10 -15.93
N LYS A 1012 -74.28 17.90 -14.84
CA LYS A 1012 -74.82 19.03 -14.09
C LYS A 1012 -73.71 19.90 -13.54
N LYS A 1013 -72.68 19.29 -12.96
CA LYS A 1013 -71.59 20.04 -12.34
C LYS A 1013 -70.83 20.89 -13.35
N ALA A 1014 -70.29 20.25 -14.37
CA ALA A 1014 -69.40 20.93 -15.31
C ALA A 1014 -69.40 20.16 -16.62
N ARG A 1015 -68.38 20.39 -17.42
CA ARG A 1015 -68.18 19.69 -18.69
C ARG A 1015 -66.83 18.99 -18.60
N MET A 1016 -66.83 17.67 -18.81
CA MET A 1016 -65.62 16.87 -18.67
C MET A 1016 -65.26 16.30 -20.02
N PHE A 1017 -63.99 16.45 -20.40
CA PHE A 1017 -63.47 16.01 -21.69
C PHE A 1017 -62.17 15.28 -21.46
N GLY A 1018 -62.01 14.10 -22.04
CA GLY A 1018 -60.77 13.39 -21.79
C GLY A 1018 -60.79 11.95 -22.26
N TYR A 1019 -59.63 11.32 -22.11
CA TYR A 1019 -59.42 9.97 -22.63
C TYR A 1019 -59.88 8.95 -21.60
N PHE A 1020 -60.83 8.10 -21.99
CA PHE A 1020 -61.32 7.06 -21.09
C PHE A 1020 -60.18 6.14 -20.65
N ALA A 1021 -60.14 5.85 -19.35
CA ALA A 1021 -59.06 5.04 -18.78
C ALA A 1021 -59.57 3.76 -18.13
N SER A 1022 -60.53 3.87 -17.21
CA SER A 1022 -61.04 2.72 -16.48
C SER A 1022 -62.54 2.90 -16.26
N CYS A 1023 -63.23 1.77 -16.11
CA CYS A 1023 -64.64 1.74 -15.76
C CYS A 1023 -64.82 0.82 -14.55
N HIS A 1024 -64.93 1.42 -13.37
CA HIS A 1024 -65.16 0.65 -12.16
C HIS A 1024 -66.46 -0.13 -12.26
N ARG A 1025 -66.43 -1.40 -11.87
CA ARG A 1025 -67.59 -2.26 -12.00
C ARG A 1025 -68.44 -2.31 -10.74
N GLY A 1026 -67.88 -1.91 -9.61
CA GLY A 1026 -68.63 -1.75 -8.37
C GLY A 1026 -69.41 -0.46 -8.27
N THR A 1027 -69.21 0.48 -9.20
CA THR A 1027 -69.90 1.76 -9.18
C THR A 1027 -70.53 2.15 -10.50
N GLY A 1028 -70.10 1.58 -11.63
CA GLY A 1028 -70.55 2.07 -12.92
C GLY A 1028 -70.00 3.42 -13.30
N ASN A 1029 -69.02 3.93 -12.57
CA ASN A 1029 -68.38 5.19 -12.91
C ASN A 1029 -67.12 4.93 -13.73
N ILE A 1030 -66.62 5.99 -14.35
CA ILE A 1030 -65.48 5.91 -15.25
C ILE A 1030 -64.46 6.97 -14.87
N ASN A 1031 -63.19 6.66 -15.13
CA ASN A 1031 -62.10 7.62 -14.98
C ASN A 1031 -61.64 8.07 -16.36
N ILE A 1032 -61.34 9.36 -16.48
CA ILE A 1032 -60.82 9.91 -17.73
C ILE A 1032 -59.56 10.72 -17.43
N ARG A 1033 -58.51 10.45 -18.20
CA ARG A 1033 -57.31 11.26 -18.15
C ARG A 1033 -57.53 12.58 -18.87
N ILE A 1034 -57.16 13.69 -18.22
CA ILE A 1034 -57.11 14.96 -18.92
C ILE A 1034 -56.05 14.85 -20.02
N HIS A 1035 -56.32 15.50 -21.15
CA HIS A 1035 -55.53 15.26 -22.35
C HIS A 1035 -54.05 15.59 -22.13
N ASP A 1036 -53.75 16.65 -21.39
CA ASP A 1036 -52.37 17.00 -21.08
C ASP A 1036 -51.95 16.60 -19.66
N LEU A 1037 -52.80 15.88 -18.93
CA LEU A 1037 -52.47 15.36 -17.61
C LEU A 1037 -52.05 16.46 -16.64
N ASP A 1038 -52.69 17.63 -16.76
CA ASP A 1038 -52.40 18.75 -15.87
C ASP A 1038 -52.66 18.37 -14.42
N HIS A 1039 -51.63 18.50 -13.57
CA HIS A 1039 -51.75 18.00 -12.20
C HIS A 1039 -52.72 18.83 -11.37
N LYS A 1040 -53.00 20.07 -11.77
CA LYS A 1040 -53.99 20.89 -11.09
C LYS A 1040 -55.40 20.30 -11.17
N ILE A 1041 -55.67 19.47 -12.17
CA ILE A 1041 -57.00 18.90 -12.38
C ILE A 1041 -56.98 17.46 -11.88
N GLY A 1042 -58.06 17.05 -11.20
CA GLY A 1042 -58.18 15.75 -10.58
C GLY A 1042 -56.99 15.44 -9.71
N LYS A 1043 -56.69 14.15 -9.56
CA LYS A 1043 -55.45 13.70 -8.95
C LYS A 1043 -54.52 13.26 -10.07
N ASN A 1044 -53.41 13.98 -10.23
CA ASN A 1044 -52.42 13.70 -11.26
C ASN A 1044 -53.04 13.60 -12.65
N GLY A 1045 -54.04 14.44 -12.90
CA GLY A 1045 -54.63 14.56 -14.22
C GLY A 1045 -55.70 13.55 -14.57
N ILE A 1046 -56.22 12.81 -13.59
CA ILE A 1046 -57.24 11.80 -13.84
C ILE A 1046 -58.50 12.15 -13.06
N LEU A 1047 -59.58 12.41 -13.77
CA LEU A 1047 -60.90 12.56 -13.15
C LEU A 1047 -61.43 11.18 -12.77
N GLU A 1048 -61.62 10.94 -11.48
CA GLU A 1048 -62.05 9.63 -11.01
C GLU A 1048 -63.53 9.62 -10.66
N GLY A 1049 -64.17 8.47 -10.89
CA GLY A 1049 -65.52 8.23 -10.39
C GLY A 1049 -66.58 9.13 -11.00
N ILE A 1050 -66.49 9.38 -12.30
CA ILE A 1050 -67.50 10.18 -12.98
C ILE A 1050 -68.71 9.31 -13.25
N GLY A 1051 -69.86 9.71 -12.72
CA GLY A 1051 -71.08 8.94 -12.88
C GLY A 1051 -71.85 9.35 -14.12
N VAL A 1052 -71.98 8.41 -15.07
CA VAL A 1052 -72.60 8.72 -16.36
C VAL A 1052 -74.03 8.23 -16.46
N LYS A 1053 -74.51 7.46 -15.48
CA LYS A 1053 -75.91 7.05 -15.45
C LYS A 1053 -76.86 8.24 -15.59
N THR A 1054 -76.53 9.35 -14.94
CA THR A 1054 -77.41 10.51 -14.88
C THR A 1054 -76.78 11.75 -15.48
N ALA A 1055 -75.87 11.57 -16.43
CA ALA A 1055 -75.34 12.70 -17.17
C ALA A 1055 -76.39 13.24 -18.13
N LEU A 1056 -76.19 14.50 -18.55
CA LEU A 1056 -77.01 15.05 -19.62
C LEU A 1056 -76.56 14.52 -20.98
N SER A 1057 -75.28 14.73 -21.32
CA SER A 1057 -74.70 14.20 -22.54
C SER A 1057 -73.54 13.25 -22.19
N PHE A 1058 -73.41 12.21 -23.01
CA PHE A 1058 -72.29 11.27 -22.90
C PHE A 1058 -71.96 10.78 -24.30
N GLN A 1059 -70.93 11.38 -24.91
CA GLN A 1059 -70.60 11.10 -26.30
C GLN A 1059 -69.13 10.73 -26.44
N LYS A 1060 -68.80 10.08 -27.55
CA LYS A 1060 -67.45 9.64 -27.83
C LYS A 1060 -66.97 10.29 -29.12
N TYR A 1061 -65.70 10.73 -29.12
CA TYR A 1061 -65.12 11.51 -30.20
C TYR A 1061 -63.94 10.74 -30.81
N GLN A 1062 -63.42 11.31 -31.90
CA GLN A 1062 -62.27 10.77 -32.60
C GLN A 1062 -61.20 11.86 -32.73
N ILE A 1063 -59.94 11.44 -32.82
CA ILE A 1063 -58.82 12.35 -32.91
C ILE A 1063 -57.67 11.65 -33.61
N ASP A 1064 -56.87 12.41 -34.36
CA ASP A 1064 -55.79 11.87 -35.15
C ASP A 1064 -54.47 12.12 -34.42
N GLU A 1065 -53.35 11.85 -35.11
CA GLU A 1065 -52.03 12.00 -34.49
C GLU A 1065 -51.80 13.43 -34.01
N LEU A 1066 -52.20 14.41 -34.82
CA LEU A 1066 -51.83 15.80 -34.61
C LEU A 1066 -52.71 16.53 -33.61
N GLY A 1067 -53.80 15.91 -33.16
CA GLY A 1067 -54.76 16.60 -32.32
C GLY A 1067 -55.77 17.43 -33.08
N LYS A 1068 -55.99 17.13 -34.36
CA LYS A 1068 -56.97 17.78 -35.19
C LYS A 1068 -58.20 16.90 -35.34
N GLU A 1069 -59.16 17.38 -36.14
CA GLU A 1069 -60.29 16.56 -36.59
C GLU A 1069 -61.08 15.99 -35.43
N ILE A 1070 -61.30 16.79 -34.39
CA ILE A 1070 -62.02 16.35 -33.21
C ILE A 1070 -63.51 16.44 -33.52
N ARG A 1071 -64.14 15.30 -33.74
CA ARG A 1071 -65.54 15.24 -34.14
C ARG A 1071 -66.23 14.15 -33.35
N PRO A 1072 -67.50 14.34 -32.98
CA PRO A 1072 -68.29 13.22 -32.46
C PRO A 1072 -68.52 12.19 -33.55
N CYS A 1073 -68.44 10.92 -33.17
CA CYS A 1073 -68.67 9.82 -34.10
C CYS A 1073 -69.91 9.05 -33.67
N ARG A 1074 -70.71 8.65 -34.65
CA ARG A 1074 -71.97 7.96 -34.42
C ARG A 1074 -71.88 6.56 -35.03
N LEU A 1075 -71.92 5.54 -34.16
CA LEU A 1075 -71.95 4.16 -34.62
C LEU A 1075 -73.37 3.76 -35.00
N LYS A 1076 -73.47 2.93 -36.04
CA LYS A 1076 -74.80 2.46 -36.48
C LYS A 1076 -75.28 1.29 -35.63
N LYS A 1077 -74.62 0.14 -35.77
CA LYS A 1077 -74.98 -1.08 -35.04
C LYS A 1077 -73.96 -1.40 -33.97
N ARG A 1078 -74.44 -2.01 -32.89
CA ARG A 1078 -73.56 -2.58 -31.89
C ARG A 1078 -72.60 -3.57 -32.54
N PRO A 1079 -71.30 -3.49 -32.28
CA PRO A 1079 -70.36 -4.42 -32.91
C PRO A 1079 -70.33 -5.73 -32.15
N PRO A 1080 -69.97 -6.82 -32.83
CA PRO A 1080 -69.90 -8.12 -32.17
C PRO A 1080 -68.54 -8.28 -31.49
N VAL A 1081 -68.41 -9.39 -30.77
CA VAL A 1081 -67.17 -9.70 -30.08
C VAL A 1081 -66.23 -10.52 -30.97
N ARG A 1082 -66.76 -11.51 -31.69
CA ARG A 1082 -66.01 -12.25 -32.68
C ARG A 1082 -66.53 -11.94 -34.08
N SER A 1083 -65.75 -12.34 -35.08
CA SER A 1083 -66.10 -12.11 -36.47
C SER A 1083 -66.88 -13.28 -37.05
N SER C 8 65.91 26.30 19.17
CA SER C 8 66.75 27.24 18.45
C SER C 8 66.42 27.22 16.95
N ILE C 9 65.40 26.47 16.59
CA ILE C 9 65.01 26.27 15.20
C ILE C 9 63.54 26.62 15.06
N ASN C 10 63.18 27.26 13.95
CA ASN C 10 61.80 27.63 13.67
C ASN C 10 61.17 26.54 12.80
N TYR C 11 60.25 25.79 13.39
CA TYR C 11 59.69 24.61 12.74
C TYR C 11 58.23 24.43 13.14
N ILE C 12 57.49 23.76 12.25
CA ILE C 12 56.12 23.33 12.50
C ILE C 12 56.13 21.84 12.80
N LEU C 13 55.43 21.43 13.85
CA LEU C 13 55.31 20.04 14.23
C LEU C 13 53.95 19.49 13.74
N GLY C 14 53.98 18.50 12.92
CA GLY C 14 52.77 17.82 12.43
C GLY C 14 52.56 16.54 13.14
N LEU C 15 51.34 16.33 13.66
CA LEU C 15 50.94 15.14 14.37
C LEU C 15 49.83 14.42 13.62
N ASP C 16 49.93 13.10 13.57
CA ASP C 16 48.91 12.23 13.01
C ASP C 16 48.53 11.23 14.10
N ILE C 17 47.32 11.37 14.64
CA ILE C 17 46.89 10.65 15.83
C ILE C 17 45.87 9.60 15.43
N GLY C 18 46.05 8.38 15.94
CA GLY C 18 45.09 7.31 15.77
C GLY C 18 45.11 6.45 17.01
N ILE C 19 44.17 5.50 17.04
CA ILE C 19 43.83 4.79 18.27
C ILE C 19 45.00 3.98 18.82
N ALA C 20 46.00 3.70 17.99
CA ALA C 20 47.18 3.00 18.48
C ALA C 20 48.46 3.56 17.85
N SER C 21 48.49 4.85 17.54
CA SER C 21 49.67 5.36 16.85
C SER C 21 49.67 6.88 16.82
N VAL C 22 50.87 7.46 16.94
CA VAL C 22 51.08 8.89 16.74
C VAL C 22 52.31 9.05 15.87
N GLY C 23 52.13 9.62 14.69
CA GLY C 23 53.25 9.94 13.81
C GLY C 23 53.53 11.42 13.91
N TRP C 24 54.80 11.78 14.01
CA TRP C 24 55.15 13.18 14.17
C TRP C 24 56.24 13.55 13.18
N ALA C 25 56.18 14.79 12.73
CA ALA C 25 57.15 15.34 11.79
C ALA C 25 57.49 16.76 12.20
N MET C 26 58.74 17.14 11.94
CA MET C 26 59.22 18.49 12.17
C MET C 26 59.64 19.06 10.83
N VAL C 27 59.13 20.24 10.50
CA VAL C 27 59.51 20.88 9.25
C VAL C 27 59.98 22.29 9.56
N GLU C 28 61.24 22.57 9.28
CA GLU C 28 61.76 23.91 9.51
C GLU C 28 61.23 24.83 8.43
N ILE C 29 60.72 25.99 8.85
CA ILE C 29 60.00 26.90 7.96
C ILE C 29 60.81 28.18 7.79
N ASP C 30 60.42 28.95 6.77
CA ASP C 30 61.04 30.24 6.48
C ASP C 30 60.88 31.20 7.64
N GLU C 31 61.57 32.34 7.54
CA GLU C 31 61.22 33.46 8.40
C GLU C 31 59.78 33.90 8.11
N GLU C 32 59.35 33.80 6.86
CA GLU C 32 58.00 34.13 6.43
C GLU C 32 57.04 32.95 6.50
N GLU C 33 57.36 31.90 7.27
CA GLU C 33 56.45 30.77 7.53
C GLU C 33 56.31 29.80 6.35
N ASN C 34 57.35 29.63 5.54
CA ASN C 34 57.27 28.61 4.51
C ASN C 34 58.28 27.48 4.70
N PRO C 35 57.86 26.23 4.45
CA PRO C 35 58.71 25.07 4.81
C PRO C 35 59.90 24.93 3.88
N ILE C 36 61.08 24.73 4.47
CA ILE C 36 62.32 24.67 3.69
C ILE C 36 63.11 23.40 3.96
N ARG C 37 62.99 22.84 5.16
CA ARG C 37 63.86 21.74 5.58
C ARG C 37 63.07 20.72 6.39
N LEU C 38 63.19 19.45 6.03
CA LEU C 38 62.59 18.36 6.80
C LEU C 38 63.61 17.90 7.84
N ILE C 39 63.33 18.16 9.12
CA ILE C 39 64.31 17.96 10.16
C ILE C 39 64.28 16.55 10.74
N ASP C 40 63.20 16.21 11.44
CA ASP C 40 63.10 14.94 12.15
C ASP C 40 61.68 14.42 12.11
N LEU C 41 61.51 13.12 11.93
CA LEU C 41 60.20 12.50 12.03
C LEU C 41 60.30 11.17 12.77
N GLY C 42 59.20 10.78 13.39
CA GLY C 42 59.14 9.49 14.06
C GLY C 42 57.73 8.96 14.15
N VAL C 43 57.62 7.73 14.64
CA VAL C 43 56.34 7.09 14.90
C VAL C 43 56.38 6.50 16.30
N ARG C 44 55.27 6.64 17.02
CA ARG C 44 55.12 6.13 18.38
C ARG C 44 53.89 5.24 18.40
N VAL C 45 54.08 3.96 18.68
CA VAL C 45 52.98 3.00 18.66
C VAL C 45 52.82 2.42 20.06
N PHE C 46 51.57 2.22 20.45
CA PHE C 46 51.20 1.69 21.76
C PHE C 46 50.07 0.70 21.55
N GLU C 47 49.62 0.09 22.65
CA GLU C 47 48.44 -0.75 22.61
C GLU C 47 47.22 0.10 22.89
N ARG C 48 46.16 -0.09 22.10
CA ARG C 48 45.01 0.79 22.20
C ARG C 48 44.18 0.42 23.43
N ALA C 49 43.56 1.43 24.03
CA ALA C 49 43.04 1.34 25.40
C ALA C 49 41.67 0.66 25.42
N GLU C 50 41.66 -0.60 24.98
CA GLU C 50 40.47 -1.43 25.09
C GLU C 50 40.91 -2.89 25.02
N VAL C 51 40.07 -3.77 25.54
CA VAL C 51 40.32 -5.21 25.42
C VAL C 51 40.16 -5.55 23.94
N PRO C 52 41.20 -6.10 23.29
CA PRO C 52 41.26 -6.00 21.82
C PRO C 52 40.13 -6.71 21.08
N LYS C 53 39.80 -7.94 21.47
CA LYS C 53 38.83 -8.71 20.69
C LYS C 53 37.40 -8.20 20.87
N THR C 54 37.04 -7.82 22.10
CA THR C 54 35.64 -7.59 22.45
C THR C 54 35.26 -6.13 22.65
N GLY C 55 36.23 -5.23 22.77
CA GLY C 55 35.90 -3.85 23.04
C GLY C 55 35.54 -3.56 24.48
N ASP C 56 35.66 -4.56 25.36
CA ASP C 56 35.55 -4.32 26.80
C ASP C 56 36.61 -3.33 27.24
N SER C 57 36.39 -2.75 28.42
CA SER C 57 37.40 -1.87 28.98
C SER C 57 38.47 -2.69 29.69
N LEU C 58 39.68 -2.13 29.73
CA LEU C 58 40.77 -2.81 30.42
C LEU C 58 40.46 -2.96 31.90
N ALA C 59 39.78 -1.96 32.48
CA ALA C 59 39.42 -2.00 33.89
C ALA C 59 38.34 -3.03 34.20
N MET C 60 37.53 -3.43 33.22
CA MET C 60 36.35 -4.23 33.51
C MET C 60 36.69 -5.52 34.25
N ALA C 61 37.71 -6.26 33.80
CA ALA C 61 38.07 -7.50 34.45
C ALA C 61 38.44 -7.27 35.92
N ARG C 62 39.16 -6.17 36.19
CA ARG C 62 39.58 -5.86 37.55
C ARG C 62 38.38 -5.50 38.43
N ARG C 63 37.43 -4.72 37.91
CA ARG C 63 36.25 -4.37 38.69
C ARG C 63 35.40 -5.62 38.98
N LEU C 64 35.25 -6.49 37.98
CA LEU C 64 34.53 -7.75 38.19
C LEU C 64 35.18 -8.58 39.29
N ALA C 65 36.51 -8.73 39.21
CA ALA C 65 37.22 -9.51 40.23
C ALA C 65 37.11 -8.85 41.60
N ARG C 66 37.13 -7.52 41.65
CA ARG C 66 36.99 -6.81 42.92
C ARG C 66 35.64 -7.11 43.57
N SER C 67 34.56 -7.01 42.77
CA SER C 67 33.25 -7.26 43.34
C SER C 67 33.08 -8.73 43.75
N VAL C 68 33.70 -9.65 43.01
CA VAL C 68 33.65 -11.06 43.39
C VAL C 68 34.38 -11.28 44.71
N ARG C 69 35.57 -10.70 44.84
CA ARG C 69 36.32 -10.77 46.10
C ARG C 69 35.48 -10.24 47.25
N ARG C 70 34.89 -9.06 47.09
CA ARG C 70 34.11 -8.45 48.16
C ARG C 70 32.92 -9.32 48.54
N LEU C 71 32.25 -9.91 47.55
CA LEU C 71 31.10 -10.77 47.84
C LEU C 71 31.51 -11.99 48.64
N THR C 72 32.51 -12.73 48.16
CA THR C 72 32.96 -13.91 48.91
C THR C 72 33.44 -13.55 50.30
N ARG C 73 34.15 -12.42 50.41
CA ARG C 73 34.64 -11.97 51.72
C ARG C 73 33.49 -11.73 52.68
N ARG C 74 32.49 -10.95 52.25
CA ARG C 74 31.39 -10.60 53.13
C ARG C 74 30.55 -11.82 53.48
N ARG C 75 30.42 -12.78 52.55
CA ARG C 75 29.69 -14.01 52.88
C ARG C 75 30.42 -14.82 53.94
N ALA C 76 31.74 -15.00 53.77
CA ALA C 76 32.51 -15.74 54.76
C ALA C 76 32.50 -15.04 56.11
N HIS C 77 32.57 -13.70 56.11
CA HIS C 77 32.52 -12.94 57.34
C HIS C 77 31.17 -13.11 58.03
N ARG C 78 30.08 -13.08 57.26
CA ARG C 78 28.75 -13.25 57.83
C ARG C 78 28.61 -14.64 58.46
N LEU C 79 29.12 -15.68 57.79
CA LEU C 79 29.05 -17.02 58.37
C LEU C 79 29.92 -17.12 59.63
N LEU C 80 31.09 -16.49 59.63
CA LEU C 80 31.94 -16.50 60.82
C LEU C 80 31.26 -15.81 62.00
N ARG C 81 30.66 -14.63 61.74
CA ARG C 81 29.91 -13.96 62.78
C ARG C 81 28.76 -14.82 63.28
N THR C 82 28.11 -15.57 62.39
CA THR C 82 27.03 -16.45 62.81
C THR C 82 27.55 -17.53 63.74
N ARG C 83 28.71 -18.12 63.44
CA ARG C 83 29.28 -19.12 64.33
C ARG C 83 29.66 -18.51 65.68
N ARG C 84 30.22 -17.31 65.67
CA ARG C 84 30.55 -16.65 66.93
C ARG C 84 29.30 -16.35 67.75
N LEU C 85 28.20 -15.99 67.09
CA LEU C 85 26.95 -15.76 67.81
C LEU C 85 26.38 -17.05 68.36
N LEU C 86 26.50 -18.14 67.60
CA LEU C 86 26.09 -19.44 68.12
C LEU C 86 26.86 -19.79 69.39
N LYS C 87 28.17 -19.55 69.38
CA LYS C 87 28.96 -19.91 70.56
C LYS C 87 28.66 -19.00 71.74
N ARG C 88 28.50 -17.70 71.49
CA ARG C 88 28.33 -16.75 72.60
C ARG C 88 27.06 -17.04 73.39
N GLU C 89 25.93 -17.21 72.72
CA GLU C 89 24.66 -17.44 73.40
C GLU C 89 24.35 -18.93 73.53
N GLY C 90 25.35 -19.69 73.97
CA GLY C 90 25.20 -21.07 74.37
C GLY C 90 25.20 -22.19 73.35
N VAL C 91 24.29 -22.20 72.38
CA VAL C 91 24.11 -23.38 71.53
C VAL C 91 25.45 -23.85 70.93
N LEU C 92 25.63 -25.18 70.84
CA LEU C 92 26.88 -25.79 70.39
C LEU C 92 28.03 -25.32 71.29
N GLN C 93 27.94 -25.75 72.55
CA GLN C 93 28.21 -24.89 73.70
C GLN C 93 29.51 -24.09 73.59
N ALA C 94 30.67 -24.76 73.61
CA ALA C 94 31.92 -24.10 73.28
C ALA C 94 32.99 -25.06 72.76
N ALA C 95 32.71 -26.36 72.63
CA ALA C 95 33.75 -27.29 72.19
C ALA C 95 33.36 -28.15 70.99
N ASN C 96 32.22 -27.92 70.35
CA ASN C 96 31.94 -28.60 69.08
C ASN C 96 32.90 -28.18 67.98
N PHE C 97 33.80 -27.23 68.25
CA PHE C 97 34.67 -26.65 67.25
C PHE C 97 36.00 -27.38 67.17
N ASP C 98 36.65 -27.24 66.01
CA ASP C 98 37.95 -27.82 65.70
C ASP C 98 39.05 -26.78 65.93
N GLU C 99 40.24 -27.10 65.43
CA GLU C 99 41.43 -26.27 65.61
C GLU C 99 41.26 -24.82 65.15
N ASN C 100 40.45 -24.56 64.12
CA ASN C 100 40.32 -23.21 63.59
C ASN C 100 38.88 -22.68 63.57
N GLY C 101 38.05 -23.13 64.51
CA GLY C 101 36.70 -22.60 64.64
C GLY C 101 35.63 -23.18 63.75
N LEU C 102 35.90 -24.24 63.00
CA LEU C 102 34.87 -24.86 62.17
C LEU C 102 34.13 -25.91 63.00
N ILE C 103 32.82 -26.03 62.78
CA ILE C 103 32.03 -26.94 63.59
C ILE C 103 32.34 -28.38 63.18
N LYS C 104 32.65 -29.21 64.16
CA LYS C 104 33.04 -30.58 63.90
C LYS C 104 31.81 -31.47 63.76
N SER C 105 31.82 -32.32 62.73
CA SER C 105 30.74 -33.30 62.50
C SER C 105 29.37 -32.63 62.44
N LEU C 106 29.32 -31.45 61.82
CA LEU C 106 28.03 -30.82 61.56
C LEU C 106 27.24 -31.67 60.56
N PRO C 107 25.95 -31.90 60.81
CA PRO C 107 25.20 -32.82 59.94
C PRO C 107 25.08 -32.31 58.51
N ASN C 108 24.90 -33.26 57.59
CA ASN C 108 24.86 -32.98 56.17
C ASN C 108 23.45 -33.13 55.60
N THR C 109 22.43 -32.90 56.43
CA THR C 109 21.05 -32.97 55.98
C THR C 109 20.26 -31.72 56.34
N PRO C 110 20.81 -30.50 56.15
CA PRO C 110 20.13 -29.31 56.69
C PRO C 110 18.79 -29.02 56.02
N TRP C 111 18.61 -29.35 54.74
CA TRP C 111 17.31 -29.16 54.11
C TRP C 111 16.25 -30.01 54.80
N GLN C 112 16.54 -31.30 55.00
CA GLN C 112 15.61 -32.19 55.65
C GLN C 112 15.34 -31.75 57.09
N LEU C 113 16.37 -31.30 57.79
CA LEU C 113 16.19 -30.84 59.17
C LEU C 113 15.36 -29.56 59.21
N ARG C 114 15.56 -28.68 58.23
CA ARG C 114 14.72 -27.48 58.10
C ARG C 114 13.26 -27.87 57.92
N ALA C 115 12.99 -28.87 57.08
CA ALA C 115 11.61 -29.29 56.87
C ALA C 115 11.04 -29.95 58.11
N ALA C 116 11.86 -30.74 58.81
CA ALA C 116 11.44 -31.42 60.03
C ALA C 116 11.56 -30.55 61.27
N ALA C 117 12.17 -29.37 61.17
CA ALA C 117 12.26 -28.47 62.31
C ALA C 117 10.90 -27.91 62.69
N LEU C 118 9.95 -27.90 61.75
CA LEU C 118 8.60 -27.46 62.05
C LEU C 118 7.87 -28.40 62.99
N ASP C 119 8.30 -29.67 63.07
CA ASP C 119 7.61 -30.68 63.86
C ASP C 119 8.41 -31.25 65.02
N ARG C 120 9.64 -30.82 65.27
CA ARG C 120 10.47 -31.50 66.24
C ARG C 120 11.53 -30.58 66.82
N LYS C 121 11.80 -30.73 68.12
CA LYS C 121 12.94 -30.07 68.74
C LYS C 121 14.21 -30.64 68.10
N LEU C 122 15.12 -29.76 67.68
CA LEU C 122 16.09 -30.29 66.72
C LEU C 122 17.22 -31.06 67.40
N THR C 123 18.28 -30.36 67.84
CA THR C 123 19.45 -30.79 68.61
C THR C 123 20.39 -29.59 68.54
N PRO C 124 21.31 -29.35 69.48
CA PRO C 124 22.26 -28.24 69.26
C PRO C 124 22.93 -28.28 67.89
N LEU C 125 23.41 -29.47 67.47
CA LEU C 125 24.13 -29.58 66.20
C LEU C 125 23.20 -29.40 65.00
N GLU C 126 22.06 -30.09 64.99
CA GLU C 126 21.14 -29.98 63.85
C GLU C 126 20.58 -28.56 63.74
N TRP C 127 20.21 -27.97 64.87
CA TRP C 127 19.73 -26.58 64.91
C TRP C 127 20.79 -25.62 64.37
N SER C 128 22.04 -25.78 64.81
CA SER C 128 23.13 -24.96 64.32
C SER C 128 23.31 -25.12 62.81
N ALA C 129 23.31 -26.36 62.32
CA ALA C 129 23.47 -26.60 60.89
C ALA C 129 22.34 -25.93 60.10
N VAL C 130 21.10 -26.04 60.59
CA VAL C 130 19.96 -25.42 59.93
C VAL C 130 20.16 -23.92 59.81
N LEU C 131 20.51 -23.25 60.91
CA LEU C 131 20.63 -21.80 60.85
C LEU C 131 21.84 -21.36 60.01
N LEU C 132 22.95 -22.10 60.08
CA LEU C 132 24.07 -21.80 59.19
C LEU C 132 23.67 -21.94 57.74
N HIS C 133 22.82 -22.93 57.44
CA HIS C 133 22.31 -23.10 56.08
C HIS C 133 21.44 -21.93 55.68
N LEU C 134 20.60 -21.45 56.58
CA LEU C 134 19.74 -20.30 56.30
C LEU C 134 20.57 -19.05 56.04
N ILE C 135 21.62 -18.85 56.84
CA ILE C 135 22.51 -17.70 56.64
C ILE C 135 23.26 -17.80 55.32
N LYS C 136 23.75 -19.00 55.00
CA LYS C 136 24.56 -19.17 53.79
C LYS C 136 23.74 -18.90 52.53
N HIS C 137 22.48 -19.34 52.51
CA HIS C 137 21.60 -19.17 51.36
C HIS C 137 20.41 -18.33 51.82
N ARG C 138 20.60 -17.02 51.80
CA ARG C 138 19.63 -16.05 52.30
C ARG C 138 18.78 -15.43 51.20
N GLY C 139 18.72 -16.06 50.03
CA GLY C 139 17.83 -15.66 48.96
C GLY C 139 18.00 -14.25 48.40
N TYR C 140 17.15 -13.89 47.44
CA TYR C 140 17.26 -12.67 46.66
C TYR C 140 16.39 -11.56 47.25
N LEU C 141 16.93 -10.35 47.29
CA LEU C 141 16.21 -9.17 47.72
C LEU C 141 16.04 -8.22 46.54
N SER C 142 14.87 -7.57 46.47
CA SER C 142 14.51 -6.80 45.29
C SER C 142 15.45 -5.62 45.07
N GLN C 143 15.79 -4.90 46.13
CA GLN C 143 16.59 -3.67 46.05
C GLN C 143 15.94 -2.66 45.11
N GLU C 149 10.92 -2.20 37.87
CA GLU C 149 11.66 -3.29 38.49
C GLU C 149 11.85 -4.44 37.51
N THR C 150 11.74 -4.15 36.21
CA THR C 150 11.73 -5.18 35.17
C THR C 150 12.50 -4.61 33.97
N ALA C 151 13.81 -4.87 33.91
CA ALA C 151 14.54 -4.39 32.74
C ALA C 151 15.34 -5.46 32.00
N ASP C 152 15.96 -6.42 32.70
CA ASP C 152 16.99 -7.21 32.04
C ASP C 152 16.44 -8.58 31.67
N LYS C 153 17.19 -9.29 30.82
CA LYS C 153 16.81 -10.65 30.44
C LYS C 153 17.08 -11.64 31.58
N GLU C 154 18.33 -11.72 32.03
CA GLU C 154 18.67 -12.76 33.00
C GLU C 154 18.17 -12.44 34.41
N LEU C 155 18.41 -11.22 34.90
CA LEU C 155 17.82 -10.82 36.17
C LEU C 155 16.30 -10.90 36.11
N GLY C 156 15.72 -10.58 34.96
CA GLY C 156 14.29 -10.77 34.76
C GLY C 156 13.85 -12.21 34.91
N ALA C 157 14.63 -13.14 34.36
CA ALA C 157 14.26 -14.55 34.44
C ALA C 157 14.41 -15.08 35.86
N LEU C 158 15.48 -14.68 36.55
CA LEU C 158 15.64 -15.06 37.94
C LEU C 158 14.49 -14.53 38.80
N LEU C 159 14.08 -13.28 38.56
CA LEU C 159 12.96 -12.72 39.32
C LEU C 159 11.66 -13.42 38.97
N LYS C 160 11.47 -13.80 37.71
CA LYS C 160 10.31 -14.58 37.32
C LYS C 160 10.24 -15.90 38.09
N GLY C 161 11.36 -16.62 38.13
CA GLY C 161 11.39 -17.85 38.90
C GLY C 161 11.11 -17.63 40.37
N VAL C 162 11.67 -16.55 40.92
CA VAL C 162 11.44 -16.21 42.33
C VAL C 162 9.95 -16.02 42.58
N ALA C 163 9.29 -15.25 41.70
CA ALA C 163 7.86 -14.99 41.88
C ALA C 163 7.04 -16.25 41.72
N GLY C 164 7.43 -17.12 40.78
CA GLY C 164 6.78 -18.41 40.66
C GLY C 164 6.84 -19.22 41.94
N ASN C 165 8.03 -19.31 42.54
CA ASN C 165 8.16 -20.08 43.78
C ASN C 165 7.44 -19.40 44.95
N ALA C 166 7.40 -18.07 44.97
CA ALA C 166 6.66 -17.38 46.02
C ALA C 166 5.17 -17.69 45.93
N HIS C 167 4.61 -17.57 44.72
CA HIS C 167 3.22 -17.94 44.50
C HIS C 167 2.96 -19.40 44.89
N ALA C 168 3.87 -20.30 44.52
CA ALA C 168 3.69 -21.71 44.86
C ALA C 168 3.75 -21.95 46.36
N LEU C 169 4.59 -21.20 47.08
CA LEU C 169 4.70 -21.39 48.52
C LEU C 169 3.48 -20.84 49.24
N GLN C 170 2.93 -19.72 48.76
CA GLN C 170 1.80 -19.11 49.45
C GLN C 170 0.45 -19.72 49.03
N THR C 171 0.39 -20.40 47.87
CA THR C 171 -0.86 -20.93 47.35
C THR C 171 -1.07 -22.40 47.67
N GLY C 172 -0.16 -23.26 47.24
CA GLY C 172 -0.27 -24.70 47.42
C GLY C 172 -0.08 -25.21 48.85
N ASP C 173 0.00 -26.54 48.93
CA ASP C 173 0.05 -27.26 50.22
C ASP C 173 1.49 -27.26 50.76
N PHE C 174 2.01 -26.05 50.94
CA PHE C 174 3.37 -25.86 51.41
C PHE C 174 3.38 -24.72 52.42
N ARG C 175 4.06 -24.93 53.56
CA ARG C 175 4.16 -23.91 54.58
C ARG C 175 5.39 -23.03 54.46
N THR C 176 6.55 -23.60 54.11
CA THR C 176 7.80 -22.85 54.01
C THR C 176 8.66 -23.37 52.86
N PRO C 177 9.68 -22.63 52.43
CA PRO C 177 10.55 -23.11 51.34
C PRO C 177 11.15 -24.49 51.55
N ALA C 178 11.46 -24.89 52.77
CA ALA C 178 12.19 -26.15 52.98
C ALA C 178 11.38 -27.36 52.53
N GLU C 179 10.15 -27.49 53.03
CA GLU C 179 9.35 -28.68 52.73
C GLU C 179 8.94 -28.74 51.27
N LEU C 180 8.44 -27.61 50.75
CA LEU C 180 8.10 -27.53 49.33
C LEU C 180 9.32 -27.87 48.49
N ALA C 181 10.47 -27.30 48.85
CA ALA C 181 11.69 -27.55 48.10
C ALA C 181 12.01 -29.04 48.08
N LEU C 182 12.01 -29.68 49.25
CA LEU C 182 12.30 -31.10 49.34
C LEU C 182 11.40 -31.87 48.40
N ASN C 183 10.08 -31.84 48.67
CA ASN C 183 9.18 -32.72 47.94
C ASN C 183 9.11 -32.36 46.46
N LYS C 184 8.75 -31.11 46.16
CA LYS C 184 8.52 -30.72 44.78
C LYS C 184 9.80 -30.82 43.95
N PHE C 185 10.92 -30.32 44.47
CA PHE C 185 12.14 -30.30 43.67
C PHE C 185 12.69 -31.70 43.47
N GLU C 186 12.69 -32.55 44.51
CA GLU C 186 13.17 -33.91 44.32
C GLU C 186 12.27 -34.69 43.37
N LYS C 187 10.95 -34.45 43.42
CA LYS C 187 10.06 -35.12 42.49
C LYS C 187 10.30 -34.65 41.06
N GLU C 188 10.25 -33.33 40.84
CA GLU C 188 10.29 -32.81 39.48
C GLU C 188 11.67 -32.89 38.85
N SER C 189 12.74 -32.93 39.64
CA SER C 189 14.08 -32.92 39.05
C SER C 189 15.05 -33.90 39.70
N GLY C 190 14.90 -34.23 40.97
CA GLY C 190 15.89 -35.05 41.66
C GLY C 190 17.04 -34.28 42.25
N HIS C 191 16.91 -32.97 42.42
CA HIS C 191 17.96 -32.14 43.02
C HIS C 191 17.33 -30.86 43.55
N ILE C 192 17.99 -30.26 44.53
CA ILE C 192 17.47 -29.06 45.19
C ILE C 192 18.15 -27.82 44.63
N ARG C 193 19.46 -27.74 44.79
CA ARG C 193 20.20 -26.55 44.40
C ARG C 193 20.25 -26.42 42.87
N ASN C 194 20.26 -25.17 42.40
CA ASN C 194 20.21 -24.89 40.97
C ASN C 194 21.41 -25.50 40.23
N GLN C 195 21.28 -25.61 38.91
CA GLN C 195 22.45 -26.02 38.13
C GLN C 195 22.61 -25.21 36.85
N ARG C 196 23.87 -24.82 36.62
CA ARG C 196 24.52 -24.22 35.44
C ARG C 196 24.04 -22.83 35.02
N SER C 197 22.74 -22.54 35.10
CA SER C 197 22.24 -21.17 35.05
C SER C 197 20.81 -21.12 35.56
N ASP C 198 20.23 -22.29 35.83
CA ASP C 198 18.78 -22.37 36.04
C ASP C 198 18.39 -21.66 37.32
N TYR C 199 17.34 -20.84 37.25
CA TYR C 199 16.86 -20.11 38.42
C TYR C 199 15.50 -20.65 38.89
N SER C 200 15.26 -21.94 38.65
CA SER C 200 13.98 -22.54 39.02
C SER C 200 13.80 -22.61 40.53
N HIS C 201 14.87 -22.93 41.26
CA HIS C 201 14.76 -23.19 42.69
C HIS C 201 15.19 -21.98 43.52
N THR C 202 15.27 -20.81 42.91
CA THR C 202 15.70 -19.63 43.63
C THR C 202 14.55 -19.12 44.51
N PHE C 203 14.91 -18.56 45.66
CA PHE C 203 13.93 -18.07 46.63
C PHE C 203 14.22 -16.61 46.93
N SER C 204 13.17 -15.86 47.25
CA SER C 204 13.34 -14.49 47.70
C SER C 204 13.63 -14.49 49.19
N ARG C 205 14.38 -13.48 49.63
CA ARG C 205 14.72 -13.38 51.05
C ARG C 205 13.48 -13.26 51.93
N LYS C 206 12.42 -12.60 51.44
CA LYS C 206 11.23 -12.42 52.26
C LYS C 206 10.67 -13.76 52.74
N ASP C 207 10.57 -14.73 51.83
CA ASP C 207 10.08 -16.05 52.21
C ASP C 207 10.98 -16.68 53.27
N LEU C 208 12.30 -16.51 53.13
CA LEU C 208 13.21 -17.14 54.08
C LEU C 208 13.20 -16.43 55.43
N GLN C 209 12.95 -15.12 55.44
CA GLN C 209 12.76 -14.39 56.70
C GLN C 209 11.50 -14.87 57.41
N ALA C 210 10.42 -15.04 56.65
CA ALA C 210 9.20 -15.61 57.23
C ALA C 210 9.47 -17.01 57.77
N GLU C 211 10.24 -17.81 57.04
CA GLU C 211 10.57 -19.16 57.50
C GLU C 211 11.39 -19.13 58.77
N LEU C 212 12.35 -18.21 58.86
CA LEU C 212 13.17 -18.09 60.07
C LEU C 212 12.32 -17.70 61.28
N ILE C 213 11.44 -16.71 61.10
CA ILE C 213 10.55 -16.31 62.18
C ILE C 213 9.65 -17.47 62.60
N LEU C 214 9.12 -18.20 61.62
CA LEU C 214 8.24 -19.32 61.92
C LEU C 214 8.98 -20.45 62.62
N LEU C 215 10.22 -20.71 62.21
CA LEU C 215 11.02 -21.73 62.87
C LEU C 215 11.33 -21.35 64.31
N PHE C 216 11.65 -20.08 64.56
CA PHE C 216 11.88 -19.65 65.94
C PHE C 216 10.62 -19.82 66.79
N GLU C 217 9.46 -19.42 66.24
CA GLU C 217 8.21 -19.62 66.95
C GLU C 217 7.96 -21.10 67.26
N LYS C 218 8.11 -21.94 66.23
CA LYS C 218 7.82 -23.36 66.39
C LYS C 218 8.76 -24.01 67.39
N GLN C 219 10.05 -23.69 67.33
CA GLN C 219 10.98 -24.28 68.27
C GLN C 219 10.82 -23.73 69.68
N LYS C 220 10.28 -22.52 69.82
CA LYS C 220 9.81 -22.08 71.13
C LYS C 220 8.64 -22.95 71.60
N GLU C 221 7.76 -23.34 70.67
CA GLU C 221 6.69 -24.27 71.01
C GLU C 221 7.24 -25.63 71.42
N PHE C 222 8.20 -26.16 70.66
CA PHE C 222 8.67 -27.53 70.84
C PHE C 222 9.72 -27.68 71.94
N GLY C 223 10.17 -26.59 72.54
CA GLY C 223 11.06 -26.68 73.68
C GLY C 223 12.54 -26.72 73.33
N ASN C 224 13.00 -25.72 72.57
CA ASN C 224 14.42 -25.60 72.26
C ASN C 224 15.03 -24.61 73.23
N PRO C 225 15.98 -25.03 74.07
CA PRO C 225 16.60 -24.09 75.02
C PRO C 225 17.10 -22.80 74.40
N HIS C 226 17.44 -22.80 73.11
CA HIS C 226 17.98 -21.63 72.44
C HIS C 226 16.95 -21.06 71.48
N VAL C 227 16.03 -20.26 72.03
CA VAL C 227 15.17 -19.36 71.27
C VAL C 227 15.26 -17.98 71.93
N SER C 228 16.38 -17.74 72.62
CA SER C 228 16.59 -16.50 73.36
C SER C 228 16.38 -15.28 72.47
N GLY C 229 15.95 -14.19 73.09
CA GLY C 229 15.78 -12.94 72.36
C GLY C 229 17.07 -12.43 71.73
N GLY C 230 18.18 -12.58 72.44
CA GLY C 230 19.48 -12.23 71.85
C GLY C 230 19.73 -12.94 70.53
N LEU C 231 19.53 -14.27 70.52
CA LEU C 231 19.77 -15.03 69.30
C LEU C 231 18.81 -14.61 68.20
N LYS C 232 17.56 -14.33 68.55
CA LYS C 232 16.57 -13.92 67.56
C LYS C 232 16.97 -12.60 66.90
N GLU C 233 17.24 -11.57 67.71
CA GLU C 233 17.67 -10.28 67.19
C GLU C 233 18.92 -10.42 66.33
N GLY C 234 19.95 -11.08 66.86
CA GLY C 234 21.20 -11.22 66.14
C GLY C 234 21.03 -11.92 64.80
N ILE C 235 20.33 -13.07 64.80
CA ILE C 235 20.17 -13.84 63.57
C ILE C 235 19.33 -13.08 62.56
N GLU C 236 18.27 -12.39 63.00
CA GLU C 236 17.49 -11.58 62.07
C GLU C 236 18.36 -10.51 61.42
N THR C 237 19.18 -9.82 62.23
CA THR C 237 20.08 -8.81 61.67
C THR C 237 21.08 -9.43 60.71
N LEU C 238 21.62 -10.60 61.05
CA LEU C 238 22.60 -11.26 60.21
C LEU C 238 22.00 -11.68 58.87
N LEU C 239 20.76 -12.16 58.88
CA LEU C 239 20.16 -12.64 57.64
C LEU C 239 19.64 -11.51 56.77
N MET C 240 19.28 -10.36 57.36
CA MET C 240 18.65 -9.30 56.59
C MET C 240 19.59 -8.18 56.18
N THR C 241 20.67 -7.94 56.93
CA THR C 241 21.49 -6.75 56.70
C THR C 241 22.33 -6.86 55.43
N GLN C 242 22.40 -5.74 54.70
CA GLN C 242 23.37 -5.53 53.65
C GLN C 242 23.78 -4.07 53.66
N ARG C 243 24.98 -3.80 53.18
CA ARG C 243 25.44 -2.44 53.17
C ARG C 243 24.61 -1.64 52.17
N PRO C 244 24.46 -0.33 52.40
CA PRO C 244 23.71 0.47 51.42
C PRO C 244 24.42 0.50 50.08
N ALA C 245 23.63 0.53 49.02
CA ALA C 245 24.21 0.84 47.72
C ALA C 245 24.67 2.29 47.72
N LEU C 246 25.40 2.67 46.67
CA LEU C 246 26.10 3.95 46.67
C LEU C 246 25.14 5.08 46.98
N SER C 247 25.62 6.04 47.78
CA SER C 247 24.81 7.16 48.21
C SER C 247 24.70 8.21 47.12
N GLY C 248 23.73 9.12 47.30
CA GLY C 248 23.55 10.20 46.35
C GLY C 248 24.81 11.03 46.16
N ASP C 249 25.39 11.54 47.25
CA ASP C 249 26.56 12.40 47.15
C ASP C 249 27.76 11.68 46.57
N ALA C 250 27.94 10.39 46.89
CA ALA C 250 29.07 9.64 46.35
C ALA C 250 28.92 9.37 44.86
N VAL C 251 27.73 8.91 44.46
CA VAL C 251 27.47 8.67 43.04
C VAL C 251 27.56 9.96 42.23
N GLN C 252 27.13 11.08 42.82
CA GLN C 252 27.28 12.36 42.15
C GLN C 252 28.74 12.76 42.03
N LYS C 253 29.53 12.51 43.07
CA LYS C 253 30.96 12.78 43.02
C LYS C 253 31.67 11.91 41.99
N MET C 254 31.12 10.73 41.69
CA MET C 254 31.71 9.87 40.67
C MET C 254 31.87 10.60 39.34
N LEU C 255 30.84 11.33 38.92
CA LEU C 255 30.96 12.17 37.73
C LEU C 255 31.51 13.52 38.15
N GLY C 256 32.25 14.15 37.26
CA GLY C 256 32.93 15.38 37.62
C GLY C 256 31.95 16.49 37.95
N HIS C 257 32.43 17.45 38.74
CA HIS C 257 31.64 18.64 38.99
C HIS C 257 31.46 19.44 37.72
N CYS C 258 30.42 20.25 37.70
CA CYS C 258 30.04 20.96 36.48
C CYS C 258 31.13 21.92 36.04
N THR C 259 31.25 22.09 34.72
CA THR C 259 32.27 22.95 34.13
C THR C 259 31.79 24.38 34.00
N PHE C 260 30.48 24.63 34.15
CA PHE C 260 29.93 25.97 34.16
C PHE C 260 29.55 26.45 35.57
N GLU C 261 29.02 25.56 36.42
CA GLU C 261 28.76 25.87 37.83
C GLU C 261 29.59 24.91 38.65
N PRO C 262 30.84 25.26 38.98
CA PRO C 262 31.74 24.31 39.64
C PRO C 262 31.16 23.59 40.84
N ALA C 263 30.33 24.26 41.65
CA ALA C 263 29.77 23.62 42.83
C ALA C 263 28.78 22.50 42.50
N GLU C 264 28.14 22.57 41.35
CA GLU C 264 27.02 21.68 41.09
C GLU C 264 27.44 20.42 40.33
N PRO C 265 26.68 19.34 40.50
CA PRO C 265 26.96 18.08 39.81
C PRO C 265 26.34 18.03 38.42
N LYS C 266 26.77 17.03 37.65
CA LYS C 266 26.26 16.83 36.30
C LYS C 266 24.88 16.18 36.32
N ALA C 267 24.00 16.68 35.45
CA ALA C 267 22.59 16.33 35.46
C ALA C 267 22.37 14.85 35.16
N ALA C 268 21.21 14.35 35.58
CA ALA C 268 20.66 13.11 35.03
C ALA C 268 19.98 13.37 33.69
N LYS C 269 20.02 12.35 32.83
CA LYS C 269 19.37 12.47 31.52
C LYS C 269 17.86 12.64 31.66
N ASN C 270 17.21 11.83 32.52
CA ASN C 270 15.76 11.84 32.61
C ASN C 270 15.34 13.05 33.44
N THR C 271 15.38 14.21 32.78
CA THR C 271 15.15 15.49 33.42
C THR C 271 14.51 16.41 32.38
N TYR C 272 13.43 17.10 32.77
CA TYR C 272 12.80 18.07 31.89
C TYR C 272 13.82 19.00 31.26
N THR C 273 14.71 19.59 32.07
CA THR C 273 15.68 20.51 31.53
C THR C 273 16.64 19.81 30.56
N ALA C 274 17.08 18.61 30.89
CA ALA C 274 18.02 17.88 30.04
C ALA C 274 17.35 17.47 28.73
N GLU C 275 16.16 16.87 28.83
CA GLU C 275 15.42 16.52 27.63
C GLU C 275 15.13 17.74 26.77
N ARG C 276 14.81 18.87 27.40
CA ARG C 276 14.54 20.09 26.66
C ARG C 276 15.80 20.61 25.96
N PHE C 277 16.95 20.48 26.61
CA PHE C 277 18.20 20.85 25.97
C PHE C 277 18.47 19.99 24.75
N ILE C 278 18.31 18.66 24.90
CA ILE C 278 18.50 17.75 23.76
C ILE C 278 17.56 18.14 22.61
N TRP C 279 16.29 18.38 22.96
CA TRP C 279 15.27 18.71 21.96
C TRP C 279 15.61 20.01 21.24
N LEU C 280 15.99 21.04 22.00
CA LEU C 280 16.34 22.33 21.41
C LEU C 280 17.57 22.22 20.53
N THR C 281 18.55 21.41 20.93
CA THR C 281 19.72 21.20 20.08
C THR C 281 19.32 20.57 18.76
N LYS C 282 18.50 19.52 18.82
CA LYS C 282 18.04 18.85 17.61
C LYS C 282 17.28 19.82 16.71
N LEU C 283 16.31 20.55 17.28
CA LEU C 283 15.50 21.46 16.47
C LEU C 283 16.32 22.57 15.85
N ASN C 284 17.26 23.14 16.61
CA ASN C 284 18.09 24.22 16.11
C ASN C 284 19.06 23.75 15.05
N ASN C 285 19.53 22.50 15.14
CA ASN C 285 20.51 22.03 14.16
C ASN C 285 19.86 21.47 12.90
N LEU C 286 18.60 21.06 12.95
CA LEU C 286 17.92 20.60 11.75
C LEU C 286 17.52 21.80 10.90
N ARG C 287 18.09 21.85 9.71
CA ARG C 287 17.79 22.86 8.71
C ARG C 287 17.17 22.17 7.52
N ILE C 288 16.39 22.91 6.75
CA ILE C 288 15.74 22.35 5.58
C ILE C 288 16.61 22.67 4.38
N LEU C 289 16.96 21.64 3.62
CA LEU C 289 17.64 21.82 2.35
C LEU C 289 16.55 21.91 1.28
N GLU C 290 16.47 23.07 0.64
CA GLU C 290 15.57 23.26 -0.48
C GLU C 290 16.36 23.04 -1.76
N GLN C 291 15.74 22.37 -2.74
CA GLN C 291 16.49 22.10 -3.96
C GLN C 291 17.00 23.43 -4.51
N GLY C 292 18.31 23.59 -4.43
CA GLY C 292 18.98 24.87 -4.70
C GLY C 292 18.87 25.92 -3.62
N SER C 293 18.91 25.54 -2.34
CA SER C 293 19.37 26.45 -1.29
C SER C 293 19.41 25.79 0.08
N GLU C 294 19.95 26.53 1.05
CA GLU C 294 19.90 26.07 2.43
C GLU C 294 19.02 27.03 3.24
N ARG C 295 18.41 26.50 4.31
CA ARG C 295 17.69 27.36 5.22
C ARG C 295 17.33 26.58 6.47
N PRO C 296 17.33 27.19 7.64
CA PRO C 296 16.85 26.51 8.84
C PRO C 296 15.37 26.80 9.09
N LEU C 297 14.75 25.91 9.86
CA LEU C 297 13.33 26.05 10.17
C LEU C 297 13.06 27.44 10.75
N THR C 298 12.08 28.14 10.17
CA THR C 298 11.73 29.45 10.67
C THR C 298 11.07 29.36 12.04
N ASP C 299 11.01 30.49 12.74
CA ASP C 299 10.49 30.52 14.10
C ASP C 299 9.08 29.95 14.18
N THR C 300 8.27 30.16 13.14
CA THR C 300 6.94 29.56 13.12
C THR C 300 7.02 28.04 13.06
N GLU C 301 7.97 27.50 12.30
CA GLU C 301 8.13 26.05 12.22
C GLU C 301 8.58 25.48 13.57
N ARG C 302 9.57 26.12 14.20
CA ARG C 302 10.02 25.70 15.52
C ARG C 302 8.87 25.74 16.52
N ALA C 303 8.12 26.83 16.54
CA ALA C 303 6.97 26.94 17.43
C ALA C 303 5.96 25.82 17.16
N THR C 304 5.75 25.49 15.89
CA THR C 304 4.85 24.38 15.55
C THR C 304 5.35 23.07 16.14
N LEU C 305 6.63 22.78 15.98
CA LEU C 305 7.20 21.52 16.44
C LEU C 305 7.52 21.50 17.93
N MET C 306 7.63 22.68 18.57
CA MET C 306 8.24 22.78 19.89
C MET C 306 7.61 21.86 20.92
N ASP C 307 6.28 21.81 20.98
CA ASP C 307 5.59 21.09 22.04
C ASP C 307 5.12 19.71 21.63
N GLU C 308 5.37 19.29 20.40
CA GLU C 308 4.82 18.04 19.87
C GLU C 308 5.41 16.78 20.50
N PRO C 309 6.69 16.75 20.89
CA PRO C 309 7.18 15.56 21.60
C PRO C 309 6.45 15.28 22.90
N TYR C 310 5.97 16.31 23.61
CA TYR C 310 5.17 16.07 24.81
C TYR C 310 3.78 15.59 24.46
N ARG C 311 3.16 16.20 23.44
CA ARG C 311 1.77 15.92 23.13
C ARG C 311 1.60 14.53 22.52
N LYS C 312 2.51 14.13 21.64
CA LYS C 312 2.48 12.79 21.05
C LYS C 312 3.46 11.86 21.77
N SER C 313 3.29 10.56 21.52
CA SER C 313 4.19 9.59 22.12
C SER C 313 5.60 9.72 21.57
N LYS C 314 5.73 9.72 20.25
CA LYS C 314 6.99 10.01 19.58
C LYS C 314 6.69 10.88 18.37
N LEU C 315 7.64 11.76 18.06
CA LEU C 315 7.49 12.68 16.92
C LEU C 315 8.26 12.11 15.74
N THR C 316 7.56 11.30 14.94
CA THR C 316 8.13 10.77 13.72
C THR C 316 8.52 11.89 12.77
N TYR C 317 9.58 11.66 11.99
CA TYR C 317 9.98 12.63 10.98
C TYR C 317 8.84 12.84 9.97
N ALA C 318 8.13 11.77 9.61
CA ALA C 318 6.98 11.91 8.73
C ALA C 318 5.89 12.78 9.37
N GLN C 319 5.68 12.62 10.68
CA GLN C 319 4.72 13.49 11.36
C GLN C 319 5.16 14.95 11.29
N ALA C 320 6.46 15.21 11.43
CA ALA C 320 6.94 16.58 11.31
C ALA C 320 6.76 17.11 9.89
N ARG C 321 6.98 16.25 8.89
CA ARG C 321 6.76 16.65 7.51
C ARG C 321 5.30 17.00 7.26
N LYS C 322 4.37 16.20 7.79
CA LYS C 322 2.96 16.54 7.68
C LYS C 322 2.66 17.85 8.38
N LEU C 323 3.18 18.01 9.60
CA LEU C 323 2.93 19.22 10.37
C LEU C 323 3.39 20.46 9.62
N LEU C 324 4.55 20.37 8.94
CA LEU C 324 5.08 21.51 8.18
C LEU C 324 4.69 21.50 6.72
N GLY C 325 4.09 20.41 6.23
CA GLY C 325 3.64 20.31 4.85
C GLY C 325 4.63 20.56 3.74
N LEU C 326 5.81 19.93 3.78
CA LEU C 326 6.80 20.18 2.73
C LEU C 326 6.36 19.59 1.39
N GLU C 327 5.89 18.33 1.43
CA GLU C 327 5.18 17.58 0.40
C GLU C 327 5.96 17.18 -0.85
N ASP C 328 7.06 17.88 -1.15
CA ASP C 328 7.95 17.56 -2.26
C ASP C 328 8.92 18.70 -2.53
N THR C 329 10.02 18.38 -3.22
CA THR C 329 11.10 19.28 -3.62
C THR C 329 11.68 20.11 -2.47
N ALA C 330 11.30 19.79 -1.23
CA ALA C 330 11.91 20.38 -0.04
C ALA C 330 12.27 19.24 0.89
N PHE C 331 13.58 19.01 1.10
CA PHE C 331 14.04 17.88 1.87
C PHE C 331 14.70 18.39 3.13
N PHE C 332 14.70 17.58 4.18
CA PHE C 332 15.36 17.99 5.41
C PHE C 332 16.87 17.80 5.28
N LYS C 333 17.62 18.80 5.70
CA LYS C 333 19.07 18.67 5.76
C LYS C 333 19.46 18.00 7.06
N GLY C 334 20.60 17.33 7.05
CA GLY C 334 20.97 16.50 8.17
C GLY C 334 20.01 15.33 8.26
N LEU C 335 19.80 14.67 7.13
CA LEU C 335 18.89 13.53 7.04
C LEU C 335 19.28 12.71 5.82
N ARG C 336 19.56 11.42 6.02
CA ARG C 336 19.95 10.55 4.91
C ARG C 336 18.72 10.28 4.05
N TYR C 337 18.64 10.97 2.92
CA TYR C 337 17.47 10.88 2.05
C TYR C 337 17.60 9.82 0.98
N GLY C 338 18.80 9.25 0.80
CA GLY C 338 18.94 8.09 -0.07
C GLY C 338 18.21 6.88 0.47
N LYS C 339 18.34 6.62 1.77
CA LYS C 339 17.62 5.52 2.39
C LYS C 339 16.12 5.70 2.21
N ASP C 340 15.45 4.60 1.85
CA ASP C 340 14.03 4.66 1.53
C ASP C 340 13.20 4.72 2.80
N ASN C 341 12.10 5.49 2.74
CA ASN C 341 11.29 5.81 3.91
C ASN C 341 12.16 6.29 5.06
N ALA C 342 13.04 7.26 4.75
CA ALA C 342 13.88 7.85 5.78
C ALA C 342 13.07 8.71 6.73
N GLU C 343 11.95 9.26 6.26
CA GLU C 343 11.12 10.16 7.06
C GLU C 343 10.30 9.43 8.11
N ALA C 344 10.45 8.11 8.22
CA ALA C 344 9.83 7.34 9.29
C ALA C 344 10.65 7.33 10.58
N SER C 345 11.77 8.04 10.62
CA SER C 345 12.61 8.05 11.81
C SER C 345 11.84 8.57 13.03
N THR C 346 12.28 8.13 14.21
CA THR C 346 11.63 8.41 15.49
C THR C 346 12.29 9.63 16.13
N LEU C 347 12.46 10.68 15.32
CA LEU C 347 13.29 11.86 15.55
C LEU C 347 13.42 12.33 16.99
N MET C 348 12.36 12.25 17.80
CA MET C 348 12.52 12.61 19.21
C MET C 348 11.37 12.05 20.04
N GLU C 349 11.74 11.54 21.22
CA GLU C 349 10.80 11.06 22.23
C GLU C 349 11.29 11.53 23.60
N MET C 350 10.43 12.24 24.32
CA MET C 350 10.76 12.68 25.68
C MET C 350 10.47 11.51 26.63
N LYS C 351 11.52 10.75 26.94
CA LYS C 351 11.35 9.52 27.71
C LYS C 351 10.85 9.78 29.11
N ALA C 352 11.39 10.80 29.78
CA ALA C 352 11.03 11.06 31.18
C ALA C 352 9.57 11.51 31.29
N TYR C 353 9.18 12.52 30.50
CA TYR C 353 7.81 13.01 30.51
C TYR C 353 6.80 11.89 30.31
N HIS C 354 7.00 11.07 29.27
CA HIS C 354 6.05 10.02 28.96
C HIS C 354 6.14 8.86 29.94
N ALA C 355 7.31 8.62 30.53
CA ALA C 355 7.42 7.59 31.57
C ALA C 355 6.61 7.99 32.79
N ILE C 356 6.74 9.25 33.24
CA ILE C 356 5.95 9.74 34.37
C ILE C 356 4.47 9.66 34.05
N SER C 357 4.09 10.10 32.85
CA SER C 357 2.68 10.11 32.47
C SER C 357 2.10 8.71 32.41
N ARG C 358 2.84 7.75 31.85
CA ARG C 358 2.38 6.36 31.82
C ARG C 358 2.31 5.78 33.22
N ALA C 359 3.26 6.14 34.08
CA ALA C 359 3.25 5.64 35.46
C ALA C 359 1.99 6.07 36.18
N LEU C 360 1.67 7.37 36.12
CA LEU C 360 0.43 7.84 36.76
C LEU C 360 -0.80 7.26 36.08
N GLU C 361 -0.82 7.26 34.74
CA GLU C 361 -1.96 6.77 33.98
C GLU C 361 -2.29 5.31 34.30
N LYS C 362 -1.27 4.49 34.53
CA LYS C 362 -1.51 3.06 34.68
C LYS C 362 -2.21 2.69 35.98
N GLU C 363 -2.38 3.64 36.92
CA GLU C 363 -3.04 3.34 38.18
C GLU C 363 -4.16 4.31 38.55
N GLY C 364 -4.42 5.34 37.75
CA GLY C 364 -5.56 6.20 37.96
C GLY C 364 -5.28 7.61 38.50
N LEU C 365 -4.06 8.11 38.39
CA LEU C 365 -3.72 9.45 38.85
C LEU C 365 -3.53 10.42 37.69
N LYS C 366 -3.72 9.98 36.46
CA LYS C 366 -3.38 10.75 35.28
C LYS C 366 -4.54 10.80 34.29
N ASP C 367 -4.87 12.01 33.86
CA ASP C 367 -5.79 12.24 32.74
C ASP C 367 -5.09 11.85 31.44
N LYS C 368 -5.63 10.83 30.77
CA LYS C 368 -4.88 10.11 29.74
C LYS C 368 -4.39 11.02 28.61
N LYS C 369 -5.27 11.83 28.02
CA LYS C 369 -4.91 12.64 26.86
C LYS C 369 -4.85 14.12 27.18
N SER C 370 -4.22 14.47 28.30
CA SER C 370 -4.11 15.86 28.72
C SER C 370 -2.78 16.04 29.47
N PRO C 371 -2.26 17.27 29.48
CA PRO C 371 -0.84 17.45 29.85
C PRO C 371 -0.52 17.13 31.30
N LEU C 372 0.71 16.65 31.51
CA LEU C 372 1.21 16.33 32.84
C LEU C 372 1.35 17.60 33.68
N ASN C 373 0.63 17.66 34.80
CA ASN C 373 0.53 18.88 35.60
C ASN C 373 1.70 19.07 36.56
N LEU C 374 2.57 18.07 36.72
CA LEU C 374 3.70 18.22 37.63
C LEU C 374 4.58 19.36 37.16
N SER C 375 5.14 20.10 38.11
CA SER C 375 5.88 21.30 37.76
C SER C 375 7.15 20.93 36.97
N PRO C 376 7.56 21.77 36.02
CA PRO C 376 8.84 21.53 35.33
C PRO C 376 10.02 21.41 36.29
N GLU C 377 10.14 22.34 37.22
CA GLU C 377 11.16 22.27 38.27
C GLU C 377 10.97 20.98 39.07
N LEU C 378 9.73 20.71 39.47
CA LEU C 378 9.43 19.49 40.21
C LEU C 378 9.76 18.25 39.36
N GLN C 379 9.57 18.33 38.05
CA GLN C 379 9.95 17.21 37.19
C GLN C 379 11.45 16.97 37.20
N ASP C 380 12.24 18.05 37.11
CA ASP C 380 13.69 17.93 37.27
C ASP C 380 14.03 17.23 38.58
N GLU C 381 13.38 17.68 39.66
CA GLU C 381 13.65 17.10 40.98
C GLU C 381 13.28 15.63 41.04
N ILE C 382 12.12 15.27 40.51
CA ILE C 382 11.66 13.87 40.52
C ILE C 382 12.62 12.99 39.73
N GLY C 383 12.99 13.43 38.53
CA GLY C 383 13.92 12.66 37.73
C GLY C 383 15.25 12.44 38.45
N THR C 384 15.84 13.51 38.97
CA THR C 384 17.11 13.39 39.68
C THR C 384 16.97 12.48 40.90
N ALA C 385 15.88 12.63 41.64
CA ALA C 385 15.65 11.77 42.81
C ALA C 385 15.60 10.30 42.43
N PHE C 386 14.81 9.96 41.41
CA PHE C 386 14.71 8.56 41.01
C PHE C 386 16.01 8.05 40.40
N SER C 387 16.87 8.93 39.90
CA SER C 387 18.17 8.51 39.41
C SER C 387 19.25 8.45 40.49
N LEU C 388 19.00 9.06 41.65
CA LEU C 388 20.04 9.20 42.67
C LEU C 388 19.95 8.16 43.77
N PHE C 389 18.80 7.51 43.94
CA PHE C 389 18.63 6.47 44.94
C PHE C 389 18.28 5.16 44.23
N LYS C 390 18.82 4.05 44.74
CA LYS C 390 18.68 2.75 44.09
C LYS C 390 17.94 1.75 44.97
N THR C 391 17.19 2.23 45.96
CA THR C 391 16.40 1.37 46.83
C THR C 391 15.10 2.08 47.17
N ASP C 392 14.08 1.29 47.51
CA ASP C 392 12.80 1.85 47.87
C ASP C 392 12.92 2.84 49.03
N GLU C 393 13.76 2.51 50.02
CA GLU C 393 13.84 3.32 51.23
C GLU C 393 14.37 4.73 50.96
N ASP C 394 15.48 4.83 50.21
CA ASP C 394 16.11 6.12 49.97
C ASP C 394 15.20 7.04 49.15
N ILE C 395 14.73 6.53 48.00
CA ILE C 395 13.77 7.25 47.17
C ILE C 395 12.54 7.65 47.96
N THR C 396 12.05 6.75 48.82
CA THR C 396 10.88 7.08 49.63
C THR C 396 11.16 8.29 50.49
N GLY C 397 12.33 8.36 51.13
CA GLY C 397 12.64 9.56 51.90
C GLY C 397 12.64 10.83 51.05
N ARG C 398 13.43 10.80 49.97
CA ARG C 398 13.57 11.99 49.12
C ARG C 398 12.22 12.51 48.65
N LEU C 399 11.48 11.66 47.94
CA LEU C 399 10.22 12.12 47.37
C LEU C 399 9.06 12.05 48.35
N LYS C 400 9.26 11.47 49.53
CA LYS C 400 8.30 11.66 50.61
C LYS C 400 8.34 13.10 51.08
N ASP C 401 9.54 13.70 51.09
CA ASP C 401 9.57 15.15 51.21
C ASP C 401 8.88 15.80 50.01
N ARG C 402 9.21 15.34 48.79
CA ARG C 402 8.97 16.21 47.65
C ARG C 402 7.76 15.85 46.80
N ILE C 403 7.11 14.71 47.00
CA ILE C 403 5.94 14.36 46.21
C ILE C 403 4.84 13.79 47.11
N GLN C 404 3.59 13.93 46.65
CA GLN C 404 2.45 13.45 47.42
C GLN C 404 2.46 11.93 47.50
N PRO C 405 1.95 11.37 48.60
CA PRO C 405 2.17 9.93 48.84
C PRO C 405 1.66 9.03 47.73
N GLU C 406 0.44 9.26 47.22
CA GLU C 406 -0.07 8.45 46.12
C GLU C 406 0.79 8.60 44.87
N ILE C 407 1.17 9.83 44.53
CA ILE C 407 1.99 10.07 43.34
C ILE C 407 3.35 9.41 43.49
N LEU C 408 3.98 9.57 44.65
CA LEU C 408 5.29 8.97 44.87
C LEU C 408 5.21 7.46 44.84
N GLU C 409 4.16 6.88 45.43
CA GLU C 409 3.97 5.44 45.40
C GLU C 409 3.80 4.94 43.97
N ALA C 410 2.99 5.64 43.17
CA ALA C 410 2.80 5.25 41.78
C ALA C 410 4.11 5.32 41.00
N LEU C 411 4.89 6.37 41.20
CA LEU C 411 6.18 6.48 40.53
C LEU C 411 7.13 5.36 40.97
N LEU C 412 7.16 5.06 42.27
CA LEU C 412 8.03 4.01 42.80
C LEU C 412 7.63 2.63 42.31
N LYS C 413 6.35 2.43 42.00
CA LYS C 413 5.90 1.13 41.52
C LYS C 413 6.40 0.82 40.11
N HIS C 414 6.54 1.82 39.25
CA HIS C 414 7.15 1.56 37.95
C HIS C 414 7.77 2.81 37.35
N ILE C 415 9.08 2.99 37.56
CA ILE C 415 9.93 3.99 36.92
C ILE C 415 11.37 3.49 37.08
N SER C 416 12.16 3.53 36.00
CA SER C 416 13.55 3.13 36.03
C SER C 416 14.41 4.17 35.33
N PHE C 417 15.40 4.73 36.04
CA PHE C 417 16.22 5.82 35.53
C PHE C 417 17.71 5.50 35.61
N ASP C 418 18.50 6.25 34.84
CA ASP C 418 19.94 6.04 34.63
C ASP C 418 20.49 7.25 33.90
N LYS C 419 21.74 7.16 33.44
CA LYS C 419 22.22 8.07 32.38
C LYS C 419 22.40 9.54 32.75
N PHE C 420 23.61 9.94 33.16
CA PHE C 420 23.86 11.34 33.44
C PHE C 420 24.38 12.06 32.19
N VAL C 421 24.35 13.40 32.22
CA VAL C 421 24.42 14.18 30.99
C VAL C 421 25.52 15.24 30.99
N GLN C 422 26.42 15.23 31.98
CA GLN C 422 27.63 16.08 31.96
C GLN C 422 27.33 17.57 31.83
N ILE C 423 26.25 18.04 32.45
CA ILE C 423 25.98 19.47 32.57
C ILE C 423 25.20 19.71 33.86
N SER C 424 25.31 20.93 34.39
CA SER C 424 24.64 21.28 35.62
C SER C 424 23.22 21.75 35.34
N LEU C 425 22.26 21.25 36.13
CA LEU C 425 20.88 21.68 35.99
C LEU C 425 20.75 23.18 36.22
N LYS C 426 21.57 23.73 37.12
CA LYS C 426 21.61 25.18 37.28
C LYS C 426 22.12 25.86 36.02
N ALA C 427 23.20 25.33 35.45
CA ALA C 427 23.72 25.89 34.21
C ALA C 427 22.71 25.75 33.08
N LEU C 428 22.08 24.58 32.96
CA LEU C 428 21.10 24.38 31.91
C LEU C 428 19.88 25.27 32.07
N ARG C 429 19.48 25.60 33.31
CA ARG C 429 18.35 26.49 33.50
C ARG C 429 18.57 27.82 32.78
N ARG C 430 19.78 28.38 32.90
CA ARG C 430 20.13 29.61 32.19
C ARG C 430 20.38 29.36 30.70
N ILE C 431 20.95 28.19 30.37
CA ILE C 431 21.33 27.90 28.99
C ILE C 431 20.12 27.71 28.09
N VAL C 432 19.08 27.03 28.59
CA VAL C 432 17.96 26.59 27.76
C VAL C 432 17.08 27.71 27.21
N PRO C 433 16.94 28.89 27.83
CA PRO C 433 16.21 29.96 27.11
C PRO C 433 16.85 30.35 25.79
N LEU C 434 18.18 30.38 25.70
CA LEU C 434 18.82 30.70 24.43
C LEU C 434 18.56 29.62 23.38
N MET C 435 18.67 28.34 23.76
CA MET C 435 18.48 27.28 22.79
C MET C 435 17.01 27.09 22.45
N GLU C 436 16.15 27.32 23.44
CA GLU C 436 14.72 27.10 23.31
C GLU C 436 14.10 28.07 22.30
N GLN C 437 14.36 29.37 22.47
CA GLN C 437 13.89 30.37 21.50
C GLN C 437 14.40 30.05 20.09
N GLY C 438 15.66 29.61 19.96
CA GLY C 438 16.19 29.31 18.65
C GLY C 438 17.60 29.78 18.35
N LYS C 439 18.42 30.00 19.37
CA LYS C 439 19.83 30.30 19.15
C LYS C 439 20.61 29.02 18.83
N ARG C 440 21.88 29.20 18.46
CA ARG C 440 22.77 28.10 18.11
C ARG C 440 23.31 27.38 19.33
N TYR C 441 23.79 26.14 19.10
CA TYR C 441 24.26 25.31 20.20
C TYR C 441 25.55 25.86 20.83
N ASP C 442 26.57 26.10 19.99
CA ASP C 442 27.87 26.54 20.46
C ASP C 442 27.85 27.97 20.98
N GLU C 443 27.09 28.85 20.32
CA GLU C 443 27.05 30.27 20.68
C GLU C 443 26.61 30.47 22.13
N ALA C 444 25.62 29.72 22.59
CA ALA C 444 25.06 29.91 23.92
C ALA C 444 26.13 29.76 25.00
N CYS C 445 27.05 28.82 24.83
CA CYS C 445 28.11 28.63 25.83
C CYS C 445 28.93 29.90 26.00
N ALA C 446 29.33 30.53 24.88
CA ALA C 446 30.04 31.79 24.95
C ALA C 446 29.16 32.88 25.54
N GLU C 447 27.87 32.88 25.22
CA GLU C 447 26.94 33.89 25.73
C GLU C 447 26.92 33.91 27.25
N ILE C 448 27.06 32.74 27.88
CA ILE C 448 27.00 32.61 29.34
C ILE C 448 25.67 33.13 29.87
N THR C 458 45.12 31.85 31.96
CA THR C 458 46.15 32.33 31.06
C THR C 458 47.53 31.93 31.58
N GLU C 459 47.77 30.61 31.62
CA GLU C 459 49.04 30.07 32.09
C GLU C 459 49.62 29.22 30.98
N GLU C 460 50.50 29.83 30.19
CA GLU C 460 51.20 29.12 29.13
C GLU C 460 52.50 28.58 29.70
N LYS C 461 52.88 27.38 29.25
CA LYS C 461 54.14 26.81 29.70
C LYS C 461 54.87 26.22 28.51
N ILE C 462 56.12 25.85 28.76
CA ILE C 462 56.96 25.30 27.69
C ILE C 462 56.47 23.90 27.32
N TYR C 463 56.19 23.08 28.33
CA TYR C 463 55.81 21.69 28.12
C TYR C 463 54.30 21.55 28.32
N LEU C 464 53.64 20.86 27.39
CA LEU C 464 52.19 20.66 27.50
C LEU C 464 51.86 19.91 28.79
N PRO C 465 50.91 20.40 29.58
CA PRO C 465 50.51 19.68 30.80
C PRO C 465 49.67 18.46 30.44
N PRO C 466 49.51 17.52 31.40
CA PRO C 466 48.73 16.30 31.13
C PRO C 466 47.33 16.57 30.59
N ILE C 467 46.79 15.60 29.86
CA ILE C 467 45.46 15.67 29.27
C ILE C 467 44.41 15.53 30.37
N PRO C 468 43.49 16.48 30.53
CA PRO C 468 42.48 16.38 31.60
C PRO C 468 41.54 15.21 31.36
N ALA C 469 41.58 14.23 32.26
CA ALA C 469 40.75 13.03 32.13
C ALA C 469 39.26 13.33 32.21
N ASP C 470 38.87 14.44 32.83
CA ASP C 470 37.45 14.75 32.97
C ASP C 470 36.82 15.08 31.62
N GLU C 471 37.46 15.96 30.84
CA GLU C 471 36.90 16.36 29.56
C GLU C 471 37.03 15.26 28.50
N ILE C 472 37.99 14.36 28.67
CA ILE C 472 38.16 13.26 27.72
C ILE C 472 37.68 11.99 28.41
N ARG C 473 36.40 11.66 28.22
CA ARG C 473 35.73 10.59 28.96
C ARG C 473 35.87 9.22 28.30
N ASN C 474 36.92 9.01 27.50
CA ASN C 474 37.01 7.81 26.67
C ASN C 474 38.42 7.26 26.82
N PRO C 475 38.57 5.96 27.13
CA PRO C 475 39.91 5.42 27.39
C PRO C 475 40.82 5.47 26.17
N VAL C 476 40.31 5.11 25.00
CA VAL C 476 41.12 5.10 23.79
C VAL C 476 41.58 6.51 23.45
N VAL C 477 40.65 7.47 23.49
CA VAL C 477 41.00 8.86 23.19
C VAL C 477 42.00 9.39 24.21
N LEU C 478 41.82 9.04 25.48
CA LEU C 478 42.73 9.54 26.51
C LEU C 478 44.13 8.98 26.31
N ARG C 479 44.25 7.69 26.00
CA ARG C 479 45.59 7.12 25.80
C ARG C 479 46.24 7.68 24.55
N ALA C 480 45.46 7.88 23.48
CA ALA C 480 46.02 8.45 22.25
C ALA C 480 46.52 9.87 22.50
N LEU C 481 45.73 10.68 23.20
CA LEU C 481 46.14 12.04 23.50
C LEU C 481 47.32 12.07 24.46
N SER C 482 47.38 11.13 25.41
CA SER C 482 48.52 11.08 26.32
C SER C 482 49.82 10.76 25.57
N GLN C 483 49.77 9.80 24.65
CA GLN C 483 50.98 9.50 23.89
C GLN C 483 51.34 10.62 22.92
N ALA C 484 50.34 11.31 22.37
CA ALA C 484 50.63 12.49 21.58
C ALA C 484 51.30 13.56 22.43
N ARG C 485 50.86 13.71 23.68
CA ARG C 485 51.49 14.66 24.59
C ARG C 485 52.93 14.28 24.87
N LYS C 486 53.19 12.99 25.12
CA LYS C 486 54.56 12.55 25.34
C LYS C 486 55.43 12.86 24.14
N VAL C 487 54.91 12.62 22.93
CA VAL C 487 55.64 12.96 21.71
C VAL C 487 55.95 14.45 21.67
N ILE C 488 54.93 15.28 21.97
CA ILE C 488 55.10 16.73 21.91
C ILE C 488 56.19 17.19 22.88
N ASN C 489 56.12 16.70 24.12
CA ASN C 489 57.07 17.12 25.15
C ASN C 489 58.48 16.68 24.82
N GLY C 490 58.64 15.44 24.33
CA GLY C 490 59.96 15.00 23.91
C GLY C 490 60.52 15.84 22.78
N VAL C 491 59.68 16.14 21.79
CA VAL C 491 60.11 17.00 20.68
C VAL C 491 60.54 18.36 21.19
N VAL C 492 59.80 18.90 22.16
CA VAL C 492 60.12 20.23 22.69
C VAL C 492 61.45 20.19 23.44
N ARG C 493 61.65 19.18 24.29
CA ARG C 493 62.92 19.05 24.99
C ARG C 493 64.09 18.98 24.00
N ARG C 494 63.95 18.18 22.95
CA ARG C 494 65.09 18.00 22.06
C ARG C 494 65.33 19.21 21.16
N TYR C 495 64.27 19.85 20.67
CA TYR C 495 64.42 20.87 19.63
C TYR C 495 63.81 22.22 19.96
N GLY C 496 63.30 22.42 21.18
CA GLY C 496 62.72 23.72 21.52
C GLY C 496 61.26 23.83 21.16
N SER C 497 60.72 25.03 21.39
CA SER C 497 59.30 25.27 21.19
C SER C 497 58.99 25.40 19.71
N PRO C 498 57.95 24.73 19.21
CA PRO C 498 57.61 24.83 17.80
C PRO C 498 56.89 26.12 17.45
N ALA C 499 57.02 26.51 16.17
CA ALA C 499 56.28 27.66 15.67
C ALA C 499 54.78 27.37 15.59
N ARG C 500 54.41 26.24 14.98
CA ARG C 500 53.02 25.86 14.82
C ARG C 500 52.90 24.36 15.04
N ILE C 501 51.70 23.92 15.43
CA ILE C 501 51.38 22.51 15.55
C ILE C 501 50.16 22.22 14.68
N HIS C 502 50.33 21.34 13.71
CA HIS C 502 49.25 20.88 12.85
C HIS C 502 48.87 19.47 13.26
N ILE C 503 47.57 19.15 13.23
CA ILE C 503 47.06 17.90 13.76
C ILE C 503 46.11 17.25 12.76
N GLU C 504 46.21 15.94 12.62
CA GLU C 504 45.29 15.13 11.80
C GLU C 504 44.99 13.86 12.57
N THR C 505 43.76 13.73 13.07
CA THR C 505 43.38 12.57 13.86
C THR C 505 42.49 11.63 13.05
N ALA C 506 42.69 10.34 13.23
CA ALA C 506 41.94 9.33 12.48
C ALA C 506 40.44 9.42 12.79
N ARG C 507 39.64 8.93 11.85
CA ARG C 507 38.20 8.85 12.05
C ARG C 507 37.85 7.88 13.18
N GLU C 508 38.60 6.80 13.32
CA GLU C 508 38.30 5.77 14.31
C GLU C 508 38.45 6.28 15.74
N VAL C 509 39.19 7.37 15.95
CA VAL C 509 39.38 7.91 17.29
C VAL C 509 38.07 8.55 17.76
N GLY C 510 37.57 8.10 18.91
CA GLY C 510 36.36 8.65 19.47
C GLY C 510 35.09 7.96 19.06
N LYS C 511 35.17 6.70 18.62
CA LYS C 511 34.01 5.95 18.16
C LYS C 511 33.80 4.76 19.08
N SER C 512 32.53 4.43 19.33
CA SER C 512 32.21 3.23 20.08
C SER C 512 32.79 2.00 19.37
N PHE C 513 33.10 0.96 20.14
CA PHE C 513 33.51 -0.30 19.54
C PHE C 513 32.45 -0.80 18.57
N LYS C 514 31.17 -0.60 18.92
CA LYS C 514 30.08 -0.89 17.99
C LYS C 514 30.19 -0.06 16.72
N ASP C 515 30.38 1.25 16.86
CA ASP C 515 30.51 2.13 15.70
C ASP C 515 31.66 1.68 14.81
N ARG C 516 32.84 1.44 15.40
CA ARG C 516 33.99 1.05 14.60
C ARG C 516 33.81 -0.32 13.95
N LYS C 517 33.11 -1.24 14.62
CA LYS C 517 32.81 -2.52 13.99
C LYS C 517 31.90 -2.34 12.78
N GLU C 518 30.87 -1.51 12.91
CA GLU C 518 30.01 -1.19 11.77
C GLU C 518 30.79 -0.53 10.65
N ILE C 519 31.74 0.34 11.01
CA ILE C 519 32.54 1.03 10.00
C ILE C 519 33.42 0.03 9.24
N GLU C 520 34.05 -0.91 9.96
CA GLU C 520 34.82 -1.96 9.30
C GLU C 520 33.95 -2.78 8.36
N LYS C 521 32.74 -3.12 8.82
CA LYS C 521 31.81 -3.87 7.97
C LYS C 521 31.51 -3.12 6.68
N ARG C 522 31.19 -1.84 6.79
CA ARG C 522 30.87 -1.06 5.59
C ARG C 522 32.08 -0.92 4.68
N GLN C 523 33.26 -0.72 5.26
CA GLN C 523 34.46 -0.57 4.46
C GLN C 523 34.75 -1.81 3.65
N GLU C 524 34.60 -3.00 4.26
CA GLU C 524 34.84 -4.22 3.50
C GLU C 524 33.76 -4.45 2.45
N GLU C 525 32.50 -4.12 2.79
CA GLU C 525 31.43 -4.16 1.80
C GLU C 525 31.78 -3.32 0.58
N ASN C 526 32.25 -2.09 0.80
CA ASN C 526 32.63 -1.21 -0.30
C ASN C 526 33.81 -1.79 -1.07
N ARG C 527 34.75 -2.43 -0.37
CA ARG C 527 35.86 -3.08 -1.05
C ARG C 527 35.35 -4.12 -2.05
N LYS C 528 34.42 -4.96 -1.62
CA LYS C 528 33.93 -6.00 -2.53
C LYS C 528 33.05 -5.42 -3.65
N ASP C 529 32.32 -4.33 -3.36
CA ASP C 529 31.57 -3.66 -4.42
C ASP C 529 32.51 -3.12 -5.49
N ARG C 530 33.61 -2.49 -5.07
CA ARG C 530 34.59 -2.00 -6.02
C ARG C 530 35.29 -3.14 -6.75
N GLU C 531 35.43 -4.31 -6.09
CA GLU C 531 36.01 -5.45 -6.78
C GLU C 531 35.09 -5.94 -7.90
N LYS C 532 33.79 -6.00 -7.64
CA LYS C 532 32.84 -6.33 -8.70
C LYS C 532 32.87 -5.30 -9.81
N ALA C 533 32.95 -4.01 -9.46
CA ALA C 533 33.03 -2.97 -10.47
C ALA C 533 34.29 -3.09 -11.31
N ALA C 534 35.42 -3.45 -10.67
CA ALA C 534 36.67 -3.64 -11.41
C ALA C 534 36.59 -4.83 -12.35
N ALA C 535 35.98 -5.93 -11.90
CA ALA C 535 35.77 -7.07 -12.80
C ALA C 535 34.93 -6.66 -14.00
N LYS C 536 33.91 -5.82 -13.78
CA LYS C 536 33.10 -5.35 -14.91
C LYS C 536 33.91 -4.43 -15.84
N PHE C 537 34.76 -3.59 -15.25
CA PHE C 537 35.64 -2.75 -16.06
C PHE C 537 36.56 -3.60 -16.91
N ARG C 538 37.07 -4.70 -16.35
CA ARG C 538 37.91 -5.62 -17.10
C ARG C 538 37.13 -6.27 -18.24
N GLU C 539 35.89 -6.68 -17.97
CA GLU C 539 35.06 -7.28 -19.02
C GLU C 539 34.82 -6.29 -20.15
N TYR C 540 34.47 -5.04 -19.81
CA TYR C 540 34.20 -4.03 -20.84
C TYR C 540 35.47 -3.65 -21.59
N PHE C 541 36.58 -3.47 -20.89
CA PHE C 541 37.85 -3.03 -21.49
C PHE C 541 38.89 -4.13 -21.30
N PRO C 542 38.87 -5.16 -22.15
CA PRO C 542 39.83 -6.26 -21.97
C PRO C 542 41.28 -5.85 -22.18
N ASN C 543 41.54 -4.94 -23.11
CA ASN C 543 42.90 -4.50 -23.42
C ASN C 543 43.41 -3.41 -22.48
N PHE C 544 42.68 -3.09 -21.43
CA PHE C 544 43.14 -2.05 -20.51
C PHE C 544 44.44 -2.50 -19.84
N VAL C 545 45.37 -1.56 -19.68
CA VAL C 545 46.69 -1.85 -19.11
C VAL C 545 46.52 -2.15 -17.63
N GLY C 546 46.82 -3.40 -17.23
CA GLY C 546 46.72 -3.79 -15.83
C GLY C 546 45.32 -3.68 -15.27
N GLU C 547 45.23 -3.18 -14.03
CA GLU C 547 44.00 -3.17 -13.25
C GLU C 547 43.50 -1.73 -13.08
N PRO C 548 42.19 -1.52 -13.11
CA PRO C 548 41.67 -0.14 -13.19
C PRO C 548 41.75 0.58 -11.85
N LYS C 549 42.17 1.85 -11.91
CA LYS C 549 42.31 2.68 -10.72
C LYS C 549 40.94 3.24 -10.33
N SER C 550 40.93 4.22 -9.43
CA SER C 550 39.68 4.77 -8.92
C SER C 550 39.01 5.69 -9.94
N LYS C 551 39.80 6.58 -10.56
CA LYS C 551 39.24 7.53 -11.50
C LYS C 551 38.64 6.83 -12.72
N ASP C 552 39.18 5.68 -13.11
CA ASP C 552 38.66 4.96 -14.26
C ASP C 552 37.27 4.37 -13.98
N ILE C 553 37.13 3.70 -12.84
CA ILE C 553 35.83 3.17 -12.44
C ILE C 553 34.84 4.31 -12.26
N LEU C 554 35.30 5.44 -11.72
CA LEU C 554 34.43 6.60 -11.62
C LEU C 554 33.99 7.08 -13.00
N LYS C 555 34.91 7.09 -13.96
CA LYS C 555 34.55 7.47 -15.33
C LYS C 555 33.44 6.58 -15.87
N LEU C 556 33.60 5.27 -15.72
CA LEU C 556 32.60 4.36 -16.29
C LEU C 556 31.24 4.52 -15.60
N ARG C 557 31.24 4.60 -14.27
CA ARG C 557 29.96 4.72 -13.58
C ARG C 557 29.30 6.07 -13.85
N LEU C 558 30.09 7.15 -13.99
CA LEU C 558 29.51 8.42 -14.40
C LEU C 558 28.95 8.35 -15.81
N TYR C 559 29.62 7.61 -16.70
CA TYR C 559 29.08 7.41 -18.04
C TYR C 559 27.70 6.80 -17.97
N GLU C 560 27.57 5.71 -17.21
CA GLU C 560 26.26 5.06 -17.07
C GLU C 560 25.25 5.96 -16.36
N GLN C 561 25.70 6.80 -15.43
CA GLN C 561 24.79 7.66 -14.69
C GLN C 561 24.32 8.86 -15.50
N GLN C 562 25.05 9.26 -16.54
CA GLN C 562 24.73 10.44 -17.32
C GLN C 562 24.01 10.10 -18.63
N HIS C 563 23.54 8.86 -18.78
CA HIS C 563 22.85 8.41 -20.00
C HIS C 563 23.76 8.44 -21.22
N GLY C 564 25.06 8.28 -21.03
CA GLY C 564 25.96 8.24 -22.16
C GLY C 564 26.19 9.57 -22.84
N LYS C 565 25.88 10.67 -22.17
CA LYS C 565 25.94 11.99 -22.78
C LYS C 565 26.73 12.92 -21.87
N CYS C 566 27.74 13.58 -22.42
CA CYS C 566 28.53 14.52 -21.64
C CYS C 566 27.63 15.64 -21.13
N LEU C 567 27.74 15.93 -19.83
CA LEU C 567 26.80 16.83 -19.17
C LEU C 567 26.99 18.30 -19.56
N TYR C 568 28.16 18.68 -20.04
CA TYR C 568 28.40 20.09 -20.35
C TYR C 568 27.84 20.48 -21.71
N SER C 569 27.77 19.54 -22.66
CA SER C 569 27.30 19.82 -24.00
C SER C 569 26.01 19.08 -24.37
N GLY C 570 25.81 17.88 -23.84
CA GLY C 570 24.77 17.00 -24.30
C GLY C 570 25.13 16.16 -25.51
N LYS C 571 26.35 16.27 -26.02
CA LYS C 571 26.80 15.42 -27.12
C LYS C 571 27.07 14.01 -26.62
N GLU C 572 26.64 13.03 -27.41
CA GLU C 572 26.84 11.63 -27.05
C GLU C 572 28.33 11.30 -26.99
N ILE C 573 28.67 10.39 -26.09
CA ILE C 573 30.05 9.96 -25.85
C ILE C 573 30.17 8.47 -26.18
N ASN C 574 31.36 8.09 -26.63
CA ASN C 574 31.61 6.79 -27.23
C ASN C 574 31.49 5.63 -26.25
N LEU C 575 32.25 5.67 -25.15
CA LEU C 575 32.44 4.61 -24.16
C LEU C 575 33.38 3.54 -24.71
N GLY C 576 33.54 3.52 -26.03
CA GLY C 576 34.51 2.61 -26.64
C GLY C 576 35.91 3.14 -26.53
N ARG C 577 36.04 4.44 -26.33
CA ARG C 577 37.31 5.07 -26.06
C ARG C 577 37.56 5.23 -24.56
N LEU C 578 36.90 6.21 -23.93
CA LEU C 578 36.96 6.52 -22.51
C LEU C 578 38.35 6.67 -21.90
N ASN C 579 39.33 5.91 -22.41
CA ASN C 579 40.67 5.91 -21.85
C ASN C 579 41.73 6.45 -22.81
N GLU C 580 41.37 6.70 -24.06
CA GLU C 580 42.19 7.55 -24.91
C GLU C 580 42.34 8.91 -24.27
N LYS C 581 43.59 9.27 -23.96
CA LYS C 581 43.87 10.48 -23.20
C LYS C 581 43.20 11.70 -23.82
N GLY C 582 42.66 12.56 -22.95
CA GLY C 582 42.01 13.78 -23.33
C GLY C 582 40.60 13.62 -23.85
N TYR C 583 40.17 12.40 -24.21
CA TYR C 583 38.75 12.20 -24.38
C TYR C 583 38.20 12.13 -22.95
N VAL C 584 36.88 11.99 -22.81
CA VAL C 584 36.11 12.63 -21.74
C VAL C 584 36.88 12.77 -20.41
N GLU C 585 36.75 13.94 -19.78
CA GLU C 585 37.46 14.32 -18.57
C GLU C 585 36.50 14.47 -17.39
N ILE C 586 37.05 14.34 -16.19
CA ILE C 586 36.32 14.56 -14.94
C ILE C 586 36.49 16.02 -14.54
N ASP C 587 35.50 16.84 -14.82
CA ASP C 587 35.55 18.24 -14.39
C ASP C 587 34.85 18.43 -13.06
N HIS C 588 35.42 19.31 -12.22
CA HIS C 588 34.77 19.75 -11.00
C HIS C 588 33.75 20.82 -11.36
N ALA C 589 32.47 20.55 -11.09
CA ALA C 589 31.40 21.50 -11.40
C ALA C 589 31.66 22.83 -10.70
N LEU C 590 31.61 22.84 -9.39
CA LEU C 590 32.12 23.97 -8.64
C LEU C 590 33.65 23.95 -8.75
N PRO C 591 34.28 25.07 -9.09
CA PRO C 591 35.72 25.04 -9.34
C PRO C 591 36.50 24.78 -8.07
N PHE C 592 37.49 23.90 -8.17
CA PHE C 592 38.29 23.51 -7.01
C PHE C 592 38.98 24.72 -6.39
N SER C 593 39.43 25.65 -7.24
CA SER C 593 40.14 26.83 -6.73
C SER C 593 39.28 27.65 -5.78
N ARG C 594 37.96 27.63 -5.96
CA ARG C 594 37.09 28.45 -5.13
C ARG C 594 36.36 27.67 -4.05
N THR C 595 36.40 26.33 -4.09
CA THR C 595 35.68 25.52 -3.12
C THR C 595 36.54 24.42 -2.49
N TRP C 596 37.66 24.04 -3.09
CA TRP C 596 38.54 22.98 -2.57
C TRP C 596 37.76 21.69 -2.32
N ASP C 597 36.82 21.38 -3.21
CA ASP C 597 35.93 20.24 -3.08
C ASP C 597 36.14 19.31 -4.27
N ASP C 598 36.66 18.11 -4.01
CA ASP C 598 36.68 17.06 -5.01
C ASP C 598 36.01 15.79 -4.47
N SER C 599 34.79 15.95 -3.97
CA SER C 599 33.98 14.83 -3.54
C SER C 599 33.38 14.13 -4.76
N PHE C 600 32.62 13.07 -4.51
CA PHE C 600 31.88 12.43 -5.58
C PHE C 600 30.57 13.16 -5.89
N ASN C 601 30.27 14.23 -5.17
CA ASN C 601 29.11 15.07 -5.46
C ASN C 601 29.45 16.25 -6.36
N ASN C 602 30.73 16.49 -6.62
CA ASN C 602 31.16 17.67 -7.37
C ASN C 602 32.01 17.31 -8.58
N LYS C 603 31.86 16.11 -9.11
CA LYS C 603 32.67 15.67 -10.24
C LYS C 603 31.75 15.12 -11.33
N VAL C 604 31.83 15.70 -12.52
CA VAL C 604 31.00 15.27 -13.64
C VAL C 604 31.90 14.85 -14.79
N LEU C 605 31.31 14.06 -15.68
CA LEU C 605 32.01 13.53 -16.83
C LEU C 605 31.62 14.40 -18.02
N VAL C 606 32.59 15.12 -18.56
CA VAL C 606 32.34 16.05 -19.65
C VAL C 606 33.25 15.68 -20.81
N LEU C 607 32.93 16.23 -21.98
CA LEU C 607 33.77 15.97 -23.14
C LEU C 607 34.99 16.88 -23.12
N GLY C 608 36.09 16.36 -23.64
CA GLY C 608 37.33 17.13 -23.66
C GLY C 608 37.21 18.43 -24.44
N SER C 609 36.46 18.41 -25.54
CA SER C 609 36.39 19.59 -26.40
C SER C 609 35.63 20.73 -25.72
N GLU C 610 34.44 20.46 -25.19
CA GLU C 610 33.61 21.50 -24.61
C GLU C 610 34.05 21.92 -23.21
N ASN C 611 34.93 21.15 -22.56
CA ASN C 611 35.40 21.51 -21.24
C ASN C 611 36.45 22.62 -21.26
N GLN C 612 37.17 22.79 -22.38
CA GLN C 612 38.30 23.70 -22.42
C GLN C 612 37.91 25.16 -22.25
N ASN C 613 36.62 25.50 -22.33
CA ASN C 613 36.20 26.88 -22.12
C ASN C 613 35.17 26.93 -21.00
N LYS C 614 35.65 26.90 -19.77
CA LYS C 614 34.83 27.05 -18.58
C LYS C 614 35.40 28.10 -17.63
N GLY C 615 36.71 28.09 -17.42
CA GLY C 615 37.35 29.03 -16.53
C GLY C 615 37.07 28.70 -15.07
N ASN C 616 37.12 29.74 -14.24
CA ASN C 616 36.78 29.62 -12.82
C ASN C 616 35.32 29.96 -12.61
N GLN C 617 34.45 29.40 -13.44
CA GLN C 617 33.04 29.67 -13.37
C GLN C 617 32.27 28.50 -12.76
N THR C 618 31.15 28.85 -12.13
CA THR C 618 30.14 27.93 -11.66
C THR C 618 29.23 27.59 -12.85
N PRO C 619 28.45 26.50 -12.78
CA PRO C 619 27.52 26.26 -13.91
C PRO C 619 26.52 27.38 -14.13
N TYR C 620 26.05 28.03 -13.06
CA TYR C 620 25.22 29.21 -13.23
C TYR C 620 25.99 30.33 -13.91
N GLU C 621 27.26 30.50 -13.54
CA GLU C 621 28.09 31.58 -14.05
C GLU C 621 28.65 31.28 -15.43
N TYR C 622 28.42 30.10 -15.97
CA TYR C 622 28.89 29.75 -17.32
C TYR C 622 27.80 29.77 -18.37
N PHE C 623 26.62 29.22 -18.09
CA PHE C 623 25.50 29.23 -19.04
C PHE C 623 24.44 30.27 -18.68
N ASN C 624 24.81 31.32 -17.94
CA ASN C 624 23.87 32.34 -17.48
C ASN C 624 22.80 31.73 -16.57
N SER C 629 17.78 32.09 -18.47
CA SER C 629 18.12 31.58 -19.80
C SER C 629 17.70 30.13 -20.00
N ARG C 630 17.21 29.81 -21.20
CA ARG C 630 16.79 28.46 -21.51
C ARG C 630 17.95 27.51 -21.76
N GLU C 631 19.15 28.03 -22.01
CA GLU C 631 20.33 27.17 -22.11
C GLU C 631 20.67 26.54 -20.76
N TRP C 632 20.74 27.37 -19.73
CA TRP C 632 20.92 26.84 -18.38
C TRP C 632 19.76 25.95 -18.00
N GLN C 633 18.56 26.25 -18.50
CA GLN C 633 17.39 25.42 -18.20
C GLN C 633 17.52 24.05 -18.86
N GLU C 634 18.04 24.00 -20.09
CA GLU C 634 18.33 22.70 -20.71
C GLU C 634 19.38 21.94 -19.91
N PHE C 635 20.39 22.65 -19.42
CA PHE C 635 21.43 22.03 -18.60
C PHE C 635 20.82 21.47 -17.31
N LYS C 636 19.96 22.24 -16.67
CA LYS C 636 19.28 21.80 -15.45
C LYS C 636 18.34 20.63 -15.74
N ALA C 637 17.68 20.62 -16.90
CA ALA C 637 16.85 19.48 -17.27
C ALA C 637 17.70 18.22 -17.43
N ARG C 638 18.88 18.35 -18.06
CA ARG C 638 19.77 17.20 -18.19
C ARG C 638 20.21 16.71 -16.82
N VAL C 639 20.60 17.62 -15.94
CA VAL C 639 21.06 17.22 -14.61
C VAL C 639 19.92 16.60 -13.81
N GLU C 640 18.70 17.13 -13.97
CA GLU C 640 17.54 16.59 -13.29
C GLU C 640 17.09 15.26 -13.88
N THR C 641 17.45 14.98 -15.13
CA THR C 641 17.09 13.74 -15.79
C THR C 641 18.20 12.71 -15.71
N SER C 642 19.16 12.89 -14.82
CA SER C 642 20.26 11.97 -14.63
C SER C 642 20.02 11.12 -13.39
N ARG C 643 20.75 10.01 -13.30
CA ARG C 643 20.66 9.13 -12.15
C ARG C 643 21.61 9.53 -11.04
N PHE C 644 21.86 10.83 -10.94
CA PHE C 644 22.66 11.38 -9.86
C PHE C 644 21.84 11.34 -8.57
N PRO C 645 22.46 11.10 -7.42
CA PRO C 645 21.73 11.25 -6.17
C PRO C 645 21.36 12.70 -5.96
N ARG C 646 20.38 12.91 -5.08
CA ARG C 646 19.86 14.26 -4.84
C ARG C 646 20.95 15.23 -4.43
N SER C 647 21.88 14.77 -3.59
CA SER C 647 22.96 15.64 -3.11
C SER C 647 23.77 16.18 -4.29
N LYS C 648 24.19 15.30 -5.20
CA LYS C 648 24.99 15.71 -6.34
C LYS C 648 24.23 16.71 -7.21
N LYS C 649 22.97 16.41 -7.52
CA LYS C 649 22.19 17.31 -8.37
C LYS C 649 22.01 18.68 -7.72
N GLN C 650 21.80 18.71 -6.40
CA GLN C 650 21.66 19.98 -5.71
C GLN C 650 22.96 20.78 -5.76
N ARG C 651 24.08 20.11 -5.48
CA ARG C 651 25.37 20.80 -5.45
C ARG C 651 25.77 21.31 -6.83
N ILE C 652 25.48 20.52 -7.88
CA ILE C 652 25.84 20.89 -9.24
C ILE C 652 25.21 22.22 -9.64
N LEU C 653 24.00 22.50 -9.16
CA LEU C 653 23.20 23.60 -9.69
C LEU C 653 23.03 24.76 -8.70
N LEU C 654 24.10 25.10 -7.98
CA LEU C 654 24.09 26.24 -7.07
C LEU C 654 24.72 27.45 -7.75
N GLN C 655 24.18 28.63 -7.46
CA GLN C 655 24.66 29.88 -8.01
C GLN C 655 25.34 30.77 -6.98
N LYS C 656 24.84 30.78 -5.74
CA LYS C 656 25.23 31.79 -4.76
C LYS C 656 25.47 31.11 -3.41
N PHE C 657 26.73 31.03 -3.02
CA PHE C 657 27.14 30.44 -1.76
C PHE C 657 28.30 31.26 -1.19
N ASP C 658 28.66 30.97 0.06
CA ASP C 658 29.81 31.61 0.70
C ASP C 658 31.04 30.79 0.34
N GLU C 659 31.75 31.23 -0.71
CA GLU C 659 32.91 30.52 -1.23
C GLU C 659 33.92 30.24 -0.13
N ASP C 660 34.33 31.28 0.59
CA ASP C 660 35.39 31.13 1.59
C ASP C 660 34.97 30.18 2.70
N GLY C 661 33.72 30.28 3.15
CA GLY C 661 33.22 29.33 4.12
C GLY C 661 33.33 27.89 3.66
N PHE C 662 33.03 27.64 2.38
CA PHE C 662 33.15 26.27 1.86
C PHE C 662 34.59 25.82 1.77
N LYS C 663 35.49 26.69 1.29
CA LYS C 663 36.88 26.29 1.19
C LYS C 663 37.49 26.06 2.57
N GLU C 664 37.03 26.80 3.58
CA GLU C 664 37.51 26.57 4.94
C GLU C 664 36.91 25.30 5.53
N ARG C 665 35.64 25.02 5.22
CA ARG C 665 34.98 23.85 5.81
C ARG C 665 35.52 22.55 5.22
N ASN C 666 35.78 22.52 3.92
CA ASN C 666 36.41 21.35 3.31
C ASN C 666 37.86 21.20 3.76
N LEU C 667 38.45 22.25 4.33
CA LEU C 667 39.85 22.27 4.72
C LEU C 667 40.08 21.86 6.17
N ASN C 668 39.05 21.87 7.01
CA ASN C 668 39.22 21.59 8.43
C ASN C 668 38.35 20.42 8.86
N ASP C 669 38.75 19.83 9.98
CA ASP C 669 38.02 18.73 10.62
C ASP C 669 37.45 19.27 11.93
N THR C 670 36.15 19.12 12.13
CA THR C 670 35.46 19.77 13.24
C THR C 670 35.01 18.78 14.31
N ARG C 671 35.55 17.56 14.32
CA ARG C 671 35.18 16.58 15.32
C ARG C 671 35.59 17.06 16.71
N TYR C 672 35.01 16.42 17.73
CA TYR C 672 35.23 16.83 19.11
C TYR C 672 36.71 16.77 19.49
N VAL C 673 37.39 15.69 19.13
CA VAL C 673 38.78 15.48 19.50
C VAL C 673 39.64 16.62 18.97
N ASN C 674 39.46 16.97 17.69
CA ASN C 674 40.31 17.97 17.07
C ASN C 674 40.07 19.35 17.67
N ARG C 675 38.81 19.72 17.91
CA ARG C 675 38.51 21.00 18.53
C ARG C 675 39.10 21.09 19.93
N PHE C 676 38.95 20.02 20.72
CA PHE C 676 39.51 20.01 22.07
C PHE C 676 41.02 20.18 22.03
N LEU C 677 41.70 19.43 21.15
CA LEU C 677 43.14 19.51 21.08
C LEU C 677 43.59 20.89 20.60
N CYS C 678 42.91 21.46 19.60
CA CYS C 678 43.31 22.76 19.08
C CYS C 678 43.16 23.85 20.13
N GLN C 679 42.09 23.81 20.92
CA GLN C 679 41.95 24.83 21.95
C GLN C 679 42.93 24.59 23.09
N PHE C 680 43.13 23.32 23.48
CA PHE C 680 43.95 23.00 24.64
C PHE C 680 45.42 23.33 24.39
N VAL C 681 45.96 22.88 23.24
CA VAL C 681 47.37 23.14 22.94
C VAL C 681 47.62 24.64 22.78
N ALA C 682 46.69 25.35 22.15
CA ALA C 682 46.83 26.80 22.00
C ALA C 682 46.84 27.50 23.34
N ASP C 683 45.96 27.08 24.26
CA ASP C 683 45.87 27.76 25.56
C ASP C 683 47.07 27.44 26.44
N ARG C 684 47.47 26.17 26.52
CA ARG C 684 48.31 25.72 27.62
C ARG C 684 49.77 25.49 27.22
N MET C 685 50.17 25.87 26.01
CA MET C 685 51.53 25.68 25.56
C MET C 685 52.06 26.95 24.89
N ARG C 686 53.34 27.26 25.10
CA ARG C 686 53.96 28.39 24.43
C ARG C 686 54.38 27.97 23.03
N LEU C 687 53.99 28.77 22.03
CA LEU C 687 54.44 28.59 20.65
C LEU C 687 54.92 29.91 20.08
N THR C 688 56.04 29.86 19.35
CA THR C 688 56.52 31.06 18.68
C THR C 688 55.76 31.26 17.36
N GLY C 689 54.43 31.23 17.44
CA GLY C 689 53.62 31.29 16.25
C GLY C 689 53.60 32.66 15.60
N LYS C 690 53.29 32.64 14.30
CA LYS C 690 53.14 33.90 13.57
C LYS C 690 52.00 34.71 14.14
N GLY C 691 50.92 34.05 14.58
CA GLY C 691 49.95 34.74 15.41
C GLY C 691 48.51 34.26 15.55
N LYS C 692 48.07 34.19 16.80
CA LYS C 692 46.70 34.08 17.29
C LYS C 692 45.92 32.77 17.05
N LYS C 693 46.40 31.91 16.16
CA LYS C 693 45.75 30.63 15.91
C LYS C 693 46.72 29.46 15.98
N ARG C 694 47.77 29.47 15.16
CA ARG C 694 48.94 28.59 15.23
C ARG C 694 48.64 27.15 15.64
N VAL C 695 47.40 26.70 15.39
CA VAL C 695 47.00 25.32 15.62
C VAL C 695 45.98 24.99 14.55
N PHE C 696 46.22 23.92 13.79
CA PHE C 696 45.41 23.60 12.63
C PHE C 696 44.99 22.13 12.71
N ALA C 697 43.70 21.88 12.51
CA ALA C 697 43.13 20.53 12.53
C ALA C 697 42.80 20.15 11.09
N SER C 698 43.73 19.46 10.45
CA SER C 698 43.60 19.15 9.03
C SER C 698 42.48 18.12 8.80
N ASN C 699 41.62 18.42 7.83
CA ASN C 699 40.63 17.45 7.37
C ASN C 699 41.34 16.28 6.71
N GLY C 700 40.97 15.05 7.10
CA GLY C 700 41.60 13.87 6.52
C GLY C 700 41.59 13.86 5.00
N GLN C 701 40.46 14.23 4.40
CA GLN C 701 40.34 14.19 2.94
C GLN C 701 41.41 15.04 2.26
N ILE C 702 41.59 16.29 2.72
CA ILE C 702 42.57 17.15 2.08
C ILE C 702 43.99 16.66 2.34
N THR C 703 44.23 16.01 3.49
CA THR C 703 45.55 15.45 3.72
C THR C 703 45.85 14.32 2.74
N ASN C 704 44.87 13.43 2.50
CA ASN C 704 45.03 12.41 1.47
C ASN C 704 45.24 13.04 0.10
N LEU C 705 44.49 14.11 -0.19
CA LEU C 705 44.65 14.82 -1.46
C LEU C 705 46.06 15.36 -1.63
N LEU C 706 46.56 16.08 -0.63
CA LEU C 706 47.91 16.63 -0.70
C LEU C 706 48.96 15.53 -0.81
N ARG C 707 48.73 14.40 -0.14
CA ARG C 707 49.66 13.28 -0.24
C ARG C 707 49.71 12.77 -1.68
N GLY C 708 48.54 12.53 -2.28
CA GLY C 708 48.49 12.14 -3.68
C GLY C 708 49.18 13.13 -4.59
N PHE C 709 48.87 14.43 -4.42
CA PHE C 709 49.37 15.46 -5.32
C PHE C 709 50.84 15.78 -5.10
N TRP C 710 51.41 15.44 -3.95
CA TRP C 710 52.83 15.65 -3.70
C TRP C 710 53.66 14.41 -3.95
N GLY C 711 53.11 13.40 -4.63
CA GLY C 711 53.90 12.29 -5.12
C GLY C 711 54.16 11.19 -4.13
N LEU C 712 53.34 11.08 -3.08
CA LEU C 712 53.52 10.07 -2.04
C LEU C 712 52.46 8.99 -2.25
N ARG C 713 52.77 8.07 -3.16
CA ARG C 713 51.88 6.98 -3.50
C ARG C 713 51.53 6.13 -2.29
N LYS C 714 50.25 5.74 -2.20
CA LYS C 714 49.78 4.87 -1.13
C LYS C 714 50.54 3.56 -1.21
N VAL C 715 51.42 3.34 -0.23
CA VAL C 715 52.44 2.29 -0.28
C VAL C 715 51.83 0.90 -0.20
N ARG C 716 52.68 -0.11 -0.38
CA ARG C 716 52.29 -1.50 -0.40
C ARG C 716 52.86 -2.15 0.85
N ALA C 717 52.66 -1.49 1.99
CA ALA C 717 53.52 -1.66 3.14
C ALA C 717 52.72 -1.97 4.39
N GLU C 718 53.25 -2.90 5.18
CA GLU C 718 52.79 -3.16 6.53
C GLU C 718 53.24 -2.08 7.50
N ASN C 719 54.22 -1.27 7.11
CA ASN C 719 54.92 -0.39 8.03
C ASN C 719 53.95 0.48 8.82
N ASP C 720 54.17 0.52 10.15
CA ASP C 720 53.64 1.61 10.95
C ASP C 720 54.25 2.95 10.54
N ARG C 721 55.26 2.91 9.68
CA ARG C 721 55.99 4.10 9.27
C ARG C 721 55.12 5.09 8.52
N HIS C 722 54.09 4.61 7.80
CA HIS C 722 53.27 5.52 7.00
C HIS C 722 52.65 6.62 7.85
N HIS C 723 52.46 6.40 9.16
CA HIS C 723 51.91 7.43 10.01
C HIS C 723 52.79 8.67 10.01
N ALA C 724 54.10 8.48 9.96
CA ALA C 724 55.00 9.63 9.89
C ALA C 724 54.87 10.34 8.56
N LEU C 725 54.67 9.58 7.47
CA LEU C 725 54.56 10.19 6.15
C LEU C 725 53.44 11.22 6.14
N ASP C 726 52.25 10.81 6.57
CA ASP C 726 51.13 11.75 6.69
C ASP C 726 51.51 12.91 7.59
N ALA C 727 52.24 12.63 8.67
CA ALA C 727 52.66 13.67 9.60
C ALA C 727 53.48 14.73 8.90
N VAL C 728 54.26 14.36 7.89
CA VAL C 728 54.98 15.37 7.11
C VAL C 728 54.00 16.25 6.36
N VAL C 729 53.05 15.61 5.66
CA VAL C 729 52.11 16.36 4.81
C VAL C 729 51.35 17.38 5.63
N VAL C 730 50.73 16.92 6.72
CA VAL C 730 49.99 17.82 7.61
C VAL C 730 50.87 18.94 8.11
N ALA C 731 52.17 18.69 8.26
CA ALA C 731 53.07 19.73 8.76
C ALA C 731 53.40 20.76 7.68
N CYS C 732 53.34 20.36 6.41
CA CYS C 732 53.56 21.28 5.31
C CYS C 732 52.30 22.00 4.87
N SER C 733 51.14 21.63 5.41
CA SER C 733 49.87 22.24 5.03
C SER C 733 49.73 23.55 5.79
N THR C 734 50.19 24.63 5.16
CA THR C 734 50.16 25.96 5.74
C THR C 734 49.34 26.88 4.84
N VAL C 735 48.95 28.03 5.40
CA VAL C 735 48.12 28.96 4.65
C VAL C 735 48.80 29.41 3.35
N ALA C 736 50.12 29.63 3.40
CA ALA C 736 50.84 30.04 2.20
C ALA C 736 50.85 28.94 1.16
N MET C 737 51.09 27.69 1.56
CA MET C 737 51.07 26.58 0.63
C MET C 737 49.67 26.40 0.06
N GLN C 738 48.65 26.56 0.90
CA GLN C 738 47.26 26.49 0.44
C GLN C 738 46.99 27.53 -0.64
N GLN C 739 47.38 28.78 -0.40
CA GLN C 739 47.14 29.83 -1.38
C GLN C 739 47.93 29.59 -2.67
N LYS C 740 49.15 29.05 -2.57
CA LYS C 740 49.90 28.73 -3.77
C LYS C 740 49.20 27.65 -4.59
N ILE C 741 48.70 26.61 -3.93
CA ILE C 741 47.98 25.55 -4.62
C ILE C 741 46.71 26.10 -5.26
N THR C 742 45.99 26.95 -4.53
CA THR C 742 44.79 27.59 -5.07
C THR C 742 45.12 28.39 -6.33
N ARG C 743 46.20 29.18 -6.28
CA ARG C 743 46.62 29.93 -7.46
C ARG C 743 46.90 29.01 -8.64
N PHE C 744 47.61 27.91 -8.40
CA PHE C 744 47.92 26.99 -9.49
C PHE C 744 46.64 26.41 -10.09
N VAL C 745 45.71 25.96 -9.24
CA VAL C 745 44.47 25.38 -9.75
C VAL C 745 43.67 26.42 -10.53
N ARG C 746 43.57 27.64 -10.00
CA ARG C 746 42.86 28.71 -10.70
C ARG C 746 43.47 28.98 -12.07
N TYR C 747 44.81 28.94 -12.17
CA TYR C 747 45.46 29.09 -13.47
C TYR C 747 45.13 27.91 -14.38
N LYS C 748 45.15 26.70 -13.83
CA LYS C 748 45.02 25.50 -14.65
C LYS C 748 43.61 25.34 -15.22
N GLU C 749 42.58 25.78 -14.49
CA GLU C 749 41.24 25.59 -15.02
C GLU C 749 40.91 26.59 -16.14
N MET C 750 41.46 27.80 -16.10
CA MET C 750 41.30 28.73 -17.20
C MET C 750 42.46 28.66 -18.20
N ASN C 751 43.21 27.55 -18.20
CA ASN C 751 44.31 27.33 -19.14
C ASN C 751 45.28 28.51 -19.25
N THR C 770 53.07 21.28 -16.52
CA THR C 770 53.53 22.14 -15.43
C THR C 770 53.41 21.42 -14.09
N HIS C 771 54.32 21.72 -13.17
CA HIS C 771 54.37 21.01 -11.90
C HIS C 771 53.26 21.46 -10.96
N PHE C 772 52.54 20.50 -10.39
CA PHE C 772 51.67 20.77 -9.26
C PHE C 772 52.54 21.31 -8.13
N PRO C 773 52.25 22.49 -7.59
CA PRO C 773 53.13 23.09 -6.56
C PRO C 773 53.50 22.11 -5.45
N GLN C 774 54.79 21.96 -5.23
CA GLN C 774 55.32 21.15 -4.14
C GLN C 774 56.05 22.04 -3.14
N PRO C 775 56.20 21.59 -1.89
CA PRO C 775 56.90 22.43 -0.88
C PRO C 775 58.35 22.72 -1.23
N TRP C 776 59.02 21.80 -1.92
CA TRP C 776 60.35 22.06 -2.47
C TRP C 776 60.71 20.92 -3.42
N GLU C 777 61.79 21.12 -4.17
CA GLU C 777 62.13 20.19 -5.24
C GLU C 777 62.52 18.83 -4.67
N PHE C 778 62.10 17.77 -5.37
CA PHE C 778 62.32 16.39 -4.93
C PHE C 778 61.78 16.14 -3.52
N PHE C 779 60.72 16.86 -3.14
CA PHE C 779 60.07 16.64 -1.85
C PHE C 779 59.63 15.19 -1.68
N ALA C 780 58.89 14.67 -2.66
CA ALA C 780 58.45 13.28 -2.64
C ALA C 780 59.62 12.32 -2.36
N GLN C 781 60.67 12.42 -3.19
CA GLN C 781 61.78 11.49 -3.06
C GLN C 781 62.48 11.63 -1.71
N GLU C 782 62.68 12.87 -1.25
CA GLU C 782 63.37 13.06 0.03
C GLU C 782 62.56 12.47 1.18
N VAL C 783 61.26 12.78 1.23
CA VAL C 783 60.41 12.28 2.31
C VAL C 783 60.36 10.75 2.28
N MET C 784 60.25 10.17 1.08
CA MET C 784 60.22 8.71 0.96
C MET C 784 61.51 8.07 1.45
N ILE C 785 62.66 8.63 1.07
CA ILE C 785 63.93 8.08 1.55
C ILE C 785 64.04 8.23 3.06
N ARG C 786 63.53 9.33 3.59
CA ARG C 786 63.62 9.60 5.02
C ARG C 786 62.75 8.64 5.81
N VAL C 787 61.59 8.27 5.27
CA VAL C 787 60.64 7.43 6.00
C VAL C 787 60.96 5.94 5.83
N PHE C 788 61.21 5.50 4.61
CA PHE C 788 61.35 4.08 4.34
C PHE C 788 62.80 3.62 4.18
N GLY C 789 63.75 4.53 4.11
CA GLY C 789 65.15 4.16 3.94
C GLY C 789 65.44 3.45 2.64
N LYS C 790 64.70 3.77 1.59
CA LYS C 790 64.80 3.14 0.29
C LYS C 790 64.35 4.16 -0.74
N PRO C 791 64.90 4.14 -1.95
CA PRO C 791 64.32 4.96 -3.03
C PRO C 791 62.86 4.59 -3.22
N ASP C 792 62.02 5.61 -3.40
CA ASP C 792 60.66 5.65 -2.83
C ASP C 792 59.95 4.31 -2.96
N GLY C 793 59.40 3.84 -1.85
CA GLY C 793 58.75 2.54 -1.86
C GLY C 793 59.78 1.45 -2.08
N LYS C 794 59.70 0.80 -3.24
CA LYS C 794 60.66 -0.16 -3.74
C LYS C 794 61.14 -1.16 -2.67
N PRO C 795 60.26 -2.03 -2.16
CA PRO C 795 60.71 -3.03 -1.19
C PRO C 795 61.84 -3.93 -1.70
N GLU C 796 62.16 -3.89 -2.99
CA GLU C 796 63.28 -4.69 -3.49
C GLU C 796 64.63 -4.15 -3.01
N PHE C 797 64.73 -2.83 -2.84
CA PHE C 797 65.99 -2.23 -2.39
C PHE C 797 66.32 -2.67 -0.98
N GLU C 798 67.60 -2.57 -0.63
CA GLU C 798 68.01 -2.75 0.75
C GLU C 798 67.80 -1.46 1.52
N GLU C 799 67.44 -1.60 2.80
CA GLU C 799 67.13 -0.42 3.60
C GLU C 799 68.39 0.21 4.14
N ALA C 800 68.41 1.55 4.17
CA ALA C 800 69.44 2.29 4.86
C ALA C 800 69.25 2.19 6.37
N ASP C 801 69.81 1.13 6.97
CA ASP C 801 69.64 0.92 8.42
C ASP C 801 70.30 2.03 9.22
N THR C 802 71.43 2.54 8.75
CA THR C 802 72.32 3.36 9.57
C THR C 802 72.44 4.78 9.02
N LEU C 803 72.92 5.68 9.87
CA LEU C 803 73.21 7.05 9.47
C LEU C 803 74.09 7.11 8.23
N GLU C 804 75.22 6.40 8.24
CA GLU C 804 76.10 6.35 7.08
C GLU C 804 75.34 5.98 5.81
N LYS C 805 74.67 4.82 5.85
CA LYS C 805 73.94 4.35 4.68
C LYS C 805 72.90 5.37 4.23
N LEU C 806 72.13 5.92 5.18
CA LEU C 806 71.05 6.83 4.83
C LEU C 806 71.58 8.13 4.23
N ARG C 807 72.61 8.70 4.84
CA ARG C 807 73.15 9.96 4.35
C ARG C 807 73.82 9.79 3.00
N THR C 808 74.53 8.68 2.79
CA THR C 808 75.11 8.42 1.48
C THR C 808 74.03 8.21 0.42
N LEU C 809 72.95 7.51 0.79
CA LEU C 809 71.83 7.34 -0.13
C LEU C 809 71.20 8.69 -0.50
N LEU C 810 71.04 9.56 0.50
CA LEU C 810 70.45 10.87 0.24
C LEU C 810 71.35 11.71 -0.65
N ALA C 811 72.66 11.66 -0.42
CA ALA C 811 73.58 12.44 -1.24
C ALA C 811 73.74 11.84 -2.64
N GLU C 812 73.47 10.56 -2.81
CA GLU C 812 73.56 9.95 -4.14
C GLU C 812 72.31 10.21 -4.96
N LYS C 813 71.14 9.90 -4.41
CA LYS C 813 69.89 10.00 -5.16
C LYS C 813 69.27 11.37 -5.09
N LEU C 814 69.86 12.30 -4.34
CA LEU C 814 69.44 13.70 -4.32
C LEU C 814 70.67 14.61 -4.32
N SER C 815 71.63 14.32 -5.19
CA SER C 815 72.82 15.17 -5.31
C SER C 815 72.44 16.63 -5.54
N SER C 816 71.31 16.86 -6.23
CA SER C 816 70.86 18.23 -6.48
C SER C 816 70.49 18.95 -5.19
N ARG C 817 69.97 18.23 -4.20
CA ARG C 817 69.39 18.87 -3.03
C ARG C 817 70.45 19.12 -1.98
N PRO C 818 70.75 20.37 -1.62
CA PRO C 818 71.88 20.64 -0.71
C PRO C 818 71.58 20.35 0.75
N GLU C 819 70.40 20.77 1.24
CA GLU C 819 70.06 20.64 2.64
C GLU C 819 69.28 19.37 2.95
N ALA C 820 69.21 18.43 1.99
CA ALA C 820 68.57 17.15 2.25
C ALA C 820 69.32 16.33 3.28
N VAL C 821 70.62 16.59 3.44
CA VAL C 821 71.43 15.96 4.47
C VAL C 821 71.87 17.03 5.46
N HIS C 822 71.86 16.69 6.74
CA HIS C 822 72.25 17.61 7.81
C HIS C 822 72.40 16.79 9.10
N GLU C 823 72.61 17.51 10.20
CA GLU C 823 73.06 16.92 11.46
C GLU C 823 71.95 16.22 12.24
N TYR C 824 70.72 16.18 11.72
CA TYR C 824 69.62 15.54 12.41
C TYR C 824 69.07 14.32 11.71
N VAL C 825 69.51 14.03 10.48
CA VAL C 825 68.93 12.97 9.67
C VAL C 825 69.37 11.61 10.20
N THR C 826 68.47 10.93 10.91
CA THR C 826 68.71 9.57 11.39
C THR C 826 67.62 8.65 10.84
N PRO C 827 67.96 7.39 10.57
CA PRO C 827 66.94 6.42 10.13
C PRO C 827 65.76 6.38 11.08
N LEU C 828 64.56 6.24 10.52
CA LEU C 828 63.36 6.16 11.35
C LEU C 828 63.33 4.82 12.09
N PHE C 829 63.11 4.88 13.39
CA PHE C 829 62.90 3.70 14.21
C PHE C 829 61.62 3.91 15.02
N VAL C 830 60.62 3.06 14.78
CA VAL C 830 59.34 3.23 15.44
C VAL C 830 59.48 2.90 16.92
N SER C 831 58.90 3.73 17.77
CA SER C 831 59.04 3.63 19.21
C SER C 831 57.79 2.99 19.79
N ARG C 832 57.96 1.85 20.47
CA ARG C 832 56.84 1.18 21.11
C ARG C 832 56.82 1.56 22.58
N ALA C 833 55.72 2.15 23.03
CA ALA C 833 55.52 2.40 24.44
C ALA C 833 55.75 1.10 25.22
N PRO C 834 56.57 1.11 26.24
CA PRO C 834 56.91 -0.14 26.94
C PRO C 834 55.81 -0.50 27.93
N ASN C 835 55.96 -1.67 28.53
CA ASN C 835 54.99 -2.18 29.49
C ASN C 835 55.79 -3.01 30.50
N ARG C 836 56.27 -2.32 31.53
CA ARG C 836 57.11 -2.90 32.56
C ARG C 836 56.32 -3.21 33.81
N LYS C 837 54.99 -3.15 33.71
CA LYS C 837 54.10 -3.41 34.84
C LYS C 837 54.38 -4.78 35.45
N MET C 838 54.47 -4.82 36.78
CA MET C 838 54.81 -6.03 37.50
C MET C 838 53.60 -6.76 38.06
N SER C 839 52.40 -6.29 37.75
CA SER C 839 51.18 -6.81 38.33
C SER C 839 50.31 -7.43 37.24
N GLY C 840 49.23 -8.09 37.65
CA GLY C 840 48.37 -8.74 36.69
C GLY C 840 47.83 -10.07 37.15
N GLN C 841 46.93 -10.65 36.36
CA GLN C 841 46.35 -11.96 36.58
C GLN C 841 47.39 -12.96 37.06
N GLY C 842 47.15 -13.54 38.24
CA GLY C 842 48.13 -14.45 38.82
C GLY C 842 48.15 -15.83 38.21
N HIS C 843 47.00 -16.31 37.74
CA HIS C 843 46.89 -17.66 37.20
C HIS C 843 45.62 -17.72 36.36
N MET C 844 45.46 -18.85 35.67
CA MET C 844 44.26 -19.04 34.87
C MET C 844 43.07 -19.34 35.77
N GLU C 845 41.87 -19.22 35.21
CA GLU C 845 40.68 -19.12 36.05
C GLU C 845 40.18 -20.48 36.52
N THR C 846 40.29 -21.51 35.70
CA THR C 846 39.79 -22.82 36.08
C THR C 846 40.80 -23.55 36.96
N VAL C 847 40.30 -24.17 38.03
CA VAL C 847 41.13 -24.85 39.02
C VAL C 847 41.00 -26.36 38.80
N LYS C 848 42.12 -27.05 38.88
CA LYS C 848 42.19 -28.47 38.53
C LYS C 848 42.66 -29.29 39.71
N SER C 849 42.30 -30.58 39.69
CA SER C 849 42.71 -31.51 40.73
C SER C 849 44.21 -31.76 40.64
N ALA C 850 44.89 -31.71 41.78
CA ALA C 850 46.35 -31.76 41.81
C ALA C 850 46.89 -33.04 42.44
N LYS C 851 46.03 -34.01 42.73
CA LYS C 851 46.46 -35.27 43.34
C LYS C 851 47.54 -35.97 42.53
N ARG C 852 47.19 -36.40 41.31
CA ARG C 852 48.09 -37.15 40.45
C ARG C 852 49.01 -36.20 39.67
N LEU C 853 49.83 -35.47 40.42
CA LEU C 853 50.78 -34.53 39.85
C LEU C 853 52.23 -34.99 39.97
N ASP C 854 52.49 -36.09 40.69
CA ASP C 854 53.83 -36.67 40.66
C ASP C 854 54.15 -37.19 39.26
N GLU C 855 53.22 -37.91 38.65
CA GLU C 855 53.18 -38.02 37.21
C GLU C 855 52.47 -36.77 36.66
N GLY C 856 52.95 -36.24 35.55
CA GLY C 856 52.40 -34.98 35.09
C GLY C 856 50.98 -35.11 34.56
N VAL C 857 50.00 -34.78 35.40
CA VAL C 857 48.59 -34.87 35.04
C VAL C 857 47.77 -34.10 36.05
N SER C 858 46.52 -33.82 35.67
CA SER C 858 45.53 -33.24 36.55
C SER C 858 44.15 -33.71 36.08
N VAL C 859 43.14 -33.55 36.93
CA VAL C 859 41.80 -34.05 36.63
C VAL C 859 40.82 -32.88 36.67
N LEU C 860 39.85 -32.89 35.76
CA LEU C 860 38.85 -31.84 35.68
C LEU C 860 37.46 -32.43 35.42
N ARG C 861 36.47 -31.90 36.13
CA ARG C 861 35.07 -32.25 35.84
C ARG C 861 34.66 -31.55 34.56
N VAL C 862 34.46 -32.32 33.49
CA VAL C 862 34.09 -31.81 32.18
C VAL C 862 32.63 -32.17 31.94
N PRO C 863 31.74 -31.20 31.72
CA PRO C 863 30.37 -31.53 31.34
C PRO C 863 30.32 -32.26 30.02
N LEU C 864 29.23 -33.01 29.83
CA LEU C 864 29.04 -33.70 28.55
C LEU C 864 28.72 -32.72 27.43
N THR C 865 28.04 -31.61 27.76
CA THR C 865 27.75 -30.58 26.77
C THR C 865 29.03 -30.00 26.16
N GLN C 866 30.14 -30.05 26.87
CA GLN C 866 31.43 -29.58 26.36
C GLN C 866 32.37 -30.73 25.99
N LEU C 867 31.90 -31.97 26.09
CA LEU C 867 32.77 -33.13 25.95
C LEU C 867 32.88 -33.52 24.48
N LYS C 868 34.08 -33.39 23.92
CA LYS C 868 34.36 -33.73 22.53
C LYS C 868 35.21 -34.98 22.46
N LEU C 869 35.31 -35.53 21.24
CA LEU C 869 36.00 -36.81 21.06
C LEU C 869 37.47 -36.72 21.44
N LYS C 870 38.10 -35.57 21.24
CA LYS C 870 39.47 -35.39 21.70
C LYS C 870 39.54 -35.44 23.22
N ASP C 871 38.70 -34.64 23.89
CA ASP C 871 38.54 -34.73 25.34
C ASP C 871 38.17 -36.16 25.75
N LEU C 872 37.17 -36.73 25.08
CA LEU C 872 36.69 -38.06 25.45
C LEU C 872 37.78 -39.12 25.39
N GLU C 873 38.70 -38.99 24.44
CA GLU C 873 39.81 -39.95 24.35
C GLU C 873 40.71 -39.94 25.58
N LYS C 874 40.61 -38.91 26.41
CA LYS C 874 41.44 -38.81 27.61
C LYS C 874 40.64 -38.90 28.90
N MET C 875 39.43 -39.44 28.85
CA MET C 875 38.69 -39.70 30.08
C MET C 875 39.51 -40.62 30.99
N VAL C 876 39.41 -40.38 32.30
CA VAL C 876 40.20 -41.15 33.25
C VAL C 876 39.80 -42.62 33.23
N ASN C 877 38.50 -42.90 33.18
CA ASN C 877 38.00 -44.27 33.26
C ASN C 877 37.54 -44.83 31.92
N ARG C 878 38.21 -44.53 30.80
CA ARG C 878 37.90 -45.26 29.58
C ARG C 878 38.31 -46.72 29.73
N GLU C 879 39.43 -46.97 30.42
CA GLU C 879 39.90 -48.33 30.63
C GLU C 879 39.13 -49.03 31.74
N ARG C 880 38.79 -48.31 32.81
CA ARG C 880 38.18 -48.95 33.97
C ARG C 880 36.67 -49.05 33.87
N GLU C 881 36.03 -48.28 33.00
CA GLU C 881 34.60 -48.39 32.72
C GLU C 881 34.37 -48.48 31.22
N PRO C 882 34.82 -49.57 30.59
CA PRO C 882 34.71 -49.67 29.13
C PRO C 882 33.28 -49.62 28.60
N LYS C 883 32.32 -50.18 29.33
CA LYS C 883 30.92 -50.05 28.91
C LYS C 883 30.54 -48.58 28.73
N LEU C 884 30.86 -47.75 29.74
CA LEU C 884 30.59 -46.32 29.65
C LEU C 884 31.36 -45.70 28.49
N TYR C 885 32.62 -46.09 28.32
CA TYR C 885 33.45 -45.56 27.25
C TYR C 885 32.83 -45.81 25.88
N GLU C 886 32.49 -47.08 25.60
CA GLU C 886 31.91 -47.42 24.30
C GLU C 886 30.56 -46.77 24.10
N ALA C 887 29.73 -46.74 25.15
CA ALA C 887 28.43 -46.08 25.04
C ALA C 887 28.58 -44.61 24.66
N LEU C 888 29.42 -43.89 25.39
CA LEU C 888 29.63 -42.48 25.09
C LEU C 888 30.25 -42.30 23.70
N LYS C 889 31.22 -43.13 23.35
CA LYS C 889 31.87 -43.01 22.05
C LYS C 889 30.87 -43.20 20.91
N ALA C 890 30.08 -44.28 20.96
CA ALA C 890 29.09 -44.53 19.93
C ALA C 890 28.05 -43.41 19.86
N ARG C 891 27.45 -43.06 21.00
CA ARG C 891 26.41 -42.03 21.00
C ARG C 891 26.93 -40.70 20.46
N LEU C 892 28.09 -40.26 20.94
CA LEU C 892 28.67 -39.00 20.49
C LEU C 892 29.05 -39.06 19.01
N GLU C 893 29.64 -40.18 18.57
CA GLU C 893 29.97 -40.39 17.16
C GLU C 893 28.74 -40.25 16.27
N ALA C 894 27.61 -40.80 16.70
CA ALA C 894 26.38 -40.71 15.91
C ALA C 894 26.02 -39.27 15.56
N HIS C 895 26.32 -38.32 16.45
CA HIS C 895 25.97 -36.92 16.22
C HIS C 895 27.15 -36.10 15.68
N LYS C 896 28.17 -36.75 15.12
CA LYS C 896 29.27 -36.07 14.44
C LYS C 896 29.96 -35.06 15.36
N ASP C 897 30.44 -35.58 16.50
CA ASP C 897 31.25 -34.82 17.45
C ASP C 897 30.51 -33.59 17.99
N ASP C 898 29.18 -33.67 18.11
CA ASP C 898 28.40 -32.61 18.71
C ASP C 898 28.14 -32.94 20.18
N PRO C 899 28.89 -32.37 21.13
CA PRO C 899 28.71 -32.76 22.54
C PRO C 899 27.31 -32.49 23.07
N ALA C 900 26.84 -31.25 22.92
CA ALA C 900 25.53 -30.87 23.45
C ALA C 900 24.40 -31.65 22.79
N LYS C 901 24.55 -31.99 21.50
CA LYS C 901 23.49 -32.72 20.82
C LYS C 901 23.47 -34.17 21.26
N ALA C 902 24.65 -34.80 21.32
CA ALA C 902 24.72 -36.20 21.71
C ALA C 902 24.26 -36.39 23.15
N PHE C 903 24.70 -35.52 24.05
CA PHE C 903 24.36 -35.66 25.46
C PHE C 903 23.25 -34.70 25.90
N ALA C 904 22.43 -34.23 24.97
CA ALA C 904 21.22 -33.53 25.35
C ALA C 904 20.18 -34.51 25.87
N GLU C 905 20.12 -35.69 25.25
CA GLU C 905 19.36 -36.81 25.79
C GLU C 905 20.09 -37.35 27.01
N PRO C 906 19.44 -37.40 28.17
CA PRO C 906 20.13 -37.86 29.39
C PRO C 906 20.84 -39.18 29.17
N PHE C 907 22.05 -39.28 29.72
CA PHE C 907 22.90 -40.44 29.54
C PHE C 907 23.02 -41.18 30.87
N TYR C 908 22.73 -42.47 30.84
CA TYR C 908 22.78 -43.26 32.06
C TYR C 908 23.77 -44.41 31.90
N ALA C 913 21.17 -55.65 36.68
CA ALA C 913 20.37 -54.62 36.02
C ALA C 913 20.78 -54.44 34.56
N GLY C 914 19.78 -54.27 33.70
CA GLY C 914 20.02 -53.98 32.29
C GLY C 914 19.31 -52.70 31.92
N ASN C 915 18.54 -52.19 32.88
CA ASN C 915 17.79 -50.96 32.77
C ASN C 915 18.71 -49.75 33.02
N ARG C 916 18.13 -48.56 32.97
CA ARG C 916 18.86 -47.34 33.25
C ARG C 916 19.13 -47.17 34.75
N THR C 917 20.35 -46.75 35.05
CA THR C 917 20.90 -46.48 36.37
C THR C 917 21.12 -44.97 36.49
N GLN C 918 21.82 -44.54 37.54
CA GLN C 918 21.99 -43.13 37.83
C GLN C 918 22.57 -42.37 36.63
N GLN C 919 22.06 -41.16 36.43
CA GLN C 919 22.42 -40.29 35.31
C GLN C 919 23.91 -39.90 35.35
N VAL C 920 24.36 -39.26 34.28
CA VAL C 920 25.67 -38.59 34.24
C VAL C 920 25.45 -37.20 33.67
N LYS C 921 25.96 -36.18 34.38
CA LYS C 921 25.99 -34.81 33.88
C LYS C 921 27.37 -34.39 33.41
N ALA C 922 28.41 -34.89 34.06
CA ALA C 922 29.78 -34.50 33.76
C ALA C 922 30.69 -35.65 34.20
N VAL C 923 31.76 -35.85 33.46
CA VAL C 923 32.72 -36.91 33.78
C VAL C 923 34.10 -36.27 33.96
N ARG C 924 34.95 -36.93 34.74
CA ARG C 924 36.28 -36.40 34.97
C ARG C 924 37.24 -36.80 33.86
N VAL C 925 38.06 -35.84 33.44
CA VAL C 925 38.98 -36.00 32.32
C VAL C 925 40.36 -35.57 32.77
N GLU C 926 41.36 -36.41 32.52
CA GLU C 926 42.74 -36.06 32.80
C GLU C 926 43.27 -35.09 31.74
N GLN C 927 44.19 -34.23 32.17
CA GLN C 927 44.79 -33.21 31.33
C GLN C 927 46.27 -33.13 31.67
N VAL C 928 47.05 -32.61 30.71
CA VAL C 928 48.49 -32.49 30.90
C VAL C 928 48.79 -31.36 31.87
N GLN C 929 49.72 -31.60 32.80
CA GLN C 929 50.12 -30.59 33.77
C GLN C 929 51.55 -30.89 34.22
N LYS C 930 52.51 -30.20 33.61
CA LYS C 930 53.90 -30.26 34.02
C LYS C 930 54.30 -29.10 34.93
N THR C 931 53.46 -28.08 35.01
CA THR C 931 53.70 -26.92 35.85
C THR C 931 52.34 -26.38 36.31
N GLY C 932 52.38 -25.50 37.31
CA GLY C 932 51.14 -24.89 37.74
C GLY C 932 51.37 -23.89 38.87
N VAL C 933 50.26 -23.34 39.34
CA VAL C 933 50.20 -22.46 40.49
C VAL C 933 49.26 -23.08 41.51
N TRP C 934 49.68 -23.07 42.78
CA TRP C 934 48.88 -23.62 43.86
C TRP C 934 47.76 -22.65 44.22
N VAL C 935 46.53 -23.15 44.37
CA VAL C 935 45.37 -22.30 44.57
C VAL C 935 44.36 -23.01 45.48
N ARG C 936 43.40 -22.22 45.98
CA ARG C 936 42.36 -22.66 46.89
C ARG C 936 42.92 -23.49 48.05
N ASN C 937 43.73 -22.82 48.88
CA ASN C 937 44.30 -23.44 50.09
C ASN C 937 45.16 -24.66 49.74
N HIS C 938 45.95 -24.53 48.68
CA HIS C 938 46.83 -25.61 48.20
C HIS C 938 46.03 -26.89 47.98
N ASN C 939 44.78 -26.73 47.55
CA ASN C 939 43.92 -27.85 47.21
C ASN C 939 43.62 -27.91 45.71
N GLY C 940 44.25 -27.05 44.92
CA GLY C 940 44.06 -27.11 43.48
C GLY C 940 45.26 -26.53 42.76
N ILE C 941 45.32 -26.82 41.47
CA ILE C 941 46.38 -26.34 40.59
C ILE C 941 45.72 -25.58 39.45
N ALA C 942 46.38 -24.50 39.02
CA ALA C 942 45.92 -23.69 37.90
C ALA C 942 47.07 -23.39 36.96
N ASP C 943 46.75 -23.09 35.70
CA ASP C 943 47.80 -22.85 34.73
C ASP C 943 48.45 -21.49 34.97
N ASN C 944 49.73 -21.40 34.62
CA ASN C 944 50.43 -20.12 34.70
C ASN C 944 49.72 -19.10 33.82
N ALA C 945 49.74 -17.84 34.24
CA ALA C 945 49.04 -16.84 33.43
C ALA C 945 49.91 -16.21 32.35
N THR C 946 50.76 -15.26 32.74
CA THR C 946 51.60 -14.53 31.81
C THR C 946 52.88 -14.10 32.51
N MET C 947 54.02 -14.35 31.89
CA MET C 947 55.28 -13.95 32.48
C MET C 947 55.36 -12.42 32.55
N VAL C 948 55.73 -11.90 33.72
CA VAL C 948 55.89 -10.46 33.89
C VAL C 948 57.34 -10.03 33.75
N ARG C 949 58.29 -10.96 33.75
CA ARG C 949 59.69 -10.58 33.65
C ARG C 949 60.50 -11.79 33.22
N VAL C 950 61.64 -11.52 32.60
CA VAL C 950 62.61 -12.56 32.24
C VAL C 950 64.00 -12.08 32.62
N ASP C 951 64.64 -12.76 33.58
CA ASP C 951 65.99 -12.40 34.00
C ASP C 951 66.99 -13.18 33.16
N VAL C 952 68.02 -12.51 32.66
CA VAL C 952 68.94 -13.10 31.70
C VAL C 952 70.32 -13.20 32.35
N PHE C 953 70.90 -14.40 32.32
CA PHE C 953 72.23 -14.66 32.85
C PHE C 953 73.14 -15.12 31.72
N GLU C 954 74.43 -14.79 31.83
CA GLU C 954 75.45 -15.29 30.91
C GLU C 954 76.53 -16.01 31.71
N LYS C 955 76.90 -17.21 31.26
CA LYS C 955 78.00 -17.94 31.88
C LYS C 955 78.70 -18.76 30.80
N GLY C 956 79.92 -18.39 30.46
CA GLY C 956 80.69 -19.15 29.48
C GLY C 956 80.12 -19.11 28.07
N ASP C 957 79.64 -17.94 27.64
CA ASP C 957 79.08 -17.75 26.30
C ASP C 957 77.79 -18.54 26.10
N LYS C 958 77.05 -18.76 27.19
CA LYS C 958 75.73 -19.36 27.15
C LYS C 958 74.76 -18.48 27.91
N TYR C 959 73.53 -18.40 27.42
CA TYR C 959 72.52 -17.52 27.99
C TYR C 959 71.42 -18.33 28.65
N TYR C 960 70.95 -17.84 29.79
CA TYR C 960 69.97 -18.54 30.61
C TYR C 960 68.84 -17.59 30.97
N LEU C 961 67.61 -17.99 30.67
CA LEU C 961 66.42 -17.17 30.89
C LEU C 961 65.65 -17.72 32.08
N VAL C 962 65.55 -16.94 33.15
CA VAL C 962 64.74 -17.25 34.32
C VAL C 962 63.39 -16.55 34.16
N PRO C 963 62.28 -17.27 34.05
CA PRO C 963 60.98 -16.61 33.94
C PRO C 963 60.41 -16.21 35.28
N ILE C 964 59.75 -15.05 35.31
CA ILE C 964 59.11 -14.52 36.51
C ILE C 964 57.66 -14.23 36.17
N TYR C 965 56.75 -14.94 36.82
CA TYR C 965 55.32 -14.77 36.70
C TYR C 965 54.81 -13.88 37.83
N SER C 966 53.54 -13.48 37.74
CA SER C 966 53.01 -12.50 38.67
C SER C 966 52.73 -13.10 40.04
N TRP C 967 52.28 -14.36 40.09
CA TRP C 967 52.07 -15.01 41.39
C TRP C 967 53.37 -15.15 42.17
N GLN C 968 54.48 -15.37 41.47
CA GLN C 968 55.79 -15.35 42.13
C GLN C 968 56.09 -13.97 42.70
N VAL C 969 55.68 -12.92 42.00
CA VAL C 969 55.89 -11.56 42.51
C VAL C 969 55.05 -11.34 43.75
N ALA C 970 53.81 -11.83 43.75
CA ALA C 970 52.95 -11.66 44.93
C ALA C 970 53.53 -12.42 46.12
N LYS C 971 53.89 -13.68 45.92
CA LYS C 971 54.52 -14.44 47.01
C LYS C 971 55.90 -13.92 47.33
N GLY C 972 56.57 -13.29 46.36
CA GLY C 972 57.84 -12.65 46.62
C GLY C 972 59.03 -13.58 46.51
N ILE C 973 59.00 -14.49 45.55
CA ILE C 973 60.00 -15.56 45.43
C ILE C 973 60.71 -15.36 44.09
N LEU C 974 61.84 -14.69 44.13
CA LEU C 974 62.74 -14.43 43.01
C LEU C 974 63.31 -15.75 42.50
N PRO C 975 62.86 -16.23 41.33
CA PRO C 975 63.04 -17.64 40.99
C PRO C 975 64.48 -18.10 40.89
N ASP C 976 64.70 -19.39 41.17
CA ASP C 976 66.02 -20.00 41.15
C ASP C 976 66.43 -20.47 39.75
N ARG C 977 65.52 -21.10 39.02
CA ARG C 977 65.87 -21.99 37.91
C ARG C 977 65.58 -21.35 36.57
N ALA C 978 66.53 -21.47 35.64
CA ALA C 978 66.40 -21.00 34.28
C ALA C 978 65.98 -22.16 33.37
N VAL C 979 65.36 -21.82 32.24
CA VAL C 979 64.75 -22.82 31.37
C VAL C 979 65.79 -23.76 30.77
N VAL C 980 65.36 -24.98 30.50
CA VAL C 980 66.09 -25.96 29.71
C VAL C 980 65.07 -26.54 28.74
N GLN C 981 65.53 -26.86 27.52
CA GLN C 981 64.62 -27.01 26.38
C GLN C 981 63.39 -27.84 26.71
N GLY C 982 63.58 -29.11 27.05
CA GLY C 982 62.42 -29.97 27.19
C GLY C 982 62.06 -30.37 28.60
N LYS C 983 63.03 -30.29 29.50
CA LYS C 983 62.86 -30.74 30.89
C LYS C 983 61.75 -29.98 31.60
N ASP C 984 60.94 -30.73 32.37
CA ASP C 984 59.96 -30.12 33.27
C ASP C 984 60.66 -29.23 34.31
N GLU C 985 59.89 -28.29 34.85
CA GLU C 985 60.43 -27.25 35.74
C GLU C 985 61.40 -27.81 36.78
N GLU C 986 61.13 -29.02 37.29
CA GLU C 986 61.99 -29.60 38.33
C GLU C 986 63.43 -29.68 37.85
N ASP C 987 63.64 -30.18 36.64
CA ASP C 987 65.00 -30.39 36.12
C ASP C 987 65.38 -29.20 35.24
N TRP C 988 65.58 -28.05 35.88
CA TRP C 988 66.07 -26.86 35.21
C TRP C 988 67.41 -26.45 35.82
N GLN C 989 68.06 -25.51 35.15
CA GLN C 989 69.38 -25.04 35.59
C GLN C 989 69.22 -24.12 36.79
N LEU C 990 69.70 -24.57 37.95
CA LEU C 990 69.69 -23.72 39.13
C LEU C 990 70.72 -22.61 38.98
N ILE C 991 70.29 -21.38 39.20
CA ILE C 991 71.17 -20.23 39.05
C ILE C 991 71.91 -19.99 40.35
N ASP C 992 73.22 -19.81 40.26
CA ASP C 992 74.08 -19.53 41.40
C ASP C 992 75.02 -18.39 41.01
N ASP C 993 76.06 -18.17 41.80
CA ASP C 993 76.98 -17.06 41.59
C ASP C 993 77.97 -17.30 40.45
N SER C 994 78.02 -18.49 39.88
CA SER C 994 78.86 -18.71 38.71
C SER C 994 78.28 -18.02 37.47
N PHE C 995 77.01 -17.66 37.50
CA PHE C 995 76.36 -16.97 36.39
C PHE C 995 76.51 -15.45 36.56
N ASN C 996 76.59 -14.76 35.42
CA ASN C 996 76.67 -13.31 35.39
C ASN C 996 75.32 -12.75 34.97
N PHE C 997 74.74 -11.90 35.81
CA PHE C 997 73.44 -11.33 35.49
C PHE C 997 73.63 -10.16 34.53
N LYS C 998 72.83 -10.14 33.46
CA LYS C 998 72.96 -9.12 32.43
C LYS C 998 71.81 -8.11 32.44
N PHE C 999 70.57 -8.56 32.37
CA PHE C 999 69.46 -7.63 32.32
C PHE C 999 68.14 -8.36 32.57
N SER C 1000 67.14 -7.58 32.95
CA SER C 1000 65.76 -8.06 33.03
C SER C 1000 64.99 -7.56 31.81
N LEU C 1001 64.16 -8.44 31.27
CA LEU C 1001 63.32 -8.16 30.11
C LEU C 1001 61.87 -8.07 30.56
N HIS C 1002 61.28 -6.92 30.36
CA HIS C 1002 59.83 -6.82 30.38
C HIS C 1002 59.32 -6.90 28.95
N PRO C 1003 58.05 -7.25 28.75
CA PRO C 1003 57.48 -7.19 27.40
C PRO C 1003 57.65 -5.80 26.79
N ASN C 1004 57.98 -5.78 25.50
CA ASN C 1004 58.19 -4.57 24.72
C ASN C 1004 59.47 -3.82 25.13
N ASP C 1005 60.49 -4.55 25.58
CA ASP C 1005 61.82 -3.99 25.71
C ASP C 1005 62.62 -4.29 24.45
N LEU C 1006 63.47 -3.34 24.05
CA LEU C 1006 64.25 -3.48 22.84
C LEU C 1006 65.44 -4.39 23.08
N VAL C 1007 65.61 -5.41 22.25
CA VAL C 1007 66.68 -6.38 22.40
C VAL C 1007 67.41 -6.58 21.07
N GLU C 1008 68.65 -7.03 21.20
CA GLU C 1008 69.53 -7.35 20.08
C GLU C 1008 70.05 -8.77 20.30
N VAL C 1009 69.80 -9.65 19.33
CA VAL C 1009 70.22 -11.04 19.36
C VAL C 1009 71.14 -11.23 18.16
N ILE C 1010 72.45 -11.11 18.40
CA ILE C 1010 73.45 -11.48 17.40
C ILE C 1010 73.72 -12.97 17.49
N THR C 1011 73.44 -13.69 16.41
CA THR C 1011 73.66 -15.13 16.34
C THR C 1011 74.59 -15.41 15.16
N LYS C 1012 74.95 -16.69 15.00
CA LYS C 1012 75.80 -17.07 13.88
C LYS C 1012 75.12 -16.76 12.55
N LYS C 1013 73.83 -17.08 12.42
CA LYS C 1013 73.14 -16.88 11.15
C LYS C 1013 73.08 -15.39 10.78
N ALA C 1014 72.51 -14.57 11.65
CA ALA C 1014 72.28 -13.15 11.34
C ALA C 1014 72.22 -12.35 12.63
N ARG C 1015 71.69 -11.13 12.56
CA ARG C 1015 71.53 -10.23 13.69
C ARG C 1015 70.10 -9.74 13.73
N MET C 1016 69.44 -9.90 14.87
CA MET C 1016 68.03 -9.57 15.01
C MET C 1016 67.88 -8.44 16.03
N PHE C 1017 67.09 -7.42 15.68
CA PHE C 1017 66.89 -6.27 16.54
C PHE C 1017 65.40 -5.98 16.59
N GLY C 1018 64.86 -5.82 17.80
CA GLY C 1018 63.43 -5.61 17.91
C GLY C 1018 62.93 -5.74 19.32
N TYR C 1019 61.64 -5.50 19.49
CA TYR C 1019 61.03 -5.42 20.82
C TYR C 1019 60.64 -6.81 21.31
N PHE C 1020 61.16 -7.20 22.47
CA PHE C 1020 60.80 -8.48 23.06
C PHE C 1020 59.30 -8.54 23.28
N ALA C 1021 58.68 -9.66 22.89
CA ALA C 1021 57.24 -9.83 22.97
C ALA C 1021 56.85 -11.00 23.85
N SER C 1022 57.39 -12.19 23.59
CA SER C 1022 57.05 -13.38 24.35
C SER C 1022 58.32 -14.23 24.52
N CYS C 1023 58.35 -15.03 25.58
CA CYS C 1023 59.42 -16.00 25.81
C CYS C 1023 58.77 -17.35 26.05
N HIS C 1024 58.74 -18.19 25.02
CA HIS C 1024 58.16 -19.51 25.15
C HIS C 1024 58.92 -20.31 26.20
N ARG C 1025 58.18 -20.98 27.08
CA ARG C 1025 58.78 -21.68 28.21
C ARG C 1025 59.05 -23.14 27.92
N GLY C 1026 58.42 -23.71 26.88
CA GLY C 1026 58.73 -25.04 26.40
C GLY C 1026 59.95 -25.14 25.52
N THR C 1027 60.55 -24.03 25.11
CA THR C 1027 61.71 -24.04 24.23
C THR C 1027 62.88 -23.17 24.69
N GLY C 1028 62.64 -22.20 25.57
CA GLY C 1028 63.68 -21.23 25.88
C GLY C 1028 63.99 -20.25 24.78
N ASN C 1029 63.17 -20.21 23.74
CA ASN C 1029 63.31 -19.23 22.68
C ASN C 1029 62.43 -18.01 22.96
N ILE C 1030 62.66 -16.94 22.21
CA ILE C 1030 61.95 -15.68 22.42
C ILE C 1030 61.41 -15.20 21.08
N ASN C 1031 60.29 -14.49 21.15
CA ASN C 1031 59.73 -13.80 19.99
C ASN C 1031 59.94 -12.31 20.16
N ILE C 1032 60.28 -11.63 19.06
CA ILE C 1032 60.45 -10.18 19.07
C ILE C 1032 59.65 -9.59 17.92
N ARG C 1033 58.87 -8.56 18.22
CA ARG C 1033 58.19 -7.79 17.20
C ARG C 1033 59.19 -6.89 16.48
N ILE C 1034 59.14 -6.91 15.15
CA ILE C 1034 59.88 -5.92 14.38
C ILE C 1034 59.31 -4.54 14.67
N HIS C 1035 60.19 -3.54 14.70
CA HIS C 1035 59.80 -2.22 15.20
C HIS C 1035 58.67 -1.61 14.38
N ASP C 1036 58.68 -1.80 13.07
CA ASP C 1036 57.61 -1.29 12.21
C ASP C 1036 56.62 -2.38 11.78
N LEU C 1037 56.74 -3.59 12.33
CA LEU C 1037 55.80 -4.68 12.07
C LEU C 1037 55.66 -5.01 10.59
N ASP C 1038 56.75 -4.90 9.84
CA ASP C 1038 56.69 -5.20 8.41
C ASP C 1038 56.28 -6.65 8.20
N HIS C 1039 55.19 -6.84 7.45
CA HIS C 1039 54.60 -8.17 7.31
C HIS C 1039 55.49 -9.11 6.50
N LYS C 1040 56.38 -8.54 5.66
CA LYS C 1040 57.36 -9.35 4.96
C LYS C 1040 58.29 -10.07 5.92
N ILE C 1041 58.43 -9.58 7.15
CA ILE C 1041 59.34 -10.16 8.13
C ILE C 1041 58.53 -11.01 9.09
N GLY C 1042 59.06 -12.18 9.42
CA GLY C 1042 58.41 -13.15 10.29
C GLY C 1042 56.99 -13.43 9.86
N LYS C 1043 56.12 -13.63 10.86
CA LYS C 1043 54.69 -13.78 10.67
C LYS C 1043 54.02 -12.53 11.24
N ASN C 1044 53.64 -11.61 10.35
CA ASN C 1044 53.05 -10.33 10.73
C ASN C 1044 54.01 -9.51 11.59
N GLY C 1045 55.29 -9.55 11.24
CA GLY C 1045 56.27 -8.70 11.90
C GLY C 1045 56.82 -9.25 13.19
N ILE C 1046 56.60 -10.52 13.49
CA ILE C 1046 57.06 -11.13 14.74
C ILE C 1046 58.00 -12.27 14.38
N LEU C 1047 59.27 -12.15 14.78
CA LEU C 1047 60.21 -13.24 14.68
C LEU C 1047 59.93 -14.25 15.79
N GLU C 1048 59.56 -15.47 15.41
CA GLU C 1048 59.24 -16.51 16.38
C GLU C 1048 60.41 -17.46 16.56
N GLY C 1049 60.56 -17.97 17.78
CA GLY C 1049 61.51 -19.02 18.07
C GLY C 1049 62.97 -18.65 17.92
N ILE C 1050 63.36 -17.46 18.37
CA ILE C 1050 64.76 -17.07 18.35
C ILE C 1050 65.46 -17.71 19.54
N GLY C 1051 66.47 -18.54 19.26
CA GLY C 1051 67.17 -19.22 20.32
C GLY C 1051 68.36 -18.43 20.82
N VAL C 1052 68.30 -17.99 22.08
CA VAL C 1052 69.34 -17.13 22.64
C VAL C 1052 70.31 -17.87 23.55
N LYS C 1053 70.02 -19.12 23.90
CA LYS C 1053 70.97 -19.93 24.65
C LYS C 1053 72.33 -19.97 23.98
N THR C 1054 72.34 -20.05 22.65
CA THR C 1054 73.57 -20.23 21.88
C THR C 1054 73.82 -19.06 20.93
N ALA C 1055 73.32 -17.88 21.29
CA ALA C 1055 73.63 -16.67 20.54
C ALA C 1055 75.07 -16.23 20.83
N LEU C 1056 75.60 -15.41 19.92
CA LEU C 1056 76.87 -14.74 20.19
C LEU C 1056 76.67 -13.57 21.15
N SER C 1057 75.81 -12.63 20.78
CA SER C 1057 75.47 -11.50 21.64
C SER C 1057 73.98 -11.51 21.95
N PHE C 1058 73.64 -11.11 23.17
CA PHE C 1058 72.24 -10.96 23.58
C PHE C 1058 72.21 -9.77 24.55
N GLN C 1059 71.82 -8.60 24.03
CA GLN C 1059 71.88 -7.38 24.80
C GLN C 1059 70.52 -6.69 24.76
N LYS C 1060 70.30 -5.82 25.74
CA LYS C 1060 69.04 -5.09 25.86
C LYS C 1060 69.34 -3.60 25.81
N TYR C 1061 68.50 -2.86 25.09
CA TYR C 1061 68.70 -1.46 24.79
C TYR C 1061 67.58 -0.62 25.40
N GLN C 1062 67.75 0.69 25.31
CA GLN C 1062 66.75 1.64 25.75
C GLN C 1062 66.45 2.61 24.61
N ILE C 1063 65.23 3.13 24.60
CA ILE C 1063 64.80 4.04 23.55
C ILE C 1063 63.70 4.92 24.13
N ASP C 1064 63.65 6.16 23.66
CA ASP C 1064 62.74 7.15 24.21
C ASP C 1064 61.51 7.29 23.31
N GLU C 1065 60.70 8.32 23.60
CA GLU C 1065 59.45 8.54 22.87
C GLU C 1065 59.70 8.69 21.38
N LEU C 1066 60.73 9.45 21.02
CA LEU C 1066 60.96 9.88 19.65
C LEU C 1066 61.72 8.85 18.83
N GLY C 1067 62.21 7.78 19.46
CA GLY C 1067 63.06 6.83 18.76
C GLY C 1067 64.52 7.21 18.70
N LYS C 1068 64.98 8.08 19.61
CA LYS C 1068 66.38 8.46 19.70
C LYS C 1068 67.04 7.72 20.85
N GLU C 1069 68.33 8.03 21.05
CA GLU C 1069 69.08 7.58 22.24
C GLU C 1069 69.06 6.07 22.37
N ILE C 1070 69.25 5.38 21.24
CA ILE C 1070 69.23 3.92 21.22
C ILE C 1070 70.61 3.45 21.68
N ARG C 1071 70.69 3.00 22.93
CA ARG C 1071 71.94 2.59 23.54
C ARG C 1071 71.73 1.32 24.34
N PRO C 1072 72.73 0.44 24.38
CA PRO C 1072 72.68 -0.69 25.32
C PRO C 1072 72.73 -0.19 26.76
N CYS C 1073 71.96 -0.85 27.63
CA CYS C 1073 71.93 -0.52 29.05
C CYS C 1073 72.49 -1.67 29.85
N ARG C 1074 73.27 -1.34 30.89
CA ARG C 1074 73.96 -2.33 31.72
C ARG C 1074 73.39 -2.25 33.12
N LEU C 1075 72.83 -3.36 33.61
CA LEU C 1075 72.21 -3.41 34.92
C LEU C 1075 73.22 -3.92 35.95
N LYS C 1076 73.42 -3.14 37.01
CA LYS C 1076 74.39 -3.49 38.05
C LYS C 1076 74.02 -4.79 38.76
N LYS C 1077 72.99 -4.75 39.59
CA LYS C 1077 72.52 -5.89 40.36
C LYS C 1077 71.19 -6.41 39.83
N ARG C 1078 70.99 -7.72 39.96
CA ARG C 1078 69.67 -8.27 39.70
C ARG C 1078 68.64 -7.58 40.59
N PRO C 1079 67.51 -7.12 40.03
CA PRO C 1079 66.51 -6.45 40.85
C PRO C 1079 65.59 -7.46 41.51
N PRO C 1080 64.96 -7.10 42.62
CA PRO C 1080 64.04 -8.02 43.29
C PRO C 1080 62.66 -7.95 42.66
N VAL C 1081 61.77 -8.81 43.16
CA VAL C 1081 60.41 -8.85 42.64
C VAL C 1081 59.49 -7.91 43.41
N ARG C 1082 59.60 -7.86 44.73
CA ARG C 1082 58.87 -6.89 45.54
C ARG C 1082 59.84 -5.94 46.23
N SER C 1083 59.28 -4.85 46.76
CA SER C 1083 60.08 -3.84 47.44
C SER C 1083 60.16 -4.12 48.93
N SER E 1 35.39 -4.64 -29.32
CA SER E 1 35.13 -3.41 -28.56
C SER E 1 33.84 -2.73 -28.98
N MET E 2 32.85 -3.53 -29.37
CA MET E 2 31.52 -3.02 -29.71
C MET E 2 30.55 -3.40 -28.61
N PHE E 3 29.90 -2.39 -28.05
CA PHE E 3 29.03 -2.56 -26.89
C PHE E 3 27.59 -2.79 -27.34
N LYS E 4 27.12 -4.03 -27.23
CA LYS E 4 25.71 -4.33 -27.41
C LYS E 4 25.00 -4.18 -26.07
N ARG E 5 23.80 -3.59 -26.10
CA ARG E 5 22.95 -3.51 -24.93
C ARG E 5 21.78 -4.46 -25.10
N ALA E 6 21.56 -5.30 -24.10
CA ALA E 6 20.43 -6.22 -24.11
C ALA E 6 19.32 -5.56 -23.31
N ILE E 7 18.27 -5.15 -24.00
CA ILE E 7 17.09 -4.59 -23.35
C ILE E 7 16.14 -5.76 -23.09
N ILE E 8 15.83 -5.99 -21.82
CA ILE E 8 14.90 -7.03 -21.42
C ILE E 8 13.77 -6.39 -20.63
N PHE E 9 12.54 -6.75 -20.98
CA PHE E 9 11.35 -6.22 -20.36
C PHE E 9 10.61 -7.39 -19.72
N THR E 10 10.37 -7.27 -18.41
CA THR E 10 9.74 -8.31 -17.63
C THR E 10 8.28 -7.95 -17.38
N SER E 11 7.39 -8.87 -17.75
CA SER E 11 5.95 -8.67 -17.55
C SER E 11 5.36 -9.86 -16.80
N PHE E 12 4.22 -9.59 -16.17
CA PHE E 12 3.46 -10.53 -15.36
C PHE E 12 2.18 -10.85 -16.14
N ASN E 13 2.04 -12.10 -16.59
CA ASN E 13 1.06 -12.41 -17.63
C ASN E 13 -0.27 -12.93 -17.11
N GLY E 14 -0.40 -13.20 -15.81
CA GLY E 14 -1.68 -13.53 -15.23
C GLY E 14 -2.06 -15.00 -15.17
N PHE E 15 -1.55 -15.82 -16.11
CA PHE E 15 -1.98 -17.22 -16.23
C PHE E 15 -1.85 -17.98 -14.92
N GLU E 16 -0.90 -17.58 -14.07
CA GLU E 16 -0.70 -18.23 -12.79
C GLU E 16 -0.13 -17.20 -11.83
N LYS E 17 -0.39 -17.40 -10.54
CA LYS E 17 0.25 -16.57 -9.53
C LYS E 17 1.73 -16.89 -9.49
N VAL E 18 2.49 -15.91 -9.05
CA VAL E 18 3.93 -15.94 -9.24
C VAL E 18 4.54 -16.23 -7.88
N SER E 19 5.09 -17.43 -7.76
CA SER E 19 5.67 -17.90 -6.52
C SER E 19 6.78 -16.95 -6.07
N ARG E 20 6.68 -16.52 -4.81
CA ARG E 20 7.69 -15.69 -4.17
C ARG E 20 9.08 -16.24 -4.48
N THR E 21 9.17 -17.57 -4.54
CA THR E 21 10.42 -18.23 -4.90
C THR E 21 10.86 -17.85 -6.31
N GLU E 22 9.92 -17.77 -7.25
CA GLU E 22 10.26 -17.36 -8.60
C GLU E 22 10.71 -15.90 -8.64
N LYS E 23 10.08 -15.04 -7.84
CA LYS E 23 10.53 -13.66 -7.77
C LYS E 23 11.94 -13.57 -7.22
N ARG E 24 12.25 -14.36 -6.18
CA ARG E 24 13.61 -14.37 -5.65
C ARG E 24 14.61 -14.88 -6.69
N ARG E 25 14.21 -15.91 -7.45
CA ARG E 25 15.06 -16.46 -8.49
C ARG E 25 15.38 -15.41 -9.54
N LEU E 26 14.35 -14.73 -10.04
CA LEU E 26 14.54 -13.72 -11.08
C LEU E 26 15.34 -12.55 -10.53
N ALA E 27 15.11 -12.18 -9.26
CA ALA E 27 15.89 -11.10 -8.67
C ALA E 27 17.36 -11.47 -8.58
N LYS E 28 17.65 -12.73 -8.22
CA LYS E 28 19.04 -13.18 -8.20
C LYS E 28 19.66 -13.11 -9.58
N ILE E 29 18.93 -13.61 -10.59
CA ILE E 29 19.43 -13.57 -11.97
C ILE E 29 19.78 -12.14 -12.36
N ILE E 30 18.82 -11.22 -12.22
CA ILE E 30 19.05 -9.83 -12.65
C ILE E 30 20.15 -9.17 -11.84
N ASN E 31 20.15 -9.36 -10.52
CA ASN E 31 21.10 -8.69 -9.66
C ASN E 31 22.51 -9.24 -9.77
N ALA E 32 22.68 -10.44 -10.32
CA ALA E 32 24.02 -10.95 -10.57
C ALA E 32 24.80 -10.00 -11.46
N ARG E 33 24.15 -9.42 -12.47
CA ARG E 33 24.83 -8.54 -13.40
C ARG E 33 25.06 -7.13 -12.82
N VAL E 34 24.16 -6.65 -11.96
CA VAL E 34 24.24 -5.27 -11.50
C VAL E 34 25.44 -5.04 -10.60
N SER E 35 26.04 -3.85 -10.74
CA SER E 35 27.14 -3.39 -9.91
C SER E 35 26.90 -1.91 -9.64
N ILE E 36 27.79 -1.31 -8.82
CA ILE E 36 27.61 0.10 -8.44
C ILE E 36 27.55 0.99 -9.67
N ILE E 37 28.01 0.46 -10.81
CA ILE E 37 27.95 1.19 -12.06
C ILE E 37 26.51 1.44 -12.45
N ASP E 38 25.65 0.42 -12.28
CA ASP E 38 24.25 0.49 -12.64
C ASP E 38 23.42 0.07 -11.42
N GLU E 39 23.61 0.79 -10.32
CA GLU E 39 22.79 0.54 -9.14
C GLU E 39 21.32 0.76 -9.44
N TYR E 40 21.02 1.58 -10.44
CA TYR E 40 19.67 1.59 -10.98
C TYR E 40 19.46 0.25 -11.66
N LEU E 41 18.22 -0.23 -11.64
CA LEU E 41 17.77 -1.52 -12.20
C LEU E 41 18.22 -2.68 -11.32
N ARG E 42 18.51 -2.39 -10.05
CA ARG E 42 18.65 -3.45 -9.07
C ARG E 42 17.29 -4.13 -8.88
N ALA E 43 17.28 -5.46 -8.90
CA ALA E 43 16.03 -6.21 -8.90
C ALA E 43 15.57 -6.56 -7.50
N LYS E 44 14.44 -6.00 -7.10
CA LYS E 44 13.80 -6.40 -5.86
C LYS E 44 12.96 -7.66 -6.15
N ASP E 45 12.31 -8.18 -5.13
CA ASP E 45 11.41 -9.31 -5.30
C ASP E 45 9.95 -8.88 -5.34
N THR E 46 9.66 -7.61 -5.06
CA THR E 46 8.30 -7.11 -5.09
C THR E 46 7.79 -7.06 -6.52
N ASN E 47 6.47 -7.16 -6.68
CA ASN E 47 5.85 -7.02 -7.99
C ASN E 47 6.26 -5.72 -8.67
N ALA E 48 6.27 -4.61 -7.92
CA ALA E 48 6.55 -3.30 -8.49
C ALA E 48 7.87 -3.26 -9.27
N SER E 49 8.87 -4.03 -8.83
CA SER E 49 10.16 -4.00 -9.49
C SER E 49 10.33 -5.10 -10.53
N LEU E 50 9.59 -6.20 -10.40
CA LEU E 50 9.69 -7.30 -11.36
C LEU E 50 8.64 -7.26 -12.46
N ASP E 51 7.51 -6.59 -12.25
CA ASP E 51 6.40 -6.60 -13.19
C ASP E 51 6.41 -5.33 -14.03
N GLY E 52 6.39 -5.50 -15.34
CA GLY E 52 6.23 -4.38 -16.25
C GLY E 52 7.42 -3.45 -16.19
N GLN E 53 8.64 -3.98 -16.26
CA GLN E 53 9.81 -3.13 -16.16
C GLN E 53 10.82 -3.43 -17.26
N TYR E 54 11.34 -2.36 -17.87
CA TYR E 54 12.44 -2.45 -18.81
C TYR E 54 13.77 -2.28 -18.06
N ARG E 55 14.70 -3.19 -18.31
CA ARG E 55 16.07 -3.04 -17.84
C ARG E 55 17.01 -3.29 -19.00
N ALA E 56 17.94 -2.36 -19.20
CA ALA E 56 18.90 -2.41 -20.29
C ALA E 56 20.27 -2.70 -19.69
N PHE E 57 20.80 -3.89 -19.98
CA PHE E 57 22.12 -4.27 -19.49
C PHE E 57 23.17 -4.04 -20.57
N LEU E 58 24.31 -3.51 -20.14
CA LEU E 58 25.43 -3.26 -21.03
C LEU E 58 26.32 -4.49 -21.07
N PHE E 59 26.53 -5.01 -22.28
CA PHE E 59 27.42 -6.13 -22.51
C PHE E 59 28.48 -5.71 -23.53
N ASN E 60 29.54 -6.50 -23.60
CA ASN E 60 30.60 -6.27 -24.57
C ASN E 60 30.62 -7.45 -25.52
N ASP E 61 30.34 -7.19 -26.80
CA ASP E 61 30.44 -8.23 -27.82
C ASP E 61 31.90 -8.66 -27.97
N GLU E 62 32.08 -9.90 -28.44
CA GLU E 62 33.36 -10.62 -28.39
C GLU E 62 33.72 -10.98 -26.95
N SER E 63 32.69 -11.27 -26.14
CA SER E 63 32.82 -11.73 -24.77
C SER E 63 31.62 -12.65 -24.53
N PRO E 64 31.83 -13.84 -23.98
CA PRO E 64 30.74 -14.82 -23.91
C PRO E 64 29.76 -14.63 -22.75
N ALA E 65 29.75 -13.46 -22.11
CA ALA E 65 28.89 -13.28 -20.94
C ALA E 65 27.45 -12.95 -21.32
N MET E 66 27.27 -12.13 -22.37
CA MET E 66 25.93 -11.77 -22.84
C MET E 66 25.12 -13.01 -23.16
N THR E 67 25.71 -13.95 -23.89
CA THR E 67 24.97 -15.13 -24.33
C THR E 67 24.57 -16.01 -23.15
N GLU E 68 25.49 -16.21 -22.20
CA GLU E 68 25.19 -16.99 -21.01
C GLU E 68 24.05 -16.36 -20.21
N PHE E 69 24.10 -15.03 -20.03
CA PHE E 69 23.05 -14.36 -19.26
C PHE E 69 21.70 -14.51 -19.94
N LEU E 70 21.65 -14.24 -21.25
CA LEU E 70 20.39 -14.37 -21.98
C LEU E 70 19.88 -15.80 -21.98
N ALA E 71 20.78 -16.79 -22.03
CA ALA E 71 20.36 -18.18 -21.96
C ALA E 71 19.74 -18.50 -20.60
N LYS E 72 20.34 -17.99 -19.52
CA LYS E 72 19.75 -18.17 -18.19
C LYS E 72 18.35 -17.57 -18.15
N LEU E 73 18.21 -16.36 -18.69
CA LEU E 73 16.90 -15.70 -18.73
C LEU E 73 15.89 -16.52 -19.50
N LYS E 74 16.26 -17.01 -20.68
CA LYS E 74 15.36 -17.83 -21.49
C LYS E 74 14.95 -19.09 -20.74
N ALA E 75 15.89 -19.72 -20.05
CA ALA E 75 15.57 -20.93 -19.29
C ALA E 75 14.54 -20.63 -18.20
N PHE E 76 14.75 -19.55 -17.45
CA PHE E 76 13.78 -19.19 -16.41
C PHE E 76 12.40 -18.91 -17.01
N ALA E 77 12.37 -18.16 -18.12
CA ALA E 77 11.11 -17.86 -18.79
C ALA E 77 10.40 -19.14 -19.21
N GLU E 78 11.14 -20.08 -19.80
CA GLU E 78 10.56 -21.37 -20.17
C GLU E 78 10.00 -22.09 -18.94
N SER E 79 10.68 -21.97 -17.81
CA SER E 79 10.26 -22.68 -16.60
C SER E 79 8.99 -22.08 -15.98
N CYS E 80 8.81 -20.76 -16.03
CA CYS E 80 7.99 -20.14 -14.99
C CYS E 80 6.51 -19.97 -15.34
N THR E 81 6.10 -20.18 -16.60
CA THR E 81 4.69 -20.23 -16.99
C THR E 81 3.78 -19.27 -16.23
N GLY E 82 3.96 -17.96 -16.41
CA GLY E 82 3.32 -16.99 -15.54
C GLY E 82 4.15 -15.73 -15.39
N ILE E 83 5.37 -15.79 -15.88
CA ILE E 83 6.21 -14.61 -16.09
C ILE E 83 6.65 -14.65 -17.56
N SER E 84 6.61 -13.49 -18.21
CA SER E 84 7.03 -13.43 -19.60
C SER E 84 8.19 -12.44 -19.70
N ILE E 85 9.26 -12.90 -20.34
CA ILE E 85 10.46 -12.12 -20.55
C ILE E 85 10.54 -11.79 -22.02
N ASP E 86 10.85 -10.54 -22.33
CA ASP E 86 11.13 -10.15 -23.70
C ASP E 86 12.55 -9.63 -23.78
N ALA E 87 13.31 -10.11 -24.75
CA ALA E 87 14.67 -9.66 -24.95
C ALA E 87 14.81 -8.99 -26.29
N TRP E 88 15.63 -7.94 -26.33
CA TRP E 88 16.02 -7.30 -27.58
C TRP E 88 17.53 -7.11 -27.58
N GLU E 89 18.06 -6.39 -28.56
CA GLU E 89 19.48 -6.09 -28.57
C GLU E 89 19.71 -4.84 -29.40
N ILE E 90 20.51 -3.92 -28.88
CA ILE E 90 20.88 -2.71 -29.61
C ILE E 90 22.35 -2.43 -29.35
N GLU E 91 23.03 -1.93 -30.38
CA GLU E 91 24.39 -1.44 -30.19
C GLU E 91 24.37 -0.13 -29.43
N GLU E 92 25.35 0.06 -28.57
CA GLU E 92 25.42 1.29 -27.79
C GLU E 92 25.60 2.52 -28.66
N SER E 93 26.17 2.35 -29.85
CA SER E 93 26.29 3.46 -30.80
C SER E 93 24.94 4.09 -31.04
N GLU E 94 23.93 3.28 -31.33
CA GLU E 94 22.58 3.78 -31.55
C GLU E 94 21.88 4.09 -30.24
N TYR E 95 22.11 3.28 -29.21
CA TYR E 95 21.43 3.47 -27.92
C TYR E 95 21.69 4.86 -27.36
N VAL E 96 22.96 5.28 -27.32
CA VAL E 96 23.27 6.57 -26.67
C VAL E 96 22.64 7.73 -27.43
N ARG E 97 22.39 7.56 -28.71
CA ARG E 97 21.86 8.64 -29.54
C ARG E 97 20.37 8.88 -29.34
N LEU E 98 19.65 7.91 -28.76
CA LEU E 98 18.23 8.09 -28.50
C LEU E 98 18.01 9.17 -27.44
N PRO E 99 16.81 9.75 -27.38
CA PRO E 99 16.51 10.71 -26.32
C PRO E 99 16.16 9.95 -25.05
N VAL E 100 16.71 10.40 -23.92
CA VAL E 100 16.56 9.64 -22.68
C VAL E 100 15.10 9.38 -22.34
N GLU E 101 14.18 10.23 -22.79
CA GLU E 101 12.80 10.31 -22.33
C GLU E 101 12.17 8.94 -22.08
N ARG E 102 12.17 8.04 -23.07
CA ARG E 102 11.75 6.66 -22.89
C ARG E 102 12.70 5.70 -23.59
N ARG E 103 14.00 5.86 -23.37
CA ARG E 103 15.00 5.25 -24.25
C ARG E 103 14.78 3.75 -24.41
N ASP E 104 14.52 3.05 -23.31
CA ASP E 104 14.45 1.61 -23.36
C ASP E 104 13.34 1.17 -24.31
N PHE E 105 12.15 1.77 -24.16
CA PHE E 105 11.08 1.49 -25.11
C PHE E 105 11.57 1.69 -26.53
N LEU E 106 12.16 2.86 -26.80
CA LEU E 106 12.60 3.14 -28.16
C LEU E 106 13.63 2.10 -28.60
N ALA E 107 14.56 1.77 -27.69
CA ALA E 107 15.59 0.79 -28.02
C ALA E 107 14.96 -0.57 -28.32
N ALA E 108 13.90 -0.91 -27.60
CA ALA E 108 13.19 -2.16 -27.89
C ALA E 108 12.63 -2.16 -29.31
N ALA E 109 12.02 -1.04 -29.72
CA ALA E 109 11.46 -0.97 -31.06
C ALA E 109 12.55 -0.97 -32.12
N ASN E 110 13.63 -0.24 -31.89
CA ASN E 110 14.69 -0.06 -32.88
C ASN E 110 15.76 -1.14 -32.82
N GLY E 111 15.56 -2.18 -32.02
CA GLY E 111 16.61 -3.15 -31.76
C GLY E 111 16.27 -4.55 -32.24
N LYS E 112 17.29 -5.38 -32.39
CA LYS E 112 17.09 -6.74 -32.88
C LYS E 112 16.39 -7.58 -31.81
N GLU E 113 15.24 -8.14 -32.16
CA GLU E 113 14.56 -9.05 -31.24
C GLU E 113 15.40 -10.29 -31.01
N ILE E 114 15.33 -10.83 -29.80
CA ILE E 114 16.15 -11.98 -29.45
C ILE E 114 15.25 -13.18 -29.21
N PHE E 115 14.41 -13.09 -28.19
CA PHE E 115 13.46 -14.15 -27.86
C PHE E 115 12.28 -13.55 -27.12
N LYS E 116 11.08 -14.00 -27.47
CA LYS E 116 9.87 -13.63 -26.74
C LYS E 116 9.24 -14.89 -26.17
N ILE E 117 9.02 -14.90 -24.86
CA ILE E 117 8.52 -16.07 -24.15
C ILE E 117 7.78 -15.66 -22.88
N SER F 1 -20.88 38.58 7.37
CA SER F 1 -20.27 39.62 6.54
C SER F 1 -18.81 39.28 6.24
N MET F 2 -18.04 39.03 7.30
CA MET F 2 -16.63 38.69 7.18
C MET F 2 -16.46 37.18 7.29
N PHE F 3 -15.81 36.59 6.31
CA PHE F 3 -15.68 35.15 6.20
C PHE F 3 -14.43 34.67 6.92
N LYS F 4 -14.61 33.66 7.77
CA LYS F 4 -13.49 33.10 8.54
C LYS F 4 -13.28 31.66 8.14
N ARG F 5 -12.03 31.29 7.88
CA ARG F 5 -11.69 29.90 7.62
C ARG F 5 -11.17 29.28 8.89
N ALA F 6 -11.78 28.16 9.27
CA ALA F 6 -11.35 27.39 10.43
C ALA F 6 -10.44 26.30 9.90
N ILE F 7 -9.16 26.41 10.23
CA ILE F 7 -8.19 25.39 9.89
C ILE F 7 -8.18 24.38 11.03
N ILE F 8 -8.52 23.14 10.73
CA ILE F 8 -8.48 22.09 11.74
C ILE F 8 -7.47 21.05 11.26
N PHE F 9 -6.62 20.63 12.18
CA PHE F 9 -5.59 19.66 11.87
C PHE F 9 -5.84 18.45 12.75
N THR F 10 -5.99 17.29 12.11
CA THR F 10 -6.29 16.04 12.78
C THR F 10 -5.00 15.25 12.87
N SER F 11 -4.61 14.89 14.09
CA SER F 11 -3.41 14.13 14.36
C SER F 11 -3.74 12.94 15.24
N PHE F 12 -2.81 12.00 15.28
CA PHE F 12 -2.94 10.79 16.08
C PHE F 12 -2.01 10.86 17.28
N ASN F 13 -2.56 10.61 18.48
CA ASN F 13 -1.80 10.78 19.71
C ASN F 13 -0.89 9.60 20.02
N GLY F 14 -1.15 8.43 19.44
CA GLY F 14 -0.29 7.29 19.67
C GLY F 14 -0.58 6.54 20.96
N PHE F 15 -1.11 7.25 21.95
CA PHE F 15 -1.31 6.68 23.29
C PHE F 15 -2.14 5.40 23.25
N GLU F 16 -3.25 5.39 22.50
CA GLU F 16 -4.21 4.31 22.59
C GLU F 16 -4.55 3.77 21.21
N LYS F 17 -5.27 2.64 21.22
CA LYS F 17 -5.78 2.05 19.99
C LYS F 17 -6.72 3.02 19.30
N VAL F 18 -6.82 2.89 17.97
CA VAL F 18 -7.48 3.91 17.18
C VAL F 18 -9.00 3.87 17.34
N SER F 19 -9.58 2.69 17.58
CA SER F 19 -11.03 2.56 17.73
C SER F 19 -11.78 3.00 16.46
N ARG F 20 -11.78 2.15 15.43
CA ARG F 20 -12.44 2.39 14.15
C ARG F 20 -13.79 3.08 14.26
N THR F 21 -14.55 2.77 15.31
CA THR F 21 -15.82 3.47 15.54
C THR F 21 -15.58 4.96 15.73
N GLU F 22 -14.51 5.32 16.44
CA GLU F 22 -14.15 6.73 16.58
C GLU F 22 -13.78 7.33 15.23
N LYS F 23 -13.12 6.54 14.37
CA LYS F 23 -12.84 7.04 13.02
C LYS F 23 -14.14 7.33 12.29
N ARG F 24 -15.13 6.46 12.43
CA ARG F 24 -16.43 6.71 11.80
C ARG F 24 -17.07 7.98 12.36
N ARG F 25 -16.98 8.19 13.67
CA ARG F 25 -17.54 9.40 14.25
C ARG F 25 -16.87 10.65 13.68
N LEU F 26 -15.53 10.64 13.62
CA LEU F 26 -14.82 11.80 13.09
C LEU F 26 -15.15 12.01 11.62
N ALA F 27 -15.27 10.91 10.85
CA ALA F 27 -15.62 11.03 9.45
C ALA F 27 -17.00 11.65 9.27
N LYS F 28 -17.95 11.26 10.12
CA LYS F 28 -19.28 11.87 10.07
C LYS F 28 -19.21 13.36 10.40
N ILE F 29 -18.48 13.71 11.47
CA ILE F 29 -18.33 15.12 11.84
C ILE F 29 -17.78 15.94 10.68
N ILE F 30 -16.64 15.53 10.14
CA ILE F 30 -16.01 16.30 9.07
C ILE F 30 -16.92 16.32 7.84
N ASN F 31 -17.56 15.19 7.51
CA ASN F 31 -18.36 15.10 6.30
C ASN F 31 -19.68 15.86 6.41
N ALA F 32 -20.11 16.20 7.63
CA ALA F 32 -21.29 17.04 7.77
C ALA F 32 -21.07 18.37 7.05
N ARG F 33 -19.87 18.94 7.17
CA ARG F 33 -19.57 20.21 6.53
C ARG F 33 -19.28 20.08 5.04
N VAL F 34 -18.77 18.94 4.58
CA VAL F 34 -18.39 18.85 3.18
C VAL F 34 -19.64 18.87 2.30
N SER F 35 -19.53 19.59 1.19
CA SER F 35 -20.51 19.65 0.12
C SER F 35 -19.72 19.75 -1.16
N ILE F 36 -20.39 19.70 -2.31
CA ILE F 36 -19.70 19.59 -3.59
C ILE F 36 -18.77 20.77 -3.87
N ILE F 37 -18.98 21.90 -3.16
CA ILE F 37 -18.09 23.05 -3.28
C ILE F 37 -16.71 22.74 -2.68
N ASP F 38 -16.69 22.11 -1.51
CA ASP F 38 -15.43 21.75 -0.84
C ASP F 38 -15.44 20.25 -0.52
N GLU F 39 -15.75 19.47 -1.54
CA GLU F 39 -15.71 18.02 -1.47
C GLU F 39 -14.28 17.49 -1.37
N TYR F 40 -13.29 18.29 -1.76
CA TYR F 40 -11.89 17.89 -1.71
C TYR F 40 -11.34 17.58 -0.32
N LEU F 41 -12.12 17.82 0.73
CA LEU F 41 -11.77 17.43 2.09
C LEU F 41 -12.76 16.43 2.61
N ARG F 42 -13.14 15.50 1.73
CA ARG F 42 -13.92 14.33 2.08
C ARG F 42 -13.19 13.55 3.15
N ALA F 43 -13.93 13.11 4.17
CA ALA F 43 -13.35 12.43 5.31
C ALA F 43 -13.35 10.93 5.00
N LYS F 44 -12.17 10.36 4.85
CA LYS F 44 -12.10 8.92 4.65
C LYS F 44 -12.10 8.21 6.00
N ASP F 45 -12.02 6.87 5.97
CA ASP F 45 -11.96 6.12 7.21
C ASP F 45 -10.54 5.65 7.53
N THR F 46 -9.62 5.61 6.55
CA THR F 46 -8.25 5.19 6.80
C THR F 46 -7.44 6.30 7.48
N ASN F 47 -6.38 5.89 8.19
CA ASN F 47 -5.45 6.82 8.83
C ASN F 47 -4.93 7.87 7.85
N ALA F 48 -4.63 7.45 6.62
CA ALA F 48 -3.97 8.32 5.64
C ALA F 48 -4.68 9.67 5.49
N SER F 49 -6.01 9.66 5.54
CA SER F 49 -6.79 10.88 5.42
C SER F 49 -7.20 11.48 6.76
N LEU F 50 -7.25 10.66 7.81
CA LEU F 50 -7.66 11.14 9.12
C LEU F 50 -6.49 11.56 10.02
N ASP F 51 -5.29 11.04 9.77
CA ASP F 51 -4.14 11.30 10.62
C ASP F 51 -3.26 12.35 9.96
N GLY F 52 -2.95 13.40 10.70
CA GLY F 52 -1.95 14.35 10.25
C GLY F 52 -2.41 15.07 9.00
N GLN F 53 -3.64 15.58 9.01
CA GLN F 53 -4.17 16.27 7.84
C GLN F 53 -4.77 17.61 8.25
N TYR F 54 -4.43 18.64 7.48
CA TYR F 54 -5.03 19.95 7.62
C TYR F 54 -6.23 20.06 6.68
N ARG F 55 -7.36 20.50 7.21
CA ARG F 55 -8.53 20.82 6.39
C ARG F 55 -9.03 22.19 6.80
N ALA F 56 -9.24 23.06 5.83
CA ALA F 56 -9.68 24.43 6.07
C ALA F 56 -11.13 24.54 5.61
N PHE F 57 -12.04 24.71 6.57
CA PHE F 57 -13.45 24.87 6.27
C PHE F 57 -13.82 26.35 6.28
N LEU F 58 -14.62 26.76 5.32
CA LEU F 58 -15.06 28.14 5.21
C LEU F 58 -16.36 28.34 5.98
N PHE F 59 -16.35 29.30 6.90
CA PHE F 59 -17.52 29.69 7.66
C PHE F 59 -17.77 31.17 7.43
N ASN F 60 -18.97 31.58 7.77
CA ASN F 60 -19.38 32.98 7.71
C ASN F 60 -19.58 33.40 9.15
N ASP F 61 -18.60 34.11 9.71
CA ASP F 61 -18.71 34.47 11.12
C ASP F 61 -19.64 35.67 11.29
N GLU F 62 -20.81 35.61 10.66
CA GLU F 62 -22.00 36.29 11.11
C GLU F 62 -23.16 35.31 11.12
N SER F 63 -22.83 34.04 11.42
CA SER F 63 -23.72 32.91 11.49
C SER F 63 -23.17 31.96 12.55
N PRO F 64 -24.03 31.43 13.43
CA PRO F 64 -23.55 30.66 14.60
C PRO F 64 -23.16 29.22 14.27
N ALA F 65 -22.91 28.92 13.00
CA ALA F 65 -22.64 27.54 12.62
C ALA F 65 -21.19 27.13 12.92
N MET F 66 -20.25 28.05 12.78
CA MET F 66 -18.85 27.74 13.09
C MET F 66 -18.68 27.22 14.52
N THR F 67 -19.32 27.89 15.49
CA THR F 67 -19.11 27.56 16.89
C THR F 67 -19.64 26.16 17.21
N GLU F 68 -20.82 25.82 16.70
CA GLU F 68 -21.37 24.49 16.93
C GLU F 68 -20.45 23.41 16.37
N PHE F 69 -19.93 23.62 15.16
CA PHE F 69 -19.04 22.64 14.54
C PHE F 69 -17.77 22.46 15.35
N LEU F 70 -17.13 23.57 15.74
CA LEU F 70 -15.91 23.46 16.54
C LEU F 70 -16.17 22.82 17.90
N ALA F 71 -17.35 23.08 18.49
CA ALA F 71 -17.68 22.43 19.76
C ALA F 71 -17.84 20.93 19.58
N LYS F 72 -18.48 20.50 18.49
CA LYS F 72 -18.59 19.06 18.22
C LYS F 72 -17.21 18.44 18.07
N LEU F 73 -16.32 19.12 17.33
CA LEU F 73 -14.96 18.63 17.15
C LEU F 73 -14.26 18.47 18.50
N LYS F 74 -14.34 19.50 19.35
CA LYS F 74 -13.71 19.43 20.67
C LYS F 74 -14.28 18.30 21.51
N ALA F 75 -15.60 18.09 21.46
CA ALA F 75 -16.21 17.01 22.21
C ALA F 75 -15.68 15.65 21.74
N PHE F 76 -15.60 15.44 20.42
CA PHE F 76 -15.03 14.19 19.92
C PHE F 76 -13.59 14.02 20.38
N ALA F 77 -12.79 15.09 20.30
CA ALA F 77 -11.40 15.01 20.72
C ALA F 77 -11.29 14.59 22.17
N GLU F 78 -12.11 15.20 23.04
CA GLU F 78 -12.14 14.80 24.44
C GLU F 78 -12.52 13.33 24.57
N SER F 79 -13.40 12.84 23.69
CA SER F 79 -13.85 11.46 23.78
C SER F 79 -12.74 10.46 23.40
N CYS F 80 -11.87 10.81 22.45
CA CYS F 80 -11.18 9.76 21.69
C CYS F 80 -9.81 9.36 22.24
N THR F 81 -9.22 10.10 23.18
CA THR F 81 -8.00 9.70 23.88
C THR F 81 -7.00 8.93 23.02
N GLY F 82 -6.45 9.57 21.99
CA GLY F 82 -5.69 8.86 20.99
C GLY F 82 -5.82 9.50 19.62
N ILE F 83 -6.75 10.44 19.52
CA ILE F 83 -6.84 11.36 18.40
C ILE F 83 -6.82 12.76 18.98
N SER F 84 -6.03 13.65 18.38
CA SER F 84 -5.92 15.03 18.84
C SER F 84 -6.27 15.98 17.70
N ILE F 85 -7.15 16.93 17.98
CA ILE F 85 -7.58 17.93 17.03
C ILE F 85 -7.03 19.28 17.45
N ASP F 86 -6.51 20.05 16.50
CA ASP F 86 -6.13 21.42 16.75
C ASP F 86 -6.94 22.32 15.83
N ALA F 87 -7.50 23.38 16.39
CA ALA F 87 -8.27 24.33 15.61
C ALA F 87 -7.60 25.69 15.64
N TRP F 88 -7.72 26.39 14.52
CA TRP F 88 -7.29 27.77 14.41
C TRP F 88 -8.41 28.59 13.79
N GLU F 89 -8.14 29.84 13.47
CA GLU F 89 -9.11 30.68 12.79
C GLU F 89 -8.36 31.76 12.05
N ILE F 90 -8.74 31.98 10.80
CA ILE F 90 -8.14 33.02 9.97
C ILE F 90 -9.23 33.73 9.19
N GLU F 91 -9.04 35.03 8.97
CA GLU F 91 -9.91 35.75 8.07
C GLU F 91 -9.63 35.31 6.65
N GLU F 92 -10.69 35.20 5.84
CA GLU F 92 -10.51 34.68 4.49
C GLU F 92 -9.66 35.61 3.63
N SER F 93 -9.64 36.90 3.96
CA SER F 93 -8.76 37.84 3.24
C SER F 93 -7.30 37.40 3.35
N GLU F 94 -6.84 37.15 4.57
CA GLU F 94 -5.44 36.79 4.75
C GLU F 94 -5.18 35.38 4.25
N TYR F 95 -6.15 34.48 4.43
CA TYR F 95 -6.00 33.12 3.92
C TYR F 95 -5.79 33.13 2.41
N VAL F 96 -6.66 33.82 1.68
CA VAL F 96 -6.54 33.83 0.22
C VAL F 96 -5.30 34.58 -0.21
N ARG F 97 -4.83 35.53 0.61
CA ARG F 97 -3.63 36.27 0.21
C ARG F 97 -2.35 35.45 0.38
N LEU F 98 -2.41 34.36 1.14
CA LEU F 98 -1.25 33.50 1.30
C LEU F 98 -0.90 32.83 -0.03
N PRO F 99 0.34 32.37 -0.18
CA PRO F 99 0.69 31.63 -1.40
C PRO F 99 0.23 30.17 -1.30
N VAL F 100 -0.48 29.71 -2.33
CA VAL F 100 -1.01 28.35 -2.29
C VAL F 100 0.13 27.37 -2.55
N GLU F 101 0.87 27.01 -1.50
CA GLU F 101 1.76 25.87 -1.58
C GLU F 101 1.55 24.97 -0.37
N ARG F 102 1.44 25.59 0.80
CA ARG F 102 1.17 24.91 2.07
C ARG F 102 0.23 25.77 2.90
N ARG F 103 -0.85 26.25 2.26
CA ARG F 103 -1.65 27.32 2.82
C ARG F 103 -2.18 26.97 4.21
N ASP F 104 -2.54 25.71 4.43
CA ASP F 104 -3.12 25.33 5.70
C ASP F 104 -2.12 25.56 6.84
N PHE F 105 -0.88 25.09 6.65
CA PHE F 105 0.19 25.37 7.62
C PHE F 105 0.36 26.85 7.87
N LEU F 106 0.53 27.64 6.79
CA LEU F 106 0.80 29.06 6.96
C LEU F 106 -0.36 29.77 7.66
N ALA F 107 -1.59 29.42 7.28
CA ALA F 107 -2.76 30.00 7.92
C ALA F 107 -2.84 29.60 9.39
N ALA F 108 -2.49 28.36 9.71
CA ALA F 108 -2.43 27.94 11.11
C ALA F 108 -1.43 28.80 11.88
N ALA F 109 -0.27 29.07 11.27
CA ALA F 109 0.73 29.92 11.90
C ALA F 109 0.22 31.34 12.09
N ASN F 110 -0.51 31.86 11.10
CA ASN F 110 -0.96 33.24 11.07
C ASN F 110 -2.30 33.45 11.76
N GLY F 111 -2.84 32.42 12.41
CA GLY F 111 -4.21 32.45 12.92
C GLY F 111 -4.25 32.34 14.43
N LYS F 112 -5.25 32.98 15.02
CA LYS F 112 -5.50 32.84 16.45
C LYS F 112 -5.86 31.40 16.77
N GLU F 113 -5.11 30.79 17.69
CA GLU F 113 -5.44 29.45 18.13
C GLU F 113 -6.81 29.46 18.81
N ILE F 114 -7.54 28.37 18.62
CA ILE F 114 -8.91 28.23 19.13
C ILE F 114 -8.99 27.18 20.22
N PHE F 115 -8.66 25.93 19.88
CA PHE F 115 -8.63 24.87 20.88
C PHE F 115 -7.56 23.87 20.48
N LYS F 116 -6.80 23.43 21.47
CA LYS F 116 -5.76 22.43 21.30
C LYS F 116 -6.13 21.22 22.16
N ILE F 117 -6.21 20.05 21.54
CA ILE F 117 -6.67 18.86 22.25
C ILE F 117 -6.10 17.59 21.61
#